data_7FE4
#
_entry.id   7FE4
#
_cell.length_a   123.505
_cell.length_b   194.201
_cell.length_c   112.006
_cell.angle_alpha   90.000
_cell.angle_beta   116.598
_cell.angle_gamma   90.000
#
_symmetry.space_group_name_H-M   'C 1 2 1'
#
loop_
_entity.id
_entity.type
_entity.pdbx_description
1 polymer 'Candidate alpha glycoside phosphorylase Glycoside hydrolase family 65'
2 non-polymer beta-D-glucopyranose
3 water water
#
_entity_poly.entity_id   1
_entity_poly.type   'polypeptide(L)'
_entity_poly.pdbx_seq_one_letter_code
;MGSSHHHHHHSSGLVPRGSHQDPWKLSADKPDSNNYYGETVANGMIGIISSPEPLKVKEVVLAGTYDIYKRGRVSSFIPN
YNLLNMKLAFNGESVQTYNINNYKQELDMRNGAFTGSFQFKDLATVTYSYYALRHLPHCIMMVVNINTQKDTEINVENLL
ETPSSLNNQQNYFQNITNTHVNIPLLTSVAFTPTGRSKIAVSNTFLFDEGKKLQPEILHRMNDADMHAMSFDKKIKAGKT
YSFALIGSLISSDHINDPYNEAERLTIYAALEGKSRLLNRHMQEWNSLWQSDIQVEGDPQAQQDIRSMLYHLYSFTRKST
SLSPSPMGLSGLGYNGHVFWDTEIWMFPPMLLLHPEIAKSMIEYRYQRLDAARKKAAIYGYDGAMFPWESADSGAEETPV
NALTGAFEHHVTGDVAIAAWQYYLVTGDKEWLKEKGWPILKATAEFWASRVEKNDKGEYEIKNVVAADEWAENIDNNAYT
NGTAIRNLQYASKCATVLGVIAPKEWTLIADKILISKMSNGVTREHDSYTDQNIKQADANLLAYPLKLITDKEQIERDLK
YYQTKIPQSDTPAMTQAIFSLLYSRLEDSDQAYHWFKDAYQPNLNPPFRVISECKGGTNPYFSTGAGGVLQAVIMGFGGL
DIDAAGGIKQVKSVLPKNWKKLTITGIGIEKKTFVLTH
;
_entity_poly.pdbx_strand_id   A,B,C
#
loop_
_chem_comp.id
_chem_comp.type
_chem_comp.name
_chem_comp.formula
BGC D-saccharide, beta linking beta-D-glucopyranose 'C6 H12 O6'
#
# COMPACT_ATOMS: atom_id res chain seq x y z
N HIS A 20 -47.74 -22.02 -6.64
CA HIS A 20 -46.43 -21.35 -6.86
C HIS A 20 -46.44 -19.92 -6.28
N GLN A 21 -47.22 -19.69 -5.21
CA GLN A 21 -47.42 -18.37 -4.53
C GLN A 21 -47.07 -18.50 -3.05
N ASP A 22 -46.16 -19.42 -2.73
CA ASP A 22 -45.53 -19.54 -1.38
C ASP A 22 -44.81 -18.21 -1.10
N PRO A 23 -45.08 -17.55 0.04
CA PRO A 23 -44.46 -16.23 0.28
C PRO A 23 -42.97 -16.28 0.61
N TRP A 24 -42.43 -17.48 0.84
CA TRP A 24 -41.01 -17.69 1.23
C TRP A 24 -40.23 -18.57 0.24
N LYS A 25 -40.89 -19.27 -0.69
CA LYS A 25 -40.23 -20.30 -1.53
C LYS A 25 -40.60 -20.10 -3.00
N LEU A 26 -39.60 -20.25 -3.87
CA LEU A 26 -39.75 -20.30 -5.33
C LEU A 26 -39.52 -21.76 -5.74
N SER A 27 -40.50 -22.40 -6.36
N SER A 27 -40.47 -22.34 -6.46
CA SER A 27 -40.40 -23.83 -6.75
CA SER A 27 -40.50 -23.80 -6.78
C SER A 27 -40.52 -23.98 -8.27
C SER A 27 -40.52 -23.97 -8.30
N ALA A 28 -39.84 -25.00 -8.80
CA ALA A 28 -39.82 -25.36 -10.23
C ALA A 28 -40.01 -26.87 -10.31
N ASP A 29 -41.12 -27.30 -10.90
CA ASP A 29 -41.38 -28.72 -11.23
C ASP A 29 -40.73 -29.04 -12.57
N LYS A 30 -39.96 -30.13 -12.62
CA LYS A 30 -39.33 -30.65 -13.86
C LYS A 30 -38.67 -29.51 -14.64
N PRO A 31 -37.54 -28.97 -14.14
CA PRO A 31 -36.80 -27.93 -14.86
C PRO A 31 -36.61 -28.24 -16.35
N ASP A 32 -36.94 -27.27 -17.22
CA ASP A 32 -36.85 -27.40 -18.70
C ASP A 32 -35.59 -26.66 -19.17
N SER A 33 -34.52 -27.38 -19.51
CA SER A 33 -33.22 -26.79 -19.93
C SER A 33 -33.39 -25.92 -21.18
N ASN A 34 -34.46 -26.08 -21.97
CA ASN A 34 -34.70 -25.24 -23.18
C ASN A 34 -35.31 -23.89 -22.82
N ASN A 35 -35.77 -23.69 -21.58
CA ASN A 35 -36.33 -22.39 -21.11
C ASN A 35 -36.11 -22.24 -19.60
N TYR A 36 -34.87 -22.11 -19.17
CA TYR A 36 -34.51 -22.15 -17.73
C TYR A 36 -33.48 -21.06 -17.43
N TYR A 37 -33.81 -20.19 -16.48
CA TYR A 37 -32.90 -19.15 -15.93
C TYR A 37 -32.72 -19.46 -14.45
N GLY A 38 -31.52 -19.91 -14.08
CA GLY A 38 -31.21 -20.36 -12.73
C GLY A 38 -31.34 -19.25 -11.71
N GLU A 39 -31.57 -19.67 -10.47
CA GLU A 39 -31.60 -18.75 -9.30
C GLU A 39 -30.26 -18.79 -8.59
N THR A 40 -30.01 -17.79 -7.78
CA THR A 40 -28.70 -17.60 -7.12
C THR A 40 -28.85 -17.80 -5.62
N VAL A 41 -27.91 -18.50 -4.98
CA VAL A 41 -27.66 -18.40 -3.52
C VAL A 41 -26.32 -17.68 -3.35
N ALA A 42 -26.27 -16.75 -2.41
CA ALA A 42 -25.06 -15.93 -2.25
C ALA A 42 -25.00 -15.35 -0.84
N ASN A 43 -23.77 -15.03 -0.43
CA ASN A 43 -23.52 -14.49 0.93
C ASN A 43 -22.79 -13.15 0.77
N GLY A 44 -22.88 -12.50 -0.38
CA GLY A 44 -22.17 -11.24 -0.61
C GLY A 44 -20.75 -11.42 -1.09
N MET A 45 -20.26 -12.66 -1.06
CA MET A 45 -18.88 -12.97 -1.47
C MET A 45 -18.88 -14.00 -2.59
N ILE A 46 -19.59 -15.09 -2.42
CA ILE A 46 -19.73 -16.12 -3.47
C ILE A 46 -21.20 -16.16 -3.89
N GLY A 47 -21.41 -16.19 -5.21
CA GLY A 47 -22.72 -16.50 -5.80
C GLY A 47 -22.65 -17.82 -6.51
N ILE A 48 -23.68 -18.64 -6.34
CA ILE A 48 -23.83 -19.94 -7.03
C ILE A 48 -25.16 -19.90 -7.77
N ILE A 49 -25.10 -20.06 -9.09
CA ILE A 49 -26.30 -19.97 -9.97
C ILE A 49 -26.69 -21.38 -10.39
N SER A 50 -27.97 -21.70 -10.28
CA SER A 50 -28.44 -23.09 -10.41
C SER A 50 -28.43 -23.56 -11.88
N SER A 51 -28.29 -24.87 -12.00
CA SER A 51 -28.39 -25.63 -13.26
C SER A 51 -29.72 -26.36 -13.28
N PRO A 52 -30.33 -26.57 -14.47
CA PRO A 52 -31.49 -27.45 -14.56
C PRO A 52 -31.11 -28.93 -14.33
N GLU A 53 -29.83 -29.25 -14.43
CA GLU A 53 -29.31 -30.64 -14.27
C GLU A 53 -29.18 -30.94 -12.79
N PRO A 54 -29.57 -32.15 -12.36
CA PRO A 54 -29.47 -32.50 -10.95
C PRO A 54 -28.00 -32.54 -10.51
N LEU A 55 -27.73 -32.05 -9.29
CA LEU A 55 -26.44 -32.16 -8.57
C LEU A 55 -25.34 -31.41 -9.31
N LYS A 56 -25.73 -30.40 -10.11
CA LYS A 56 -24.76 -29.52 -10.80
C LYS A 56 -25.11 -28.07 -10.50
N VAL A 57 -24.14 -27.19 -10.70
CA VAL A 57 -24.38 -25.72 -10.67
C VAL A 57 -23.90 -25.16 -12.01
N LYS A 58 -24.55 -24.10 -12.48
CA LYS A 58 -24.28 -23.54 -13.83
C LYS A 58 -23.03 -22.66 -13.76
N GLU A 59 -22.96 -21.77 -12.77
CA GLU A 59 -21.89 -20.75 -12.70
C GLU A 59 -21.66 -20.40 -11.24
N VAL A 60 -20.41 -20.05 -10.94
CA VAL A 60 -19.96 -19.59 -9.60
C VAL A 60 -19.18 -18.31 -9.82
N VAL A 61 -19.50 -17.30 -9.01
CA VAL A 61 -18.90 -15.94 -9.13
C VAL A 61 -18.34 -15.55 -7.76
N LEU A 62 -17.10 -15.13 -7.75
CA LEU A 62 -16.42 -14.64 -6.53
C LEU A 62 -16.30 -13.12 -6.63
N ALA A 63 -16.85 -12.41 -5.64
CA ALA A 63 -16.74 -10.95 -5.55
C ALA A 63 -15.28 -10.55 -5.39
N GLY A 64 -14.95 -9.37 -5.87
CA GLY A 64 -13.65 -8.77 -5.58
C GLY A 64 -12.54 -9.29 -6.45
N THR A 65 -12.80 -10.21 -7.35
CA THR A 65 -11.79 -10.85 -8.21
C THR A 65 -12.03 -10.42 -9.66
N TYR A 66 -11.18 -9.56 -10.19
CA TYR A 66 -11.36 -9.00 -11.54
C TYR A 66 -10.08 -9.25 -12.34
N ASP A 67 -10.26 -9.47 -13.64
CA ASP A 67 -9.14 -9.52 -14.59
C ASP A 67 -9.69 -9.20 -15.96
N ILE A 68 -8.78 -8.92 -16.88
CA ILE A 68 -9.17 -8.73 -18.30
C ILE A 68 -9.70 -10.05 -18.83
N TYR A 69 -10.91 -10.02 -19.38
CA TYR A 69 -11.66 -11.23 -19.78
C TYR A 69 -12.88 -10.78 -20.61
N LYS A 70 -12.98 -11.31 -21.78
CA LYS A 70 -14.10 -11.12 -22.73
C LYS A 70 -14.56 -9.67 -22.78
N ARG A 71 -15.82 -9.41 -22.44
CA ARG A 71 -16.53 -8.15 -22.76
C ARG A 71 -15.73 -6.91 -22.37
N GLY A 72 -15.58 -6.00 -23.31
CA GLY A 72 -15.26 -4.61 -22.96
C GLY A 72 -13.77 -4.33 -22.95
N ARG A 73 -12.90 -5.35 -22.92
CA ARG A 73 -11.43 -5.15 -22.92
C ARG A 73 -10.97 -4.54 -21.61
N VAL A 74 -11.79 -4.63 -20.57
CA VAL A 74 -11.56 -4.06 -19.24
C VAL A 74 -11.73 -5.16 -18.19
N SER A 75 -11.42 -4.85 -16.95
CA SER A 75 -11.54 -5.80 -15.83
C SER A 75 -12.93 -6.43 -15.83
N SER A 76 -13.01 -7.65 -15.34
CA SER A 76 -14.30 -8.38 -15.26
C SER A 76 -14.27 -9.40 -14.14
N PHE A 77 -15.42 -9.68 -13.57
CA PHE A 77 -15.67 -10.96 -12.89
C PHE A 77 -15.34 -12.08 -13.88
N ILE A 78 -14.97 -13.21 -13.30
CA ILE A 78 -14.45 -14.39 -14.00
C ILE A 78 -15.37 -15.55 -13.63
N PRO A 79 -15.88 -16.38 -14.55
CA PRO A 79 -16.55 -17.61 -14.12
C PRO A 79 -15.56 -18.46 -13.33
N ASN A 80 -16.01 -19.00 -12.21
CA ASN A 80 -15.10 -19.71 -11.28
C ASN A 80 -15.41 -21.21 -11.23
N TYR A 81 -14.73 -21.92 -10.35
CA TYR A 81 -14.95 -23.38 -10.23
C TYR A 81 -16.40 -23.67 -9.87
N ASN A 82 -17.04 -24.56 -10.63
CA ASN A 82 -18.39 -25.11 -10.33
C ASN A 82 -18.17 -26.18 -9.25
N LEU A 83 -17.89 -25.74 -8.03
CA LEU A 83 -17.20 -26.60 -7.04
C LEU A 83 -18.13 -27.67 -6.46
N LEU A 84 -19.43 -27.51 -6.64
CA LEU A 84 -20.43 -28.46 -6.09
C LEU A 84 -20.74 -29.60 -7.07
N ASN A 85 -20.19 -29.58 -8.27
CA ASN A 85 -20.61 -30.55 -9.31
C ASN A 85 -20.36 -31.98 -8.83
N MET A 86 -21.40 -32.79 -8.90
CA MET A 86 -21.36 -34.16 -8.34
C MET A 86 -22.02 -35.10 -9.34
N LYS A 87 -21.49 -36.31 -9.42
CA LYS A 87 -22.11 -37.40 -10.19
C LYS A 87 -22.53 -38.45 -9.16
N LEU A 88 -23.77 -38.91 -9.28
CA LEU A 88 -24.33 -39.95 -8.38
C LEU A 88 -24.74 -41.14 -9.24
N ALA A 89 -24.36 -42.35 -8.84
CA ALA A 89 -24.72 -43.60 -9.55
C ALA A 89 -25.27 -44.59 -8.54
N PHE A 90 -26.27 -45.37 -8.98
CA PHE A 90 -26.85 -46.49 -8.21
C PHE A 90 -26.48 -47.78 -8.92
N ASN A 91 -25.68 -48.63 -8.25
CA ASN A 91 -25.17 -49.91 -8.80
C ASN A 91 -24.53 -49.68 -10.18
N GLY A 92 -23.79 -48.59 -10.35
CA GLY A 92 -23.07 -48.30 -11.61
C GLY A 92 -23.90 -47.47 -12.59
N GLU A 93 -25.20 -47.26 -12.37
CA GLU A 93 -26.05 -46.48 -13.30
C GLU A 93 -26.08 -45.02 -12.83
N SER A 94 -25.51 -44.10 -13.61
CA SER A 94 -25.46 -42.65 -13.29
C SER A 94 -26.86 -42.06 -13.39
N VAL A 95 -27.17 -41.16 -12.46
CA VAL A 95 -28.40 -40.35 -12.44
C VAL A 95 -28.40 -39.48 -13.71
N GLN A 96 -29.47 -39.57 -14.49
CA GLN A 96 -29.68 -38.80 -15.74
C GLN A 96 -31.09 -38.20 -15.69
N THR A 97 -31.30 -37.06 -16.35
CA THR A 97 -32.61 -36.36 -16.43
C THR A 97 -33.64 -37.32 -17.05
N TYR A 98 -33.18 -38.30 -17.83
CA TYR A 98 -34.04 -39.28 -18.55
C TYR A 98 -34.40 -40.48 -17.67
N ASN A 99 -33.75 -40.70 -16.51
CA ASN A 99 -34.01 -41.88 -15.64
C ASN A 99 -34.42 -41.47 -14.22
N ILE A 100 -34.80 -40.22 -14.04
CA ILE A 100 -35.36 -39.75 -12.73
C ILE A 100 -36.80 -39.32 -12.99
N ASN A 101 -37.58 -39.19 -11.93
CA ASN A 101 -38.95 -38.65 -12.01
C ASN A 101 -39.24 -37.86 -10.72
N ASN A 102 -40.35 -37.13 -10.70
CA ASN A 102 -40.73 -36.24 -9.58
C ASN A 102 -39.58 -35.26 -9.30
N TYR A 103 -38.86 -34.83 -10.33
CA TYR A 103 -37.72 -33.89 -10.18
C TYR A 103 -38.27 -32.50 -9.93
N LYS A 104 -37.82 -31.87 -8.84
CA LYS A 104 -38.26 -30.53 -8.41
C LYS A 104 -37.06 -29.75 -7.90
N GLN A 105 -37.10 -28.43 -8.07
CA GLN A 105 -36.11 -27.51 -7.47
C GLN A 105 -36.86 -26.46 -6.66
N GLU A 106 -36.27 -26.04 -5.55
CA GLU A 106 -36.88 -25.03 -4.66
C GLU A 106 -35.81 -24.11 -4.10
N LEU A 107 -36.06 -22.80 -4.17
CA LEU A 107 -35.26 -21.80 -3.42
C LEU A 107 -36.05 -21.39 -2.18
N ASP A 108 -35.50 -21.65 -0.99
CA ASP A 108 -36.04 -21.18 0.30
C ASP A 108 -35.40 -19.82 0.58
N MET A 109 -36.14 -18.75 0.38
CA MET A 109 -35.65 -17.36 0.54
C MET A 109 -35.41 -17.04 2.03
N ARG A 110 -36.03 -17.78 2.96
CA ARG A 110 -35.76 -17.56 4.41
C ARG A 110 -34.30 -17.84 4.78
N ASN A 111 -33.62 -18.78 4.10
CA ASN A 111 -32.21 -19.13 4.46
C ASN A 111 -31.33 -19.33 3.22
N GLY A 112 -31.78 -18.90 2.05
CA GLY A 112 -30.96 -19.04 0.84
C GLY A 112 -30.52 -20.48 0.63
N ALA A 113 -31.40 -21.44 0.90
CA ALA A 113 -31.14 -22.85 0.60
C ALA A 113 -31.73 -23.17 -0.78
N PHE A 114 -30.91 -23.70 -1.69
CA PHE A 114 -31.39 -24.21 -2.99
C PHE A 114 -31.48 -25.72 -2.85
N THR A 115 -32.66 -26.29 -3.12
CA THR A 115 -32.87 -27.74 -2.91
C THR A 115 -33.38 -28.38 -4.20
N GLY A 116 -32.74 -29.47 -4.60
CA GLY A 116 -33.23 -30.37 -5.66
C GLY A 116 -33.67 -31.67 -5.03
N SER A 117 -34.67 -32.31 -5.62
CA SER A 117 -35.22 -33.55 -5.08
C SER A 117 -35.77 -34.36 -6.25
N PHE A 118 -35.55 -35.66 -6.24
CA PHE A 118 -36.01 -36.55 -7.32
C PHE A 118 -36.02 -37.98 -6.81
N GLN A 119 -36.71 -38.82 -7.57
CA GLN A 119 -36.71 -40.28 -7.35
C GLN A 119 -35.91 -40.91 -8.49
N PHE A 120 -34.96 -41.76 -8.15
CA PHE A 120 -34.21 -42.58 -9.13
C PHE A 120 -35.01 -43.87 -9.36
N LYS A 121 -35.56 -44.02 -10.57
CA LYS A 121 -36.40 -45.20 -10.94
C LYS A 121 -37.33 -45.52 -9.78
N ASP A 122 -37.29 -46.77 -9.28
CA ASP A 122 -38.09 -47.33 -8.15
C ASP A 122 -37.23 -47.53 -6.90
N LEU A 123 -35.97 -47.08 -6.92
CA LEU A 123 -34.90 -47.50 -5.97
C LEU A 123 -34.91 -46.56 -4.77
N ALA A 124 -34.73 -45.25 -5.00
CA ALA A 124 -34.37 -44.29 -3.94
C ALA A 124 -34.92 -42.89 -4.25
N THR A 125 -35.13 -42.11 -3.19
CA THR A 125 -35.38 -40.65 -3.30
C THR A 125 -34.07 -39.94 -2.92
N VAL A 126 -33.78 -38.87 -3.63
CA VAL A 126 -32.55 -38.07 -3.38
C VAL A 126 -33.01 -36.63 -3.12
N THR A 127 -32.48 -35.99 -2.07
CA THR A 127 -32.59 -34.53 -1.87
C THR A 127 -31.18 -33.97 -1.71
N TYR A 128 -30.97 -32.78 -2.23
CA TYR A 128 -29.69 -32.05 -2.06
C TYR A 128 -30.01 -30.58 -1.85
N SER A 129 -29.43 -30.04 -0.79
CA SER A 129 -29.60 -28.60 -0.44
C SER A 129 -28.23 -27.98 -0.38
N TYR A 130 -28.04 -26.84 -1.04
CA TYR A 130 -26.76 -26.12 -0.92
C TYR A 130 -26.96 -24.67 -0.50
N TYR A 131 -25.87 -24.14 0.03
CA TYR A 131 -25.82 -22.87 0.79
C TYR A 131 -24.51 -22.16 0.48
N ALA A 132 -24.59 -20.85 0.32
CA ALA A 132 -23.42 -19.95 0.40
C ALA A 132 -23.39 -19.47 1.86
N LEU A 133 -22.56 -20.09 2.69
CA LEU A 133 -22.70 -19.94 4.16
C LEU A 133 -22.67 -18.47 4.56
N ARG A 134 -23.68 -18.05 5.30
CA ARG A 134 -23.93 -16.60 5.48
C ARG A 134 -22.83 -16.02 6.36
N HIS A 135 -22.29 -16.79 7.30
CA HIS A 135 -21.29 -16.26 8.25
C HIS A 135 -19.87 -16.45 7.75
N LEU A 136 -19.64 -17.34 6.77
CA LEU A 136 -18.27 -17.66 6.29
C LEU A 136 -18.22 -17.26 4.84
N PRO A 137 -17.67 -16.08 4.53
CA PRO A 137 -17.80 -15.52 3.18
C PRO A 137 -17.29 -16.47 2.10
N HIS A 138 -16.25 -17.24 2.39
CA HIS A 138 -15.59 -18.08 1.37
C HIS A 138 -15.98 -19.55 1.45
N CYS A 139 -17.03 -19.92 2.16
CA CYS A 139 -17.39 -21.34 2.36
C CYS A 139 -18.79 -21.64 1.86
N ILE A 140 -18.89 -22.78 1.19
CA ILE A 140 -20.13 -23.35 0.61
C ILE A 140 -20.34 -24.74 1.21
N MET A 141 -21.61 -25.15 1.34
CA MET A 141 -21.89 -26.53 1.77
C MET A 141 -23.08 -27.06 0.97
N MET A 142 -23.01 -28.35 0.60
CA MET A 142 -24.17 -29.07 0.06
C MET A 142 -24.38 -30.31 0.92
N VAL A 143 -25.62 -30.53 1.33
CA VAL A 143 -26.01 -31.72 2.12
C VAL A 143 -26.84 -32.62 1.21
N VAL A 144 -26.49 -33.90 1.13
CA VAL A 144 -27.15 -34.88 0.23
C VAL A 144 -27.76 -35.95 1.13
N ASN A 145 -29.04 -36.26 0.90
CA ASN A 145 -29.79 -37.32 1.61
C ASN A 145 -30.32 -38.32 0.58
N ILE A 146 -30.06 -39.60 0.81
CA ILE A 146 -30.52 -40.69 -0.10
C ILE A 146 -31.32 -41.71 0.72
N ASN A 147 -32.59 -41.88 0.36
CA ASN A 147 -33.54 -42.83 0.97
C ASN A 147 -33.82 -43.94 -0.04
N THR A 148 -33.43 -45.17 0.27
CA THR A 148 -33.51 -46.33 -0.64
C THR A 148 -34.70 -47.22 -0.23
N GLN A 149 -35.53 -47.60 -1.20
CA GLN A 149 -36.72 -48.48 -1.00
C GLN A 149 -36.23 -49.94 -1.13
N LYS A 150 -35.03 -50.16 -1.71
CA LYS A 150 -34.35 -51.47 -1.86
C LYS A 150 -32.85 -51.33 -1.49
N ASP A 151 -32.17 -52.43 -1.12
CA ASP A 151 -30.70 -52.48 -0.90
C ASP A 151 -29.98 -51.96 -2.15
N THR A 152 -29.04 -51.00 -2.03
CA THR A 152 -28.35 -50.42 -3.19
C THR A 152 -26.91 -50.02 -2.82
N GLU A 153 -26.08 -49.77 -3.82
CA GLU A 153 -24.72 -49.22 -3.60
C GLU A 153 -24.64 -47.92 -4.40
N ILE A 154 -24.30 -46.82 -3.76
CA ILE A 154 -24.11 -45.51 -4.45
C ILE A 154 -22.62 -45.32 -4.75
N ASN A 155 -22.33 -44.71 -5.91
CA ASN A 155 -20.97 -44.17 -6.17
C ASN A 155 -21.19 -42.66 -6.28
N VAL A 156 -20.38 -41.92 -5.56
CA VAL A 156 -20.47 -40.44 -5.51
C VAL A 156 -19.14 -39.91 -5.98
N GLU A 157 -19.20 -38.97 -6.92
CA GLU A 157 -17.99 -38.27 -7.41
C GLU A 157 -18.21 -36.76 -7.29
N ASN A 158 -17.24 -36.06 -6.71
CA ASN A 158 -17.17 -34.58 -6.74
C ASN A 158 -16.08 -34.20 -7.74
N LEU A 159 -16.45 -33.42 -8.76
CA LEU A 159 -15.53 -33.00 -9.85
C LEU A 159 -15.09 -31.57 -9.62
N LEU A 160 -13.78 -31.32 -9.71
CA LEU A 160 -13.25 -29.94 -9.81
C LEU A 160 -12.69 -29.74 -11.21
N GLU A 161 -13.54 -29.19 -12.07
CA GLU A 161 -13.19 -28.84 -13.46
C GLU A 161 -12.72 -27.40 -13.46
N THR A 162 -11.50 -27.17 -13.94
CA THR A 162 -10.99 -25.80 -14.13
C THR A 162 -11.75 -25.16 -15.28
N PRO A 163 -12.46 -24.05 -15.04
CA PRO A 163 -13.18 -23.41 -16.13
C PRO A 163 -12.20 -22.80 -17.14
N SER A 164 -12.67 -22.64 -18.37
CA SER A 164 -11.84 -22.13 -19.49
C SER A 164 -11.40 -20.69 -19.24
N SER A 165 -12.00 -19.99 -18.28
CA SER A 165 -11.61 -18.63 -17.85
C SER A 165 -10.29 -18.63 -17.09
N LEU A 166 -9.85 -19.79 -16.58
CA LEU A 166 -8.65 -19.88 -15.72
C LEU A 166 -7.57 -20.67 -16.41
N ASN A 167 -6.33 -20.51 -15.97
CA ASN A 167 -5.16 -21.11 -16.65
C ASN A 167 -4.13 -21.61 -15.62
N ASN A 168 -3.23 -22.44 -16.08
CA ASN A 168 -2.05 -22.86 -15.30
C ASN A 168 -2.52 -23.55 -14.03
N GLN A 169 -3.61 -24.31 -14.11
CA GLN A 169 -4.17 -25.00 -12.95
C GLN A 169 -3.21 -26.09 -12.45
N GLN A 170 -3.38 -26.37 -11.17
CA GLN A 170 -2.78 -27.53 -10.51
C GLN A 170 -3.87 -28.23 -9.71
N ASN A 171 -3.85 -29.54 -9.75
CA ASN A 171 -4.88 -30.42 -9.13
C ASN A 171 -4.23 -31.28 -8.06
N TYR A 172 -4.60 -31.05 -6.81
CA TYR A 172 -4.02 -31.72 -5.63
C TYR A 172 -5.07 -32.53 -4.88
N PHE A 173 -4.59 -33.46 -4.10
CA PHE A 173 -5.43 -34.26 -3.19
C PHE A 173 -4.57 -34.71 -2.02
N GLN A 174 -5.08 -34.66 -0.78
CA GLN A 174 -4.34 -35.17 0.39
C GLN A 174 -5.34 -35.51 1.49
N ASN A 175 -4.81 -36.22 2.47
CA ASN A 175 -5.54 -36.59 3.70
C ASN A 175 -4.97 -35.76 4.85
N ILE A 176 -5.83 -35.05 5.55
CA ILE A 176 -5.48 -34.39 6.85
C ILE A 176 -5.96 -35.31 7.97
N THR A 177 -5.06 -35.79 8.80
CA THR A 177 -5.44 -36.83 9.79
C THR A 177 -4.99 -36.44 11.19
N ASN A 178 -5.73 -36.98 12.15
CA ASN A 178 -5.32 -37.10 13.56
C ASN A 178 -6.00 -38.38 14.04
N THR A 179 -5.94 -38.67 15.33
CA THR A 179 -6.52 -39.93 15.84
C THR A 179 -8.05 -39.95 15.61
N HIS A 180 -8.70 -38.80 15.46
CA HIS A 180 -10.18 -38.70 15.38
C HIS A 180 -10.68 -38.54 13.94
N VAL A 181 -9.88 -37.96 13.03
CA VAL A 181 -10.42 -37.57 11.70
C VAL A 181 -9.47 -37.98 10.57
N ASN A 182 -10.09 -38.17 9.42
CA ASN A 182 -9.42 -38.22 8.10
C ASN A 182 -10.24 -37.28 7.22
N ILE A 183 -9.68 -36.10 6.95
CA ILE A 183 -10.31 -35.06 6.12
C ILE A 183 -9.63 -35.14 4.76
N PRO A 184 -10.28 -35.74 3.74
CA PRO A 184 -9.69 -35.76 2.41
C PRO A 184 -9.99 -34.46 1.66
N LEU A 185 -8.93 -33.77 1.23
CA LEU A 185 -9.04 -32.47 0.57
C LEU A 185 -8.78 -32.64 -0.93
N LEU A 186 -9.76 -32.20 -1.71
CA LEU A 186 -9.65 -32.07 -3.18
C LEU A 186 -9.43 -30.60 -3.51
N THR A 187 -8.25 -30.21 -3.96
CA THR A 187 -7.84 -28.80 -4.08
C THR A 187 -7.41 -28.51 -5.51
N SER A 188 -7.80 -27.36 -6.02
CA SER A 188 -7.26 -26.83 -7.29
C SER A 188 -6.78 -25.43 -7.04
N VAL A 189 -5.72 -25.05 -7.73
CA VAL A 189 -5.18 -23.67 -7.73
C VAL A 189 -5.02 -23.27 -9.18
N ALA A 190 -5.46 -22.09 -9.57
CA ALA A 190 -5.35 -21.65 -10.97
C ALA A 190 -5.29 -20.14 -11.00
N PHE A 191 -5.12 -19.59 -12.18
CA PHE A 191 -4.90 -18.14 -12.37
C PHE A 191 -5.96 -17.56 -13.31
N THR A 192 -6.33 -16.32 -13.08
CA THR A 192 -7.12 -15.50 -14.02
C THR A 192 -6.33 -15.23 -15.29
N PRO A 193 -6.98 -14.79 -16.38
CA PRO A 193 -6.34 -14.76 -17.70
C PRO A 193 -4.95 -14.11 -17.77
N THR A 194 -4.73 -12.96 -17.15
CA THR A 194 -3.44 -12.23 -17.27
C THR A 194 -2.50 -12.66 -16.13
N GLY A 195 -2.94 -13.54 -15.24
CA GLY A 195 -2.16 -13.94 -14.06
C GLY A 195 -2.37 -12.99 -12.89
N ARG A 196 -3.28 -12.06 -12.98
CA ARG A 196 -3.53 -10.97 -11.97
C ARG A 196 -3.92 -11.59 -10.63
N SER A 197 -4.65 -12.69 -10.65
N SER A 197 -4.75 -12.63 -10.64
CA SER A 197 -5.24 -13.28 -9.42
CA SER A 197 -5.24 -13.26 -9.39
C SER A 197 -5.07 -14.79 -9.41
C SER A 197 -4.98 -14.76 -9.43
N LYS A 198 -4.64 -15.30 -8.26
CA LYS A 198 -4.53 -16.75 -8.00
C LYS A 198 -5.78 -17.15 -7.23
N ILE A 199 -6.46 -18.14 -7.74
CA ILE A 199 -7.70 -18.71 -7.15
C ILE A 199 -7.35 -20.06 -6.58
N ALA A 200 -7.85 -20.34 -5.40
CA ALA A 200 -7.77 -21.66 -4.75
C ALA A 200 -9.15 -22.11 -4.34
N VAL A 201 -9.42 -23.38 -4.56
CA VAL A 201 -10.68 -24.05 -4.15
C VAL A 201 -10.29 -25.33 -3.43
N SER A 202 -10.95 -25.65 -2.32
CA SER A 202 -10.64 -26.90 -1.58
C SER A 202 -11.93 -27.48 -1.05
N ASN A 203 -12.19 -28.73 -1.39
CA ASN A 203 -13.45 -29.44 -1.06
C ASN A 203 -13.14 -30.65 -0.17
N THR A 204 -14.10 -31.02 0.67
CA THR A 204 -14.04 -32.26 1.47
C THR A 204 -15.43 -32.85 1.57
N PHE A 205 -15.48 -34.16 1.79
CA PHE A 205 -16.73 -34.85 2.17
C PHE A 205 -16.78 -34.98 3.69
N LEU A 206 -17.92 -34.64 4.29
CA LEU A 206 -18.13 -34.79 5.74
C LEU A 206 -19.16 -35.89 5.94
N PHE A 207 -18.77 -36.91 6.70
CA PHE A 207 -19.57 -38.12 6.97
C PHE A 207 -20.02 -38.13 8.42
N ASP A 208 -21.19 -38.69 8.66
CA ASP A 208 -21.76 -38.86 10.02
C ASP A 208 -21.03 -39.99 10.76
N GLU A 209 -20.64 -41.06 10.06
CA GLU A 209 -20.34 -42.39 10.68
C GLU A 209 -18.95 -42.46 11.38
N GLY A 210 -18.05 -41.49 11.22
CA GLY A 210 -16.76 -41.52 11.94
C GLY A 210 -15.62 -42.09 11.10
N LYS A 211 -14.38 -41.83 11.53
CA LYS A 211 -13.14 -42.08 10.75
C LYS A 211 -13.04 -43.57 10.39
N LYS A 212 -13.38 -44.47 11.31
CA LYS A 212 -13.15 -45.90 11.07
C LYS A 212 -14.14 -46.41 10.01
N LEU A 213 -15.38 -45.90 10.01
CA LEU A 213 -16.50 -46.44 9.21
C LEU A 213 -16.69 -45.64 7.91
N GLN A 214 -16.10 -44.44 7.80
CA GLN A 214 -16.34 -43.61 6.59
C GLN A 214 -15.78 -44.31 5.36
N PRO A 215 -16.37 -44.06 4.18
CA PRO A 215 -15.89 -44.66 2.94
C PRO A 215 -14.48 -44.17 2.58
N GLU A 216 -13.70 -45.07 1.98
CA GLU A 216 -12.39 -44.70 1.38
C GLU A 216 -12.63 -43.75 0.21
N ILE A 217 -11.83 -42.70 0.16
CA ILE A 217 -11.95 -41.66 -0.91
C ILE A 217 -10.83 -41.89 -1.91
N LEU A 218 -11.21 -42.12 -3.17
CA LEU A 218 -10.26 -42.26 -4.30
C LEU A 218 -10.12 -40.92 -5.02
N HIS A 219 -8.97 -40.73 -5.64
CA HIS A 219 -8.67 -39.48 -6.39
C HIS A 219 -8.28 -39.85 -7.81
N ARG A 220 -8.93 -39.23 -8.79
CA ARG A 220 -8.60 -39.43 -10.22
C ARG A 220 -8.18 -38.09 -10.81
N MET A 221 -7.16 -38.13 -11.65
CA MET A 221 -6.60 -36.94 -12.36
C MET A 221 -6.51 -37.30 -13.84
N ASN A 222 -7.63 -37.52 -14.50
CA ASN A 222 -7.53 -38.14 -15.84
C ASN A 222 -7.45 -37.09 -16.95
N ASP A 223 -7.82 -35.84 -16.65
CA ASP A 223 -7.84 -34.78 -17.68
C ASP A 223 -6.91 -33.67 -17.26
N ALA A 224 -6.55 -32.80 -18.20
CA ALA A 224 -5.70 -31.64 -17.86
C ALA A 224 -6.46 -30.64 -17.00
N ASP A 225 -7.77 -30.56 -17.19
CA ASP A 225 -8.60 -29.52 -16.56
C ASP A 225 -9.63 -30.15 -15.63
N MET A 226 -9.45 -31.37 -15.19
CA MET A 226 -10.45 -31.91 -14.24
C MET A 226 -9.80 -33.02 -13.42
N HIS A 227 -10.08 -32.99 -12.12
CA HIS A 227 -9.81 -34.12 -11.20
C HIS A 227 -11.03 -34.28 -10.30
N ALA A 228 -11.09 -35.41 -9.63
CA ALA A 228 -12.31 -35.76 -8.90
C ALA A 228 -11.94 -36.63 -7.70
N MET A 229 -12.79 -36.58 -6.69
CA MET A 229 -12.69 -37.55 -5.58
C MET A 229 -14.01 -38.32 -5.53
N SER A 230 -13.93 -39.55 -5.09
CA SER A 230 -15.10 -40.44 -5.22
C SER A 230 -15.11 -41.46 -4.09
N PHE A 231 -16.29 -42.03 -3.87
CA PHE A 231 -16.47 -43.14 -2.91
C PHE A 231 -17.67 -43.99 -3.33
N ASP A 232 -17.68 -45.22 -2.81
CA ASP A 232 -18.86 -46.11 -2.86
C ASP A 232 -19.41 -46.24 -1.44
N LYS A 233 -20.72 -46.44 -1.34
CA LYS A 233 -21.39 -46.69 -0.06
C LYS A 233 -22.56 -47.64 -0.29
N LYS A 234 -22.58 -48.76 0.43
CA LYS A 234 -23.75 -49.67 0.49
C LYS A 234 -24.77 -49.06 1.45
N ILE A 235 -26.03 -48.95 1.01
CA ILE A 235 -27.19 -48.50 1.83
C ILE A 235 -28.21 -49.64 1.80
N LYS A 236 -28.82 -49.93 2.93
CA LYS A 236 -29.79 -51.07 2.96
C LYS A 236 -31.21 -50.52 2.84
N ALA A 237 -32.14 -51.34 2.33
CA ALA A 237 -33.56 -51.00 2.07
C ALA A 237 -34.14 -50.28 3.29
N GLY A 238 -34.90 -49.21 3.07
CA GLY A 238 -35.60 -48.44 4.12
C GLY A 238 -34.68 -47.56 4.96
N LYS A 239 -33.45 -47.33 4.54
CA LYS A 239 -32.48 -46.53 5.34
C LYS A 239 -32.19 -45.22 4.58
N THR A 240 -31.88 -44.15 5.31
CA THR A 240 -31.34 -42.86 4.79
C THR A 240 -29.82 -42.86 4.99
N TYR A 241 -29.08 -42.44 3.97
CA TYR A 241 -27.64 -42.13 4.09
C TYR A 241 -27.50 -40.65 3.75
N SER A 242 -26.83 -39.89 4.61
N SER A 242 -26.85 -39.89 4.64
CA SER A 242 -26.63 -38.43 4.42
CA SER A 242 -26.62 -38.44 4.49
C SER A 242 -25.15 -38.08 4.58
C SER A 242 -25.10 -38.19 4.48
N PHE A 243 -24.64 -37.23 3.70
CA PHE A 243 -23.25 -36.74 3.77
C PHE A 243 -23.26 -35.31 3.25
N ALA A 244 -22.17 -34.61 3.50
CA ALA A 244 -22.06 -33.22 3.04
C ALA A 244 -20.77 -33.04 2.24
N LEU A 245 -20.86 -32.10 1.31
CA LEU A 245 -19.72 -31.59 0.55
C LEU A 245 -19.50 -30.16 1.02
N ILE A 246 -18.30 -29.87 1.54
CA ILE A 246 -17.93 -28.51 1.98
C ILE A 246 -16.81 -28.04 1.07
N GLY A 247 -16.94 -26.81 0.60
CA GLY A 247 -15.90 -26.21 -0.25
C GLY A 247 -15.57 -24.81 0.19
N SER A 248 -14.32 -24.41 0.00
CA SER A 248 -13.86 -23.04 0.25
C SER A 248 -13.25 -22.51 -1.05
N LEU A 249 -13.56 -21.26 -1.38
CA LEU A 249 -13.16 -20.62 -2.65
C LEU A 249 -12.67 -19.23 -2.32
N ILE A 250 -11.42 -18.94 -2.64
CA ILE A 250 -10.78 -17.66 -2.21
C ILE A 250 -9.68 -17.33 -3.20
N SER A 251 -9.28 -16.09 -3.27
CA SER A 251 -8.28 -15.64 -4.24
C SER A 251 -7.23 -14.77 -3.58
N SER A 252 -6.19 -14.45 -4.32
CA SER A 252 -5.16 -13.49 -3.90
C SER A 252 -5.71 -12.06 -3.76
N ASP A 253 -6.92 -11.78 -4.24
CA ASP A 253 -7.57 -10.47 -4.00
C ASP A 253 -8.10 -10.41 -2.57
N HIS A 254 -8.23 -11.56 -1.91
CA HIS A 254 -8.82 -11.66 -0.55
C HIS A 254 -7.77 -11.98 0.50
N ILE A 255 -6.69 -12.65 0.13
CA ILE A 255 -5.70 -13.18 1.09
C ILE A 255 -4.41 -13.40 0.32
N ASN A 256 -3.25 -13.18 0.93
CA ASN A 256 -1.97 -13.30 0.18
C ASN A 256 -1.68 -14.75 -0.21
N ASP A 257 -2.16 -15.72 0.57
CA ASP A 257 -1.85 -17.17 0.38
C ASP A 257 -3.17 -17.92 0.24
N PRO A 258 -3.85 -17.81 -0.91
CA PRO A 258 -5.14 -18.47 -1.05
C PRO A 258 -5.08 -20.00 -1.02
N TYR A 259 -3.99 -20.60 -1.54
CA TYR A 259 -3.87 -22.08 -1.53
C TYR A 259 -3.99 -22.61 -0.10
N ASN A 260 -3.14 -22.12 0.79
CA ASN A 260 -3.18 -22.60 2.19
C ASN A 260 -4.45 -22.12 2.87
N GLU A 261 -4.92 -20.90 2.61
CA GLU A 261 -6.13 -20.42 3.32
C GLU A 261 -7.36 -21.24 2.89
N ALA A 262 -7.45 -21.66 1.61
CA ALA A 262 -8.59 -22.49 1.17
C ALA A 262 -8.58 -23.83 1.93
N GLU A 263 -7.43 -24.51 2.01
CA GLU A 263 -7.39 -25.81 2.72
C GLU A 263 -7.68 -25.56 4.20
N ARG A 264 -7.12 -24.52 4.77
CA ARG A 264 -7.32 -24.24 6.21
C ARG A 264 -8.81 -24.02 6.48
N LEU A 265 -9.49 -23.27 5.63
CA LEU A 265 -10.93 -22.98 5.77
C LEU A 265 -11.75 -24.26 5.69
N THR A 266 -11.42 -25.13 4.74
CA THR A 266 -12.22 -26.36 4.59
C THR A 266 -11.99 -27.29 5.79
N ILE A 267 -10.77 -27.35 6.28
CA ILE A 267 -10.44 -28.14 7.51
C ILE A 267 -11.23 -27.54 8.67
N TYR A 268 -11.20 -26.22 8.84
CA TYR A 268 -11.93 -25.51 9.89
C TYR A 268 -13.42 -25.90 9.81
N ALA A 269 -14.03 -25.73 8.64
CA ALA A 269 -15.47 -25.99 8.43
C ALA A 269 -15.78 -27.47 8.74
N ALA A 270 -14.93 -28.39 8.29
CA ALA A 270 -15.13 -29.84 8.53
C ALA A 270 -15.17 -30.13 10.03
N LEU A 271 -14.33 -29.47 10.80
CA LEU A 271 -14.22 -29.74 12.27
C LEU A 271 -15.22 -28.91 13.05
N GLU A 272 -15.78 -27.83 12.49
CA GLU A 272 -16.98 -27.17 13.05
C GLU A 272 -18.17 -28.11 12.92
N GLY A 273 -18.30 -28.76 11.76
CA GLY A 273 -19.37 -29.73 11.49
C GLY A 273 -20.62 -29.08 10.93
N LYS A 274 -21.44 -29.91 10.29
CA LYS A 274 -22.64 -29.49 9.51
C LYS A 274 -23.63 -28.74 10.40
N SER A 275 -23.89 -29.23 11.61
N SER A 275 -23.91 -29.24 11.61
CA SER A 275 -24.88 -28.66 12.53
CA SER A 275 -24.89 -28.63 12.53
C SER A 275 -24.51 -27.21 12.93
C SER A 275 -24.49 -27.19 12.88
N ARG A 276 -23.25 -27.01 13.32
CA ARG A 276 -22.72 -25.71 13.81
C ARG A 276 -22.69 -24.74 12.63
N LEU A 277 -22.29 -25.20 11.44
CA LEU A 277 -22.28 -24.33 10.24
C LEU A 277 -23.69 -23.88 9.89
N LEU A 278 -24.65 -24.81 9.85
CA LEU A 278 -26.03 -24.45 9.45
C LEU A 278 -26.68 -23.57 10.50
N ASN A 279 -26.39 -23.78 11.77
CA ASN A 279 -26.99 -22.96 12.85
C ASN A 279 -26.50 -21.51 12.70
N ARG A 280 -25.21 -21.30 12.47
CA ARG A 280 -24.68 -19.93 12.28
C ARG A 280 -25.30 -19.33 11.02
N HIS A 281 -25.42 -20.10 9.95
CA HIS A 281 -26.01 -19.63 8.67
C HIS A 281 -27.43 -19.13 8.96
N MET A 282 -28.21 -19.97 9.65
CA MET A 282 -29.64 -19.67 9.92
C MET A 282 -29.74 -18.43 10.79
N GLN A 283 -28.89 -18.30 11.80
CA GLN A 283 -28.90 -17.12 12.72
C GLN A 283 -28.74 -15.84 11.89
N GLU A 284 -27.80 -15.82 10.96
CA GLU A 284 -27.50 -14.58 10.19
C GLU A 284 -28.66 -14.29 9.23
N TRP A 285 -29.26 -15.30 8.59
CA TRP A 285 -30.44 -15.09 7.73
C TRP A 285 -31.65 -14.59 8.54
N ASN A 286 -31.87 -15.18 9.70
CA ASN A 286 -32.98 -14.73 10.59
C ASN A 286 -32.83 -13.24 10.88
N SER A 287 -31.61 -12.78 11.18
N SER A 287 -31.60 -12.79 11.18
CA SER A 287 -31.31 -11.36 11.49
CA SER A 287 -31.28 -11.37 11.48
C SER A 287 -31.62 -10.50 10.25
C SER A 287 -31.61 -10.51 10.27
N LEU A 288 -31.25 -10.97 9.07
CA LEU A 288 -31.54 -10.20 7.84
C LEU A 288 -33.05 -10.00 7.67
N TRP A 289 -33.83 -11.05 7.93
CA TRP A 289 -35.30 -10.98 7.70
C TRP A 289 -36.05 -10.27 8.84
N GLN A 290 -35.36 -9.73 9.83
CA GLN A 290 -36.01 -8.85 10.85
C GLN A 290 -36.45 -7.55 10.19
N SER A 291 -35.89 -7.21 9.03
CA SER A 291 -36.41 -6.14 8.17
C SER A 291 -37.07 -6.79 6.97
N ASP A 292 -38.37 -6.56 6.83
CA ASP A 292 -39.22 -7.37 5.93
C ASP A 292 -40.37 -6.49 5.45
N ILE A 293 -41.01 -6.92 4.39
CA ILE A 293 -42.19 -6.27 3.81
C ILE A 293 -43.25 -7.36 3.68
N GLN A 294 -44.42 -7.10 4.26
CA GLN A 294 -45.58 -8.03 4.27
C GLN A 294 -46.75 -7.34 3.58
N VAL A 295 -47.31 -8.00 2.55
CA VAL A 295 -48.47 -7.52 1.75
C VAL A 295 -49.59 -8.54 1.98
N GLU A 296 -50.74 -8.06 2.45
CA GLU A 296 -52.01 -8.84 2.54
C GLU A 296 -52.84 -8.50 1.29
N GLY A 297 -53.37 -9.53 0.61
CA GLY A 297 -54.35 -9.37 -0.47
C GLY A 297 -53.77 -9.66 -1.84
N ASP A 298 -52.46 -9.93 -1.90
CA ASP A 298 -51.74 -10.10 -3.18
C ASP A 298 -50.56 -11.05 -2.95
N PRO A 299 -50.84 -12.37 -2.88
CA PRO A 299 -49.77 -13.35 -2.68
C PRO A 299 -48.68 -13.28 -3.74
N GLN A 300 -49.00 -12.97 -5.01
CA GLN A 300 -47.92 -12.90 -6.03
C GLN A 300 -47.03 -11.69 -5.74
N ALA A 301 -47.57 -10.53 -5.38
CA ALA A 301 -46.77 -9.36 -4.98
C ALA A 301 -45.94 -9.69 -3.73
N GLN A 302 -46.51 -10.39 -2.75
CA GLN A 302 -45.76 -10.75 -1.52
C GLN A 302 -44.52 -11.55 -1.93
N GLN A 303 -44.71 -12.57 -2.77
CA GLN A 303 -43.60 -13.47 -3.16
C GLN A 303 -42.56 -12.65 -3.93
N ASP A 304 -43.01 -11.83 -4.88
CA ASP A 304 -42.11 -11.01 -5.76
C ASP A 304 -41.28 -10.06 -4.92
N ILE A 305 -41.90 -9.41 -3.95
CA ILE A 305 -41.17 -8.43 -3.09
C ILE A 305 -40.20 -9.18 -2.19
N ARG A 306 -40.56 -10.37 -1.70
CA ARG A 306 -39.62 -11.19 -0.90
C ARG A 306 -38.43 -11.56 -1.77
N SER A 307 -38.64 -11.94 -3.03
CA SER A 307 -37.53 -12.25 -3.97
C SER A 307 -36.63 -11.02 -4.12
N MET A 308 -37.20 -9.82 -4.25
CA MET A 308 -36.37 -8.60 -4.43
C MET A 308 -35.51 -8.40 -3.17
N LEU A 309 -36.09 -8.49 -1.98
CA LEU A 309 -35.31 -8.34 -0.72
C LEU A 309 -34.25 -9.45 -0.64
N TYR A 310 -34.65 -10.68 -0.93
CA TYR A 310 -33.76 -11.87 -0.88
C TYR A 310 -32.52 -11.58 -1.74
N HIS A 311 -32.69 -11.08 -2.97
CA HIS A 311 -31.55 -10.85 -3.88
C HIS A 311 -30.66 -9.73 -3.34
N LEU A 312 -31.23 -8.62 -2.86
CA LEU A 312 -30.41 -7.53 -2.30
C LEU A 312 -29.67 -8.04 -1.06
N TYR A 313 -30.30 -8.82 -0.19
CA TYR A 313 -29.63 -9.36 1.03
C TYR A 313 -28.53 -10.36 0.65
N SER A 314 -28.76 -11.12 -0.41
CA SER A 314 -27.78 -12.13 -0.89
C SER A 314 -26.56 -11.47 -1.55
N PHE A 315 -26.75 -10.29 -2.14
CA PHE A 315 -25.75 -9.63 -3.02
C PHE A 315 -25.06 -8.49 -2.29
N THR A 316 -25.19 -8.40 -0.98
CA THR A 316 -24.56 -7.38 -0.13
C THR A 316 -24.03 -8.06 1.11
N ARG A 317 -23.25 -7.33 1.91
CA ARG A 317 -22.68 -7.90 3.15
C ARG A 317 -22.35 -6.75 4.10
N LYS A 318 -22.98 -6.77 5.26
CA LYS A 318 -22.64 -5.85 6.34
C LYS A 318 -21.15 -5.97 6.73
N SER A 319 -20.62 -4.90 7.28
CA SER A 319 -19.29 -4.87 7.94
C SER A 319 -18.21 -5.20 6.91
N THR A 320 -18.36 -4.70 5.69
CA THR A 320 -17.36 -4.85 4.63
C THR A 320 -17.20 -3.55 3.85
N SER A 321 -16.37 -3.55 2.83
CA SER A 321 -16.31 -2.48 1.82
C SER A 321 -16.76 -3.03 0.46
N LEU A 322 -17.71 -3.96 0.45
CA LEU A 322 -18.24 -4.55 -0.80
C LEU A 322 -19.42 -3.72 -1.29
N SER A 323 -19.49 -3.61 -2.62
CA SER A 323 -20.63 -2.96 -3.30
C SER A 323 -21.08 -3.87 -4.44
N PRO A 324 -22.39 -3.96 -4.69
CA PRO A 324 -22.88 -4.85 -5.73
C PRO A 324 -22.77 -4.25 -7.14
N SER A 325 -22.57 -5.12 -8.11
CA SER A 325 -22.73 -4.79 -9.54
C SER A 325 -24.21 -4.73 -9.84
N PRO A 326 -24.61 -4.28 -11.05
CA PRO A 326 -26.03 -4.27 -11.40
C PRO A 326 -26.67 -5.65 -11.33
N MET A 327 -25.88 -6.69 -11.49
CA MET A 327 -26.36 -8.09 -11.47
C MET A 327 -25.91 -8.82 -10.20
N GLY A 328 -25.41 -8.09 -9.21
CA GLY A 328 -24.94 -8.73 -7.96
C GLY A 328 -24.00 -9.89 -8.25
N LEU A 329 -24.26 -11.03 -7.65
CA LEU A 329 -23.42 -12.24 -7.84
C LEU A 329 -24.19 -13.27 -8.66
N SER A 330 -25.09 -12.82 -9.53
CA SER A 330 -25.91 -13.72 -10.38
C SER A 330 -25.21 -14.08 -11.67
N GLY A 331 -24.00 -13.55 -11.90
CA GLY A 331 -23.31 -13.80 -13.16
C GLY A 331 -22.38 -12.66 -13.47
N LEU A 332 -21.99 -12.53 -14.74
N LEU A 332 -22.03 -12.52 -14.75
CA LEU A 332 -20.95 -11.54 -15.17
CA LEU A 332 -20.97 -11.56 -15.20
C LEU A 332 -21.59 -10.27 -15.73
C LEU A 332 -21.59 -10.27 -15.71
N GLY A 333 -22.87 -10.01 -15.47
CA GLY A 333 -23.54 -8.79 -15.95
C GLY A 333 -22.71 -7.54 -15.68
N TYR A 334 -22.50 -6.72 -16.70
CA TYR A 334 -21.72 -5.47 -16.63
C TYR A 334 -20.36 -5.70 -15.97
N ASN A 335 -19.76 -6.88 -16.21
CA ASN A 335 -18.39 -7.21 -15.81
C ASN A 335 -18.22 -7.16 -14.30
N GLY A 336 -19.29 -7.13 -13.52
CA GLY A 336 -19.13 -7.09 -12.05
C GLY A 336 -18.83 -5.68 -11.57
N HIS A 337 -18.83 -4.71 -12.46
CA HIS A 337 -18.48 -3.33 -12.06
C HIS A 337 -19.55 -2.70 -11.18
N VAL A 338 -19.13 -1.73 -10.41
CA VAL A 338 -19.99 -0.92 -9.53
C VAL A 338 -20.30 0.38 -10.25
N PHE A 339 -21.57 0.73 -10.29
CA PHE A 339 -22.14 1.92 -10.94
C PHE A 339 -23.00 2.68 -9.92
N TRP A 340 -23.53 3.82 -10.35
CA TRP A 340 -24.54 4.57 -9.59
C TRP A 340 -25.76 3.71 -9.30
N ASP A 341 -25.90 2.57 -9.99
CA ASP A 341 -26.88 1.51 -9.63
C ASP A 341 -26.81 1.26 -8.13
N THR A 342 -25.64 1.30 -7.53
CA THR A 342 -25.60 1.12 -6.06
C THR A 342 -26.19 2.38 -5.42
N GLU A 343 -25.53 3.50 -5.56
CA GLU A 343 -25.89 4.71 -4.77
C GLU A 343 -27.36 5.06 -4.89
N ILE A 344 -27.92 5.06 -6.09
CA ILE A 344 -29.28 5.62 -6.30
C ILE A 344 -30.32 4.49 -6.29
N TRP A 345 -29.96 3.26 -6.65
CA TRP A 345 -31.00 2.24 -6.90
C TRP A 345 -31.03 1.19 -5.79
N MET A 346 -29.90 0.59 -5.44
CA MET A 346 -29.88 -0.49 -4.42
C MET A 346 -29.65 0.05 -3.02
N PHE A 347 -28.93 1.17 -2.88
CA PHE A 347 -28.54 1.73 -1.57
C PHE A 347 -29.75 2.22 -0.79
N PRO A 348 -30.68 3.03 -1.35
CA PRO A 348 -31.73 3.61 -0.51
C PRO A 348 -32.58 2.59 0.23
N PRO A 349 -33.09 1.49 -0.40
CA PRO A 349 -33.91 0.55 0.37
C PRO A 349 -33.08 -0.13 1.46
N MET A 350 -31.80 -0.40 1.18
CA MET A 350 -30.91 -1.05 2.17
C MET A 350 -30.62 -0.08 3.32
N LEU A 351 -30.44 1.21 3.03
CA LEU A 351 -30.22 2.20 4.10
C LEU A 351 -31.42 2.20 5.07
N LEU A 352 -32.63 2.11 4.57
CA LEU A 352 -33.82 2.17 5.46
C LEU A 352 -33.96 0.85 6.25
N LEU A 353 -33.71 -0.31 5.62
CA LEU A 353 -33.98 -1.63 6.23
C LEU A 353 -32.77 -2.09 7.07
N HIS A 354 -31.56 -1.81 6.63
CA HIS A 354 -30.32 -2.36 7.23
C HIS A 354 -29.21 -1.35 6.99
N PRO A 355 -29.11 -0.28 7.79
CA PRO A 355 -28.13 0.76 7.56
C PRO A 355 -26.70 0.21 7.45
N GLU A 356 -26.40 -0.91 8.13
CA GLU A 356 -25.04 -1.51 8.08
C GLU A 356 -24.73 -2.07 6.69
N ILE A 357 -25.73 -2.42 5.88
CA ILE A 357 -25.49 -2.80 4.46
C ILE A 357 -25.15 -1.54 3.68
N ALA A 358 -25.92 -0.47 3.89
CA ALA A 358 -25.64 0.81 3.22
C ALA A 358 -24.24 1.27 3.63
N LYS A 359 -23.83 1.07 4.89
CA LYS A 359 -22.50 1.50 5.34
C LYS A 359 -21.41 0.81 4.51
N SER A 360 -21.57 -0.48 4.20
CA SER A 360 -20.59 -1.20 3.36
C SER A 360 -20.54 -0.61 1.95
N MET A 361 -21.72 -0.29 1.40
CA MET A 361 -21.80 0.27 0.04
C MET A 361 -21.06 1.60 0.00
N ILE A 362 -21.25 2.48 0.99
CA ILE A 362 -20.52 3.77 0.93
C ILE A 362 -19.07 3.58 1.36
N GLU A 363 -18.76 2.57 2.17
CA GLU A 363 -17.34 2.27 2.49
C GLU A 363 -16.57 1.92 1.22
N TYR A 364 -17.18 1.20 0.30
CA TYR A 364 -16.59 0.88 -1.03
C TYR A 364 -16.02 2.16 -1.65
N ARG A 365 -16.84 3.22 -1.63
CA ARG A 365 -16.46 4.49 -2.27
C ARG A 365 -15.43 5.20 -1.43
N TYR A 366 -15.58 5.23 -0.11
CA TYR A 366 -14.61 5.90 0.77
C TYR A 366 -13.22 5.35 0.51
N GLN A 367 -13.08 4.02 0.43
N GLN A 367 -13.12 4.02 0.45
CA GLN A 367 -11.75 3.37 0.29
CA GLN A 367 -11.83 3.28 0.27
C GLN A 367 -11.21 3.56 -1.13
C GLN A 367 -11.20 3.68 -1.06
N ARG A 368 -12.03 4.10 -2.03
CA ARG A 368 -11.62 4.39 -3.42
C ARG A 368 -11.56 5.88 -3.65
N LEU A 369 -11.53 6.69 -2.60
CA LEU A 369 -11.51 8.14 -2.80
C LEU A 369 -10.19 8.55 -3.46
N ASP A 370 -9.07 7.96 -3.12
CA ASP A 370 -7.78 8.34 -3.74
C ASP A 370 -7.84 8.08 -5.24
N ALA A 371 -8.44 7.00 -5.70
CA ALA A 371 -8.52 6.73 -7.15
C ALA A 371 -9.42 7.77 -7.82
N ALA A 372 -10.45 8.22 -7.12
CA ALA A 372 -11.33 9.27 -7.69
C ALA A 372 -10.56 10.59 -7.76
N ARG A 373 -9.69 10.87 -6.81
CA ARG A 373 -8.86 12.08 -6.91
C ARG A 373 -7.92 11.94 -8.09
N LYS A 374 -7.38 10.75 -8.34
CA LYS A 374 -6.45 10.56 -9.48
C LYS A 374 -7.21 10.71 -10.78
N LYS A 375 -8.46 10.24 -10.86
CA LYS A 375 -9.23 10.39 -12.10
C LYS A 375 -9.47 11.88 -12.35
N ALA A 376 -9.88 12.62 -11.33
CA ALA A 376 -10.14 14.06 -11.47
C ALA A 376 -8.90 14.74 -12.06
N ALA A 377 -7.73 14.47 -11.52
CA ALA A 377 -6.50 15.15 -11.96
C ALA A 377 -6.20 14.77 -13.42
N ILE A 378 -6.37 13.51 -13.79
CA ILE A 378 -6.09 13.06 -15.19
C ILE A 378 -7.04 13.76 -16.17
N TYR A 379 -8.28 14.07 -15.77
CA TYR A 379 -9.29 14.72 -16.65
C TYR A 379 -9.35 16.22 -16.42
N GLY A 380 -8.41 16.81 -15.67
CA GLY A 380 -8.30 18.28 -15.63
C GLY A 380 -9.18 18.96 -14.61
N TYR A 381 -9.64 18.22 -13.59
CA TYR A 381 -10.53 18.76 -12.56
C TYR A 381 -9.88 18.65 -11.18
N ASP A 382 -10.56 19.30 -10.23
CA ASP A 382 -10.17 19.31 -8.81
C ASP A 382 -10.91 18.21 -8.07
N GLY A 383 -10.47 17.92 -6.84
CA GLY A 383 -11.27 17.06 -5.94
C GLY A 383 -11.30 15.60 -6.39
N ALA A 384 -12.43 14.93 -6.19
CA ALA A 384 -12.64 13.51 -6.49
C ALA A 384 -13.69 13.40 -7.57
N MET A 385 -13.31 12.71 -8.65
CA MET A 385 -14.21 12.42 -9.76
C MET A 385 -14.39 10.91 -9.76
N PHE A 386 -15.49 10.42 -9.20
CA PHE A 386 -15.72 8.96 -9.18
C PHE A 386 -15.92 8.47 -10.59
N PRO A 387 -15.49 7.23 -10.86
CA PRO A 387 -15.59 6.68 -12.20
C PRO A 387 -17.03 6.29 -12.52
N TRP A 388 -17.35 6.24 -13.81
CA TRP A 388 -18.66 5.70 -14.22
C TRP A 388 -18.76 4.22 -13.83
N GLU A 389 -17.68 3.47 -14.02
CA GLU A 389 -17.62 2.06 -13.61
C GLU A 389 -16.39 1.82 -12.76
N SER A 390 -16.61 1.18 -11.61
CA SER A 390 -15.56 0.91 -10.61
C SER A 390 -15.37 -0.60 -10.41
N ALA A 391 -14.17 -1.02 -10.04
CA ALA A 391 -13.90 -2.42 -9.73
C ALA A 391 -12.94 -2.47 -8.55
N ASP A 392 -11.76 -3.05 -8.69
CA ASP A 392 -10.87 -3.27 -7.53
C ASP A 392 -10.27 -1.92 -7.12
N SER A 393 -9.62 -1.20 -8.01
CA SER A 393 -8.79 -0.04 -7.61
C SER A 393 -9.63 1.20 -7.33
N GLY A 394 -10.79 1.35 -7.96
CA GLY A 394 -11.57 2.60 -7.95
C GLY A 394 -11.24 3.54 -9.11
N ALA A 395 -10.33 3.14 -9.98
CA ALA A 395 -10.08 3.83 -11.26
C ALA A 395 -11.22 3.55 -12.23
N GLU A 396 -11.29 4.32 -13.31
CA GLU A 396 -12.31 4.10 -14.34
C GLU A 396 -12.11 2.76 -15.04
N GLU A 397 -13.19 2.02 -15.15
CA GLU A 397 -13.18 0.66 -15.73
C GLU A 397 -14.15 0.57 -16.92
N THR A 398 -14.76 1.65 -17.34
CA THR A 398 -15.74 1.57 -18.43
C THR A 398 -15.03 1.22 -19.73
N PRO A 399 -15.56 0.26 -20.52
CA PRO A 399 -15.06 0.02 -21.87
C PRO A 399 -14.87 1.32 -22.65
N VAL A 400 -13.77 1.47 -23.38
CA VAL A 400 -13.45 2.79 -23.98
C VAL A 400 -14.41 3.14 -25.11
N ASN A 401 -15.06 2.15 -25.72
CA ASN A 401 -16.02 2.42 -26.80
C ASN A 401 -17.34 2.95 -26.24
N ALA A 402 -17.51 2.93 -24.93
CA ALA A 402 -18.72 3.51 -24.27
C ALA A 402 -18.39 4.93 -23.81
N LEU A 403 -19.02 5.96 -24.37
CA LEU A 403 -18.69 7.36 -24.07
C LEU A 403 -19.06 7.73 -22.64
N THR A 404 -19.87 6.90 -21.97
CA THR A 404 -20.25 7.07 -20.53
C THR A 404 -19.00 7.16 -19.66
N GLY A 405 -17.96 6.38 -19.93
CA GLY A 405 -16.77 6.38 -19.09
C GLY A 405 -16.10 7.73 -19.06
N ALA A 406 -16.03 8.39 -20.21
CA ALA A 406 -15.37 9.71 -20.35
C ALA A 406 -16.30 10.86 -19.94
N PHE A 407 -17.60 10.72 -20.16
CA PHE A 407 -18.52 11.89 -20.16
C PHE A 407 -19.76 11.79 -19.26
N GLU A 408 -20.09 10.64 -18.68
CA GLU A 408 -21.28 10.56 -17.81
C GLU A 408 -20.85 10.88 -16.38
N HIS A 409 -20.91 12.14 -16.00
CA HIS A 409 -20.26 12.67 -14.79
C HIS A 409 -21.16 12.65 -13.56
N HIS A 410 -22.46 12.41 -13.70
CA HIS A 410 -23.35 12.52 -12.51
C HIS A 410 -23.01 11.52 -11.41
N VAL A 411 -22.29 10.44 -11.72
CA VAL A 411 -21.90 9.42 -10.70
C VAL A 411 -21.21 10.11 -9.49
N THR A 412 -20.42 11.16 -9.70
CA THR A 412 -19.76 11.84 -8.57
C THR A 412 -20.80 12.44 -7.64
N GLY A 413 -21.81 13.09 -8.18
CA GLY A 413 -22.90 13.62 -7.33
C GLY A 413 -23.72 12.50 -6.70
N ASP A 414 -23.90 11.37 -7.38
CA ASP A 414 -24.65 10.23 -6.83
C ASP A 414 -23.94 9.69 -5.58
N VAL A 415 -22.61 9.60 -5.64
CA VAL A 415 -21.84 9.13 -4.47
C VAL A 415 -22.01 10.12 -3.30
N ALA A 416 -21.89 11.42 -3.54
CA ALA A 416 -22.11 12.46 -2.51
C ALA A 416 -23.52 12.33 -1.90
N ILE A 417 -24.53 12.17 -2.73
CA ILE A 417 -25.93 12.08 -2.23
C ILE A 417 -26.07 10.87 -1.30
N ALA A 418 -25.54 9.72 -1.69
CA ALA A 418 -25.63 8.53 -0.81
C ALA A 418 -24.86 8.82 0.49
N ALA A 419 -23.68 9.43 0.43
CA ALA A 419 -22.89 9.69 1.66
C ALA A 419 -23.70 10.58 2.61
N TRP A 420 -24.33 11.62 2.09
CA TRP A 420 -25.08 12.55 2.96
C TRP A 420 -26.31 11.81 3.52
N GLN A 421 -26.99 11.02 2.70
CA GLN A 421 -28.17 10.25 3.16
C GLN A 421 -27.77 9.30 4.29
N TYR A 422 -26.61 8.67 4.20
CA TYR A 422 -26.15 7.75 5.26
C TYR A 422 -26.16 8.51 6.57
N TYR A 423 -25.59 9.71 6.59
CA TYR A 423 -25.57 10.58 7.79
C TYR A 423 -27.00 11.01 8.17
N LEU A 424 -27.86 11.39 7.20
CA LEU A 424 -29.23 11.82 7.57
C LEU A 424 -29.92 10.66 8.32
N VAL A 425 -29.76 9.42 7.87
CA VAL A 425 -30.53 8.29 8.45
C VAL A 425 -29.91 7.85 9.78
N THR A 426 -28.58 7.83 9.91
CA THR A 426 -27.90 7.26 11.09
C THR A 426 -27.63 8.32 12.15
N GLY A 427 -27.45 9.58 11.74
CA GLY A 427 -27.00 10.65 12.66
C GLY A 427 -25.60 10.41 13.19
N ASP A 428 -24.79 9.59 12.52
CA ASP A 428 -23.45 9.23 13.04
C ASP A 428 -22.46 10.34 12.68
N LYS A 429 -22.24 11.28 13.57
CA LYS A 429 -21.38 12.45 13.32
C LYS A 429 -19.90 12.02 13.28
N GLU A 430 -19.52 10.94 13.97
CA GLU A 430 -18.12 10.41 13.92
C GLU A 430 -17.85 9.88 12.51
N TRP A 431 -18.79 9.13 11.96
CA TRP A 431 -18.71 8.67 10.55
C TRP A 431 -18.66 9.91 9.64
N LEU A 432 -19.49 10.91 9.90
CA LEU A 432 -19.52 12.09 9.00
C LEU A 432 -18.12 12.73 9.00
N LYS A 433 -17.51 12.87 10.17
CA LYS A 433 -16.16 13.50 10.25
C LYS A 433 -15.13 12.66 9.49
N GLU A 434 -15.13 11.35 9.70
CA GLU A 434 -14.05 10.44 9.26
C GLU A 434 -14.21 10.09 7.78
N LYS A 435 -15.44 9.92 7.30
CA LYS A 435 -15.70 9.31 5.98
C LYS A 435 -16.62 10.15 5.11
N GLY A 436 -17.76 10.63 5.63
CA GLY A 436 -18.72 11.38 4.83
C GLY A 436 -18.13 12.69 4.34
N TRP A 437 -17.48 13.43 5.23
CA TRP A 437 -16.94 14.76 4.85
C TRP A 437 -15.80 14.61 3.85
N PRO A 438 -14.82 13.70 4.02
CA PRO A 438 -13.83 13.50 2.96
C PRO A 438 -14.48 13.32 1.57
N ILE A 439 -15.52 12.51 1.51
CA ILE A 439 -16.25 12.30 0.23
C ILE A 439 -16.95 13.58 -0.22
N LEU A 440 -17.69 14.22 0.69
CA LEU A 440 -18.51 15.40 0.29
C LEU A 440 -17.61 16.57 -0.11
N LYS A 441 -16.54 16.82 0.64
CA LYS A 441 -15.59 17.91 0.36
C LYS A 441 -14.95 17.70 -1.02
N ALA A 442 -14.44 16.49 -1.26
CA ALA A 442 -13.71 16.25 -2.52
C ALA A 442 -14.66 16.29 -3.72
N THR A 443 -15.87 15.74 -3.59
CA THR A 443 -16.84 15.74 -4.70
C THR A 443 -17.35 17.16 -4.94
N ALA A 444 -17.53 17.96 -3.89
CA ALA A 444 -17.93 19.36 -4.10
C ALA A 444 -16.81 20.11 -4.82
N GLU A 445 -15.56 19.86 -4.45
CA GLU A 445 -14.41 20.49 -5.13
C GLU A 445 -14.44 20.11 -6.62
N PHE A 446 -14.77 18.87 -6.93
CA PHE A 446 -14.91 18.44 -8.34
C PHE A 446 -15.96 19.32 -9.03
N TRP A 447 -17.17 19.39 -8.50
CA TRP A 447 -18.24 20.16 -9.19
C TRP A 447 -17.86 21.64 -9.30
N ALA A 448 -17.24 22.21 -8.27
CA ALA A 448 -16.84 23.64 -8.32
C ALA A 448 -15.89 23.88 -9.48
N SER A 449 -15.08 22.87 -9.85
CA SER A 449 -14.11 22.94 -10.97
C SER A 449 -14.74 22.55 -12.30
N ARG A 450 -15.90 21.90 -12.29
CA ARG A 450 -16.52 21.29 -13.49
C ARG A 450 -17.51 22.26 -14.12
N VAL A 451 -18.09 23.16 -13.34
CA VAL A 451 -19.06 24.16 -13.85
C VAL A 451 -18.31 25.21 -14.66
N GLU A 452 -19.04 25.90 -15.52
CA GLU A 452 -18.56 27.07 -16.28
C GLU A 452 -19.56 28.19 -16.10
N LYS A 453 -19.09 29.34 -15.63
CA LYS A 453 -19.96 30.52 -15.42
C LYS A 453 -20.17 31.21 -16.77
N ASN A 454 -21.40 31.53 -17.11
CA ASN A 454 -21.70 32.24 -18.39
C ASN A 454 -21.87 33.75 -18.13
N ASP A 455 -22.09 34.50 -19.21
CA ASP A 455 -22.24 35.99 -19.22
C ASP A 455 -23.36 36.46 -18.29
N LYS A 456 -24.39 35.64 -18.11
CA LYS A 456 -25.60 35.96 -17.30
C LYS A 456 -25.34 35.65 -15.82
N GLY A 457 -24.15 35.13 -15.48
CA GLY A 457 -23.81 34.73 -14.11
C GLY A 457 -24.38 33.36 -13.76
N GLU A 458 -24.87 32.59 -14.75
CA GLU A 458 -25.43 31.25 -14.49
C GLU A 458 -24.27 30.24 -14.57
N TYR A 459 -24.42 29.09 -13.93
CA TYR A 459 -23.40 28.03 -14.01
C TYR A 459 -23.92 26.88 -14.87
N GLU A 460 -23.10 26.51 -15.85
CA GLU A 460 -23.41 25.44 -16.81
C GLU A 460 -22.52 24.23 -16.56
N ILE A 461 -23.00 23.07 -16.95
CA ILE A 461 -22.18 21.84 -16.99
C ILE A 461 -22.31 21.31 -18.40
N LYS A 462 -21.30 21.59 -19.20
CA LYS A 462 -21.32 21.36 -20.65
C LYS A 462 -20.67 20.05 -21.03
N ASN A 463 -21.19 19.44 -22.08
CA ASN A 463 -20.59 18.27 -22.77
C ASN A 463 -20.54 17.08 -21.82
N VAL A 464 -21.70 16.52 -21.55
CA VAL A 464 -21.87 15.28 -20.75
C VAL A 464 -22.66 14.27 -21.54
N VAL A 465 -22.67 13.04 -21.07
CA VAL A 465 -23.69 12.03 -21.39
C VAL A 465 -24.73 12.11 -20.27
N ALA A 466 -26.01 12.21 -20.64
CA ALA A 466 -27.10 12.33 -19.68
C ALA A 466 -27.41 11.01 -18.96
N ALA A 467 -28.14 11.07 -17.85
CA ALA A 467 -28.71 9.86 -17.24
C ALA A 467 -29.55 9.15 -18.29
N ASP A 468 -30.30 9.90 -19.08
CA ASP A 468 -30.79 9.38 -20.36
C ASP A 468 -29.59 9.19 -21.30
N GLU A 469 -28.99 8.01 -21.29
CA GLU A 469 -27.68 7.83 -21.96
C GLU A 469 -27.80 7.95 -23.48
N TRP A 470 -29.02 7.95 -24.02
CA TRP A 470 -29.19 8.15 -25.49
C TRP A 470 -28.84 9.58 -25.87
N ALA A 471 -28.81 10.51 -24.91
CA ALA A 471 -28.38 11.91 -25.11
C ALA A 471 -26.89 12.01 -24.76
N GLU A 472 -26.04 12.10 -25.78
CA GLU A 472 -24.57 12.06 -25.65
C GLU A 472 -23.96 13.41 -26.06
N ASN A 473 -23.02 13.91 -25.27
CA ASN A 473 -22.22 15.11 -25.60
C ASN A 473 -23.17 16.29 -25.76
N ILE A 474 -24.04 16.45 -24.75
CA ILE A 474 -25.03 17.56 -24.70
C ILE A 474 -24.74 18.37 -23.44
N ASP A 475 -25.45 19.48 -23.29
CA ASP A 475 -25.18 20.46 -22.22
C ASP A 475 -26.33 20.54 -21.23
N ASN A 476 -26.00 20.76 -19.96
CA ASN A 476 -26.97 21.10 -18.89
C ASN A 476 -28.05 20.01 -18.82
N ASN A 477 -27.63 18.76 -18.75
CA ASN A 477 -28.54 17.64 -18.43
C ASN A 477 -29.23 17.91 -17.10
N ALA A 478 -30.56 17.80 -17.05
CA ALA A 478 -31.35 18.01 -15.83
C ALA A 478 -30.79 17.16 -14.69
N TYR A 479 -30.66 15.85 -14.87
CA TYR A 479 -30.29 15.01 -13.71
C TYR A 479 -28.87 15.38 -13.27
N THR A 480 -27.92 15.47 -14.20
CA THR A 480 -26.52 15.79 -13.84
C THR A 480 -26.48 17.12 -13.07
N ASN A 481 -27.09 18.15 -13.61
CA ASN A 481 -27.07 19.48 -12.96
C ASN A 481 -27.71 19.35 -11.57
N GLY A 482 -28.79 18.59 -11.47
CA GLY A 482 -29.42 18.41 -10.15
C GLY A 482 -28.48 17.74 -9.18
N THR A 483 -27.75 16.70 -9.62
CA THR A 483 -26.82 16.01 -8.68
C THR A 483 -25.70 16.97 -8.27
N ALA A 484 -25.25 17.86 -9.14
CA ALA A 484 -24.20 18.85 -8.79
C ALA A 484 -24.76 19.79 -7.71
N ILE A 485 -25.98 20.28 -7.92
CA ILE A 485 -26.65 21.19 -6.95
C ILE A 485 -26.68 20.46 -5.60
N ARG A 486 -27.18 19.23 -5.56
CA ARG A 486 -27.31 18.52 -4.26
C ARG A 486 -25.92 18.27 -3.67
N ASN A 487 -24.96 17.87 -4.48
CA ASN A 487 -23.60 17.61 -3.94
C ASN A 487 -23.06 18.88 -3.27
N LEU A 488 -23.16 20.02 -3.93
CA LEU A 488 -22.62 21.29 -3.37
C LEU A 488 -23.40 21.70 -2.12
N GLN A 489 -24.72 21.51 -2.12
CA GLN A 489 -25.56 21.89 -0.96
C GLN A 489 -25.21 20.98 0.21
N TYR A 490 -25.13 19.68 -0.04
CA TYR A 490 -24.91 18.70 1.06
C TYR A 490 -23.50 18.87 1.62
N ALA A 491 -22.50 19.17 0.79
CA ALA A 491 -21.12 19.41 1.30
C ALA A 491 -21.14 20.66 2.20
N SER A 492 -21.84 21.70 1.79
CA SER A 492 -21.93 22.93 2.61
C SER A 492 -22.63 22.62 3.93
N LYS A 493 -23.71 21.86 3.91
CA LYS A 493 -24.45 21.48 5.13
C LYS A 493 -23.55 20.66 6.04
N CYS A 494 -22.81 19.73 5.46
CA CYS A 494 -21.90 18.86 6.22
C CYS A 494 -20.85 19.72 6.95
N ALA A 495 -20.26 20.70 6.27
CA ALA A 495 -19.25 21.60 6.84
C ALA A 495 -19.84 22.29 8.07
N THR A 496 -21.08 22.75 7.95
CA THR A 496 -21.78 23.46 9.06
C THR A 496 -21.89 22.50 10.24
N VAL A 497 -22.33 21.26 10.01
CA VAL A 497 -22.55 20.26 11.09
C VAL A 497 -21.24 20.04 11.84
N LEU A 498 -20.12 19.95 11.13
CA LEU A 498 -18.81 19.61 11.71
C LEU A 498 -18.07 20.85 12.24
N GLY A 499 -18.58 22.04 11.97
CA GLY A 499 -17.90 23.30 12.39
C GLY A 499 -16.67 23.61 11.56
N VAL A 500 -16.65 23.22 10.28
CA VAL A 500 -15.49 23.50 9.38
C VAL A 500 -15.97 24.51 8.35
N ILE A 501 -15.11 25.45 7.93
CA ILE A 501 -15.54 26.52 6.99
C ILE A 501 -15.46 25.94 5.56
N ALA A 502 -16.59 25.91 4.87
CA ALA A 502 -16.71 25.48 3.45
C ALA A 502 -16.46 26.69 2.58
N PRO A 503 -15.91 26.55 1.36
CA PRO A 503 -15.91 27.64 0.38
C PRO A 503 -17.31 28.20 0.16
N LYS A 504 -17.47 29.52 0.29
CA LYS A 504 -18.77 30.18 0.01
C LYS A 504 -19.17 29.93 -1.45
N GLU A 505 -18.20 29.68 -2.33
CA GLU A 505 -18.47 29.48 -3.77
C GLU A 505 -19.41 28.28 -3.95
N TRP A 506 -19.37 27.28 -3.07
CA TRP A 506 -20.21 26.07 -3.29
C TRP A 506 -21.69 26.44 -3.30
N THR A 507 -22.14 27.25 -2.33
CA THR A 507 -23.56 27.71 -2.28
C THR A 507 -23.86 28.65 -3.46
N LEU A 508 -22.95 29.56 -3.78
CA LEU A 508 -23.15 30.52 -4.91
C LEU A 508 -23.35 29.76 -6.22
N ILE A 509 -22.58 28.71 -6.42
CA ILE A 509 -22.69 27.86 -7.62
C ILE A 509 -24.00 27.07 -7.56
N ALA A 510 -24.27 26.39 -6.44
CA ALA A 510 -25.47 25.54 -6.33
C ALA A 510 -26.72 26.35 -6.69
N ASP A 511 -26.77 27.60 -6.24
CA ASP A 511 -27.97 28.45 -6.39
C ASP A 511 -28.15 28.91 -7.83
N LYS A 512 -27.13 28.77 -8.69
CA LYS A 512 -27.16 29.35 -10.06
C LYS A 512 -26.91 28.29 -11.14
N ILE A 513 -26.79 27.00 -10.78
CA ILE A 513 -26.68 25.94 -11.82
C ILE A 513 -28.00 25.86 -12.59
N LEU A 514 -27.92 25.78 -13.91
CA LEU A 514 -29.11 25.88 -14.80
C LEU A 514 -29.98 24.63 -14.70
N ILE A 515 -31.28 24.82 -14.46
CA ILE A 515 -32.35 23.81 -14.72
C ILE A 515 -33.43 24.57 -15.49
N SER A 516 -33.61 24.22 -16.76
CA SER A 516 -34.44 24.98 -17.73
C SER A 516 -35.77 24.26 -17.93
N LYS A 517 -36.76 25.03 -18.32
CA LYS A 517 -38.10 24.52 -18.67
C LYS A 517 -38.35 24.80 -20.15
N MET A 518 -39.12 23.93 -20.78
CA MET A 518 -39.61 24.18 -22.15
C MET A 518 -40.85 25.08 -22.06
N SER A 519 -41.36 25.50 -23.22
CA SER A 519 -42.44 26.52 -23.30
C SER A 519 -43.73 26.01 -22.61
N ASN A 520 -43.93 24.69 -22.57
CA ASN A 520 -45.08 24.05 -21.88
C ASN A 520 -44.85 23.95 -20.36
N GLY A 521 -43.74 24.46 -19.83
CA GLY A 521 -43.47 24.46 -18.38
C GLY A 521 -42.83 23.15 -17.91
N VAL A 522 -42.49 22.26 -18.83
CA VAL A 522 -41.91 20.93 -18.51
C VAL A 522 -40.39 21.09 -18.37
N THR A 523 -39.80 20.46 -17.34
CA THR A 523 -38.33 20.44 -17.13
C THR A 523 -37.68 19.91 -18.41
N ARG A 524 -36.72 20.65 -18.95
CA ARG A 524 -36.03 20.28 -20.20
C ARG A 524 -34.91 19.29 -19.85
N GLU A 525 -34.84 18.13 -20.52
CA GLU A 525 -33.85 17.10 -20.13
C GLU A 525 -32.42 17.59 -20.39
N HIS A 526 -32.19 18.35 -21.45
CA HIS A 526 -30.87 18.94 -21.78
C HIS A 526 -31.05 20.02 -22.84
N ASP A 527 -30.02 20.81 -23.12
CA ASP A 527 -30.16 22.04 -23.97
C ASP A 527 -30.60 21.72 -25.40
N SER A 528 -30.38 20.50 -25.89
CA SER A 528 -30.75 20.08 -27.27
C SER A 528 -32.06 19.28 -27.26
N TYR A 529 -32.77 19.22 -26.13
CA TYR A 529 -33.93 18.33 -25.96
C TYR A 529 -35.21 19.05 -26.39
N THR A 530 -36.01 18.37 -27.22
CA THR A 530 -37.38 18.81 -27.57
C THR A 530 -38.38 17.68 -27.25
N ASP A 531 -38.33 16.57 -27.98
CA ASP A 531 -39.32 15.48 -27.80
C ASP A 531 -38.74 14.12 -28.11
N GLN A 532 -37.41 13.97 -27.98
CA GLN A 532 -36.75 12.71 -28.33
C GLN A 532 -37.26 11.61 -27.39
N ASN A 533 -37.32 10.37 -27.85
CA ASN A 533 -37.42 9.22 -26.92
C ASN A 533 -36.20 9.23 -26.01
N ILE A 534 -36.40 8.78 -24.78
CA ILE A 534 -35.33 8.73 -23.76
C ILE A 534 -35.17 7.29 -23.28
N LYS A 535 -33.97 6.97 -22.83
CA LYS A 535 -33.64 5.57 -22.44
C LYS A 535 -34.29 5.24 -21.11
N GLN A 536 -34.40 6.24 -20.23
CA GLN A 536 -34.74 6.01 -18.82
C GLN A 536 -35.00 7.35 -18.16
N ALA A 537 -35.52 7.28 -16.95
CA ALA A 537 -35.85 8.48 -16.16
C ALA A 537 -34.61 9.37 -16.03
N ASP A 538 -34.83 10.68 -16.12
CA ASP A 538 -33.77 11.71 -16.09
C ASP A 538 -34.37 12.94 -15.44
N ALA A 539 -35.19 13.70 -16.17
CA ALA A 539 -35.83 14.91 -15.59
C ALA A 539 -36.73 14.50 -14.41
N ASN A 540 -37.40 13.35 -14.47
CA ASN A 540 -38.32 12.92 -13.39
C ASN A 540 -37.53 12.62 -12.10
N LEU A 541 -36.23 12.33 -12.23
CA LEU A 541 -35.37 12.03 -11.05
C LEU A 541 -35.17 13.30 -10.21
N LEU A 542 -35.41 14.50 -10.76
CA LEU A 542 -35.35 15.75 -9.96
C LEU A 542 -36.47 15.75 -8.93
N ALA A 543 -37.60 15.11 -9.23
CA ALA A 543 -38.70 14.95 -8.25
C ALA A 543 -38.33 13.89 -7.22
N TYR A 544 -38.00 12.68 -7.65
CA TYR A 544 -37.49 11.63 -6.75
C TYR A 544 -36.40 10.90 -7.51
N PRO A 545 -35.19 10.71 -6.94
CA PRO A 545 -34.88 10.97 -5.53
C PRO A 545 -34.42 12.38 -5.10
N LEU A 546 -34.10 13.28 -6.02
CA LEU A 546 -33.38 14.51 -5.62
C LEU A 546 -34.26 15.42 -4.75
N LYS A 547 -35.57 15.42 -4.98
CA LYS A 547 -36.55 16.32 -4.33
C LYS A 547 -36.17 17.79 -4.58
N LEU A 548 -35.53 18.09 -5.70
CA LEU A 548 -35.36 19.50 -6.15
C LEU A 548 -36.68 20.04 -6.69
N ILE A 549 -37.54 19.16 -7.22
CA ILE A 549 -38.91 19.57 -7.65
C ILE A 549 -39.90 18.98 -6.65
N THR A 550 -40.57 19.86 -5.90
CA THR A 550 -41.55 19.49 -4.85
C THR A 550 -42.96 19.94 -5.24
N ASP A 551 -43.08 20.91 -6.14
CA ASP A 551 -44.40 21.46 -6.57
C ASP A 551 -45.15 20.31 -7.27
N LYS A 552 -46.33 19.94 -6.77
CA LYS A 552 -47.01 18.70 -7.25
C LYS A 552 -47.46 18.90 -8.70
N GLU A 553 -47.83 20.13 -9.09
CA GLU A 553 -48.25 20.42 -10.49
C GLU A 553 -47.04 20.22 -11.41
N GLN A 554 -45.85 20.65 -10.99
CA GLN A 554 -44.62 20.48 -11.79
C GLN A 554 -44.27 18.99 -11.88
N ILE A 555 -44.35 18.24 -10.78
CA ILE A 555 -44.08 16.78 -10.78
C ILE A 555 -45.00 16.13 -11.82
N GLU A 556 -46.27 16.49 -11.80
CA GLU A 556 -47.27 15.86 -12.69
C GLU A 556 -47.03 16.24 -14.15
N ARG A 557 -46.69 17.52 -14.45
CA ARG A 557 -46.49 17.95 -15.86
C ARG A 557 -45.23 17.27 -16.41
N ASP A 558 -44.23 17.04 -15.58
CA ASP A 558 -43.01 16.33 -16.03
C ASP A 558 -43.34 14.85 -16.28
N LEU A 559 -44.13 14.22 -15.42
CA LEU A 559 -44.57 12.81 -15.62
C LEU A 559 -45.37 12.72 -16.91
N LYS A 560 -46.33 13.64 -17.12
CA LYS A 560 -47.21 13.53 -18.30
C LYS A 560 -46.37 13.64 -19.57
N TYR A 561 -45.37 14.51 -19.61
CA TYR A 561 -44.57 14.73 -20.84
C TYR A 561 -43.64 13.53 -21.07
N TYR A 562 -42.97 13.06 -20.03
CA TYR A 562 -41.87 12.09 -20.22
C TYR A 562 -42.35 10.64 -20.14
N GLN A 563 -43.51 10.32 -19.55
CA GLN A 563 -43.79 8.90 -19.23
C GLN A 563 -43.94 8.06 -20.51
N THR A 564 -44.35 8.67 -21.62
CA THR A 564 -44.51 7.96 -22.93
C THR A 564 -43.22 8.05 -23.77
N LYS A 565 -42.15 8.67 -23.25
CA LYS A 565 -40.89 8.87 -24.00
C LYS A 565 -39.96 7.67 -23.88
N ILE A 566 -40.24 6.72 -22.98
CA ILE A 566 -39.38 5.51 -22.80
C ILE A 566 -39.97 4.42 -23.68
N PRO A 567 -39.25 3.98 -24.74
CA PRO A 567 -39.73 2.85 -25.54
C PRO A 567 -39.90 1.52 -24.79
N GLN A 568 -40.69 0.60 -25.33
CA GLN A 568 -40.91 -0.74 -24.72
C GLN A 568 -39.62 -1.56 -24.79
N SER A 569 -38.86 -1.45 -25.88
CA SER A 569 -37.71 -2.33 -26.16
C SER A 569 -36.38 -1.66 -25.75
N ASP A 570 -35.52 -2.46 -25.12
CA ASP A 570 -34.08 -2.12 -24.92
C ASP A 570 -33.95 -0.92 -23.99
N THR A 571 -34.88 -0.80 -23.05
CA THR A 571 -34.85 0.22 -21.99
C THR A 571 -34.79 -0.49 -20.64
N PRO A 572 -33.82 -0.11 -19.80
CA PRO A 572 -33.58 -0.86 -18.58
C PRO A 572 -34.55 -0.49 -17.46
N ALA A 573 -34.58 -1.34 -16.43
CA ALA A 573 -35.54 -1.21 -15.31
C ALA A 573 -35.06 -0.12 -14.35
N MET A 574 -35.08 1.13 -14.80
CA MET A 574 -34.56 2.30 -14.07
C MET A 574 -35.45 3.50 -14.35
N THR A 575 -36.76 3.28 -14.37
CA THR A 575 -37.74 4.29 -14.83
C THR A 575 -39.06 4.10 -14.13
N GLN A 576 -39.72 2.97 -14.38
CA GLN A 576 -41.15 2.82 -14.05
C GLN A 576 -41.33 2.76 -12.53
N ALA A 577 -40.33 2.32 -11.78
CA ALA A 577 -40.41 2.29 -10.31
C ALA A 577 -40.49 3.72 -9.80
N ILE A 578 -39.78 4.65 -10.47
CA ILE A 578 -39.79 6.09 -10.08
C ILE A 578 -41.17 6.66 -10.42
N PHE A 579 -41.68 6.41 -11.61
CA PHE A 579 -43.06 6.81 -11.98
C PHE A 579 -44.03 6.33 -10.89
N SER A 580 -43.95 5.06 -10.48
CA SER A 580 -44.86 4.45 -9.46
C SER A 580 -44.76 5.27 -8.18
N LEU A 581 -43.54 5.47 -7.71
CA LEU A 581 -43.29 6.18 -6.44
C LEU A 581 -43.89 7.59 -6.51
N LEU A 582 -43.65 8.34 -7.60
CA LEU A 582 -44.15 9.73 -7.75
C LEU A 582 -45.67 9.71 -7.80
N TYR A 583 -46.29 8.75 -8.48
CA TYR A 583 -47.77 8.68 -8.50
C TYR A 583 -48.31 8.30 -7.13
N SER A 584 -47.63 7.44 -6.36
CA SER A 584 -48.03 7.15 -4.96
C SER A 584 -48.00 8.46 -4.15
N ARG A 585 -46.96 9.27 -4.32
CA ARG A 585 -46.78 10.54 -3.57
C ARG A 585 -47.87 11.53 -3.99
N LEU A 586 -48.34 11.46 -5.24
CA LEU A 586 -49.47 12.28 -5.76
C LEU A 586 -50.81 11.64 -5.38
N GLU A 587 -50.80 10.53 -4.63
CA GLU A 587 -52.00 9.80 -4.13
C GLU A 587 -52.87 9.33 -5.31
N ASP A 588 -52.23 8.87 -6.39
CA ASP A 588 -52.91 8.27 -7.57
C ASP A 588 -52.65 6.76 -7.57
N SER A 589 -53.54 6.00 -6.94
CA SER A 589 -53.44 4.54 -6.70
C SER A 589 -53.39 3.74 -8.01
N ASP A 590 -54.23 4.06 -8.99
CA ASP A 590 -54.30 3.31 -10.26
C ASP A 590 -52.99 3.47 -11.06
N GLN A 591 -52.50 4.70 -11.22
CA GLN A 591 -51.24 4.96 -11.97
C GLN A 591 -50.06 4.40 -11.18
N ALA A 592 -50.02 4.56 -9.85
CA ALA A 592 -48.90 4.03 -9.04
C ALA A 592 -48.82 2.50 -9.24
N TYR A 593 -49.95 1.79 -9.20
CA TYR A 593 -49.95 0.31 -9.30
C TYR A 593 -49.62 -0.11 -10.74
N HIS A 594 -50.13 0.62 -11.74
CA HIS A 594 -49.84 0.37 -13.17
C HIS A 594 -48.30 0.36 -13.36
N TRP A 595 -47.64 1.40 -12.86
CA TRP A 595 -46.18 1.58 -13.07
C TRP A 595 -45.39 0.59 -12.21
N PHE A 596 -45.85 0.25 -11.00
CA PHE A 596 -45.26 -0.82 -10.14
C PHE A 596 -45.16 -2.13 -10.93
N LYS A 597 -46.26 -2.58 -11.51
CA LYS A 597 -46.26 -3.86 -12.27
C LYS A 597 -45.37 -3.73 -13.50
N ASP A 598 -45.48 -2.61 -14.21
CA ASP A 598 -44.73 -2.39 -15.48
C ASP A 598 -43.23 -2.39 -15.20
N ALA A 599 -42.83 -2.05 -13.98
CA ALA A 599 -41.40 -1.86 -13.62
C ALA A 599 -40.68 -3.21 -13.68
N TYR A 600 -41.35 -4.35 -13.48
CA TYR A 600 -40.60 -5.63 -13.36
C TYR A 600 -41.36 -6.84 -13.93
N GLN A 601 -42.70 -6.84 -13.99
CA GLN A 601 -43.41 -8.05 -14.45
C GLN A 601 -43.09 -8.34 -15.92
N PRO A 602 -42.91 -7.34 -16.80
CA PRO A 602 -42.52 -7.63 -18.19
C PRO A 602 -41.07 -8.07 -18.39
N ASN A 603 -40.32 -8.15 -17.28
CA ASN A 603 -38.86 -8.42 -17.31
C ASN A 603 -38.57 -9.79 -16.71
N LEU A 604 -39.59 -10.58 -16.36
CA LEU A 604 -39.37 -11.84 -15.60
C LEU A 604 -38.93 -12.98 -16.50
N ASN A 605 -38.16 -13.91 -15.93
CA ASN A 605 -37.70 -15.14 -16.60
C ASN A 605 -38.06 -16.37 -15.78
N PRO A 606 -38.46 -17.48 -16.43
CA PRO A 606 -38.89 -18.68 -15.72
C PRO A 606 -37.67 -19.51 -15.33
N PRO A 607 -37.81 -20.50 -14.41
CA PRO A 607 -39.06 -20.77 -13.72
C PRO A 607 -39.23 -20.09 -12.34
N PHE A 608 -38.30 -19.21 -11.96
CA PHE A 608 -38.23 -18.61 -10.59
C PHE A 608 -38.57 -17.12 -10.60
N ARG A 609 -39.03 -16.57 -11.73
CA ARG A 609 -39.41 -15.14 -11.85
C ARG A 609 -38.22 -14.25 -11.45
N VAL A 610 -37.03 -14.62 -11.92
CA VAL A 610 -35.86 -13.70 -11.81
C VAL A 610 -36.08 -12.53 -12.76
N ILE A 611 -35.39 -11.42 -12.52
CA ILE A 611 -35.60 -10.11 -13.19
C ILE A 611 -34.48 -9.85 -14.19
N SER A 612 -34.81 -9.68 -15.46
CA SER A 612 -33.90 -9.21 -16.53
C SER A 612 -33.86 -7.69 -16.56
N GLU A 613 -32.83 -7.17 -17.21
CA GLU A 613 -32.56 -5.71 -17.28
C GLU A 613 -33.69 -4.99 -18.02
N CYS A 614 -34.13 -5.52 -19.15
CA CYS A 614 -35.12 -4.87 -20.04
C CYS A 614 -36.35 -5.78 -20.21
N LYS A 615 -37.42 -5.19 -20.68
CA LYS A 615 -38.66 -5.95 -20.98
C LYS A 615 -38.35 -7.06 -21.98
N GLY A 616 -38.76 -8.29 -21.67
CA GLY A 616 -38.51 -9.47 -22.51
C GLY A 616 -37.04 -9.82 -22.61
N GLY A 617 -36.22 -9.28 -21.71
CA GLY A 617 -34.78 -9.58 -21.67
C GLY A 617 -34.50 -10.97 -21.14
N THR A 618 -33.26 -11.40 -21.30
CA THR A 618 -32.82 -12.77 -20.93
C THR A 618 -31.47 -12.69 -20.23
N ASN A 619 -31.24 -11.67 -19.39
CA ASN A 619 -29.93 -11.49 -18.70
C ASN A 619 -30.12 -11.25 -17.20
N PRO A 620 -30.88 -12.11 -16.46
CA PRO A 620 -31.07 -11.89 -15.02
C PRO A 620 -29.75 -12.14 -14.28
N TYR A 621 -29.64 -11.71 -13.02
CA TYR A 621 -30.65 -11.01 -12.25
C TYR A 621 -30.25 -9.53 -12.09
N PHE A 622 -31.10 -8.61 -12.53
CA PHE A 622 -30.84 -7.16 -12.53
C PHE A 622 -31.26 -6.62 -11.16
N SER A 623 -30.35 -6.75 -10.20
N SER A 623 -30.36 -6.69 -10.19
CA SER A 623 -30.46 -6.25 -8.81
CA SER A 623 -30.65 -6.25 -8.80
C SER A 623 -30.86 -4.77 -8.79
C SER A 623 -30.86 -4.74 -8.75
N THR A 624 -30.31 -3.96 -9.70
CA THR A 624 -30.67 -2.53 -9.84
C THR A 624 -32.21 -2.39 -9.93
N GLY A 625 -32.81 -3.23 -10.75
CA GLY A 625 -34.26 -3.15 -11.00
C GLY A 625 -35.02 -3.43 -9.73
N ALA A 626 -34.62 -4.47 -9.01
CA ALA A 626 -35.19 -4.85 -7.70
C ALA A 626 -35.05 -3.67 -6.71
N GLY A 627 -33.89 -3.03 -6.67
CA GLY A 627 -33.70 -1.87 -5.79
C GLY A 627 -34.69 -0.77 -6.08
N GLY A 628 -34.90 -0.45 -7.35
CA GLY A 628 -35.85 0.61 -7.72
C GLY A 628 -37.27 0.23 -7.30
N VAL A 629 -37.66 -1.01 -7.56
CA VAL A 629 -39.04 -1.46 -7.20
C VAL A 629 -39.19 -1.45 -5.68
N LEU A 630 -38.18 -1.84 -4.93
CA LEU A 630 -38.25 -1.75 -3.44
C LEU A 630 -38.43 -0.31 -3.00
N GLN A 631 -37.84 0.69 -3.68
CA GLN A 631 -38.13 2.12 -3.39
C GLN A 631 -39.59 2.41 -3.70
N ALA A 632 -40.13 1.90 -4.81
CA ALA A 632 -41.56 2.16 -5.13
C ALA A 632 -42.44 1.61 -4.00
N VAL A 633 -42.04 0.50 -3.38
CA VAL A 633 -42.85 -0.13 -2.29
C VAL A 633 -42.65 0.62 -0.98
N ILE A 634 -41.41 0.87 -0.58
CA ILE A 634 -41.08 1.43 0.76
C ILE A 634 -41.34 2.94 0.78
N MET A 635 -40.76 3.67 -0.18
CA MET A 635 -40.85 5.15 -0.26
C MET A 635 -42.12 5.60 -0.96
N GLY A 636 -42.69 4.77 -1.83
CA GLY A 636 -43.93 5.11 -2.56
C GLY A 636 -45.16 4.65 -1.81
N PHE A 637 -45.48 3.36 -1.86
CA PHE A 637 -46.68 2.81 -1.20
C PHE A 637 -46.59 3.02 0.31
N GLY A 638 -45.39 2.92 0.90
CA GLY A 638 -45.16 3.10 2.34
C GLY A 638 -45.00 4.54 2.75
N GLY A 639 -44.75 5.45 1.81
CA GLY A 639 -44.59 6.91 2.06
C GLY A 639 -43.32 7.24 2.84
N LEU A 640 -42.38 6.31 3.00
CA LEU A 640 -41.19 6.56 3.84
C LEU A 640 -40.20 7.43 3.08
N ASP A 641 -39.54 8.34 3.79
CA ASP A 641 -38.76 9.43 3.17
C ASP A 641 -37.56 9.71 4.07
N ILE A 642 -36.42 9.97 3.45
CA ILE A 642 -35.22 10.48 4.16
C ILE A 642 -35.42 11.99 4.32
N ASP A 643 -35.68 12.40 5.56
CA ASP A 643 -35.96 13.82 5.95
C ASP A 643 -34.68 14.63 5.76
N ALA A 644 -34.77 15.77 5.07
CA ALA A 644 -33.66 16.72 4.86
C ALA A 644 -33.03 17.12 6.20
N ALA A 645 -33.81 17.12 7.28
CA ALA A 645 -33.33 17.56 8.62
C ALA A 645 -32.76 16.38 9.40
N GLY A 646 -32.89 15.16 8.88
CA GLY A 646 -32.42 13.96 9.59
C GLY A 646 -33.55 13.00 9.91
N GLY A 647 -33.25 11.70 9.83
CA GLY A 647 -34.16 10.62 10.21
C GLY A 647 -35.10 10.25 9.07
N ILE A 648 -35.95 9.27 9.33
CA ILE A 648 -36.99 8.76 8.38
C ILE A 648 -38.33 9.38 8.81
N LYS A 649 -39.04 9.95 7.85
CA LYS A 649 -40.40 10.49 8.08
C LYS A 649 -41.33 9.78 7.11
N GLN A 650 -42.64 9.91 7.32
CA GLN A 650 -43.64 9.32 6.41
C GLN A 650 -44.45 10.46 5.79
N VAL A 651 -44.57 10.48 4.47
CA VAL A 651 -45.41 11.45 3.70
C VAL A 651 -46.67 10.71 3.26
N LYS A 652 -47.66 11.45 2.74
CA LYS A 652 -48.92 10.88 2.24
C LYS A 652 -48.62 9.88 1.12
N SER A 653 -49.32 8.75 1.12
CA SER A 653 -49.18 7.70 0.10
C SER A 653 -50.53 7.02 -0.11
N VAL A 654 -50.61 6.21 -1.16
CA VAL A 654 -51.77 5.32 -1.43
C VAL A 654 -51.24 3.89 -1.64
N LEU A 655 -52.09 2.89 -1.35
CA LEU A 655 -51.83 1.46 -1.68
C LEU A 655 -52.53 1.11 -2.99
N PRO A 656 -52.04 0.07 -3.70
CA PRO A 656 -52.83 -0.58 -4.74
C PRO A 656 -54.20 -0.98 -4.20
N LYS A 657 -55.24 -0.82 -5.04
CA LYS A 657 -56.65 -1.17 -4.72
C LYS A 657 -56.73 -2.52 -3.99
N ASN A 658 -56.03 -3.52 -4.51
CA ASN A 658 -56.12 -4.96 -4.15
C ASN A 658 -55.21 -5.28 -2.95
N TRP A 659 -54.38 -4.35 -2.49
CA TRP A 659 -53.56 -4.54 -1.27
C TRP A 659 -54.38 -4.13 -0.05
N LYS A 660 -54.66 -5.06 0.85
CA LYS A 660 -55.44 -4.81 2.08
C LYS A 660 -54.55 -4.20 3.17
N LYS A 661 -53.25 -4.55 3.19
CA LYS A 661 -52.34 -4.11 4.27
C LYS A 661 -50.90 -4.25 3.76
N LEU A 662 -50.10 -3.24 4.08
CA LEU A 662 -48.64 -3.19 3.81
C LEU A 662 -47.95 -2.95 5.15
N THR A 663 -47.10 -3.89 5.58
CA THR A 663 -46.35 -3.82 6.85
C THR A 663 -44.86 -3.86 6.50
N ILE A 664 -44.14 -2.82 6.91
CA ILE A 664 -42.68 -2.68 6.66
C ILE A 664 -42.02 -2.66 8.04
N THR A 665 -41.13 -3.61 8.31
CA THR A 665 -40.47 -3.76 9.62
C THR A 665 -38.98 -3.41 9.52
N GLY A 666 -38.40 -3.05 10.67
CA GLY A 666 -36.97 -2.82 10.85
C GLY A 666 -36.49 -1.51 10.21
N ILE A 667 -37.31 -0.44 10.20
CA ILE A 667 -36.98 0.82 9.47
C ILE A 667 -36.19 1.78 10.38
N GLY A 668 -35.09 2.30 9.87
CA GLY A 668 -34.30 3.35 10.54
C GLY A 668 -33.52 2.79 11.72
N ILE A 669 -32.74 3.63 12.40
CA ILE A 669 -31.89 3.16 13.53
C ILE A 669 -32.80 2.76 14.71
N GLU A 670 -34.04 3.24 14.76
CA GLU A 670 -35.01 2.86 15.83
C GLU A 670 -35.79 1.57 15.46
N LYS A 671 -35.57 0.99 14.28
CA LYS A 671 -36.17 -0.31 13.87
C LYS A 671 -37.69 -0.23 14.00
N LYS A 672 -38.29 0.78 13.36
CA LYS A 672 -39.73 1.08 13.44
C LYS A 672 -40.50 0.17 12.48
N THR A 673 -41.72 -0.21 12.87
CA THR A 673 -42.70 -0.91 12.00
C THR A 673 -43.71 0.12 11.49
N PHE A 674 -43.97 0.13 10.18
CA PHE A 674 -45.03 0.97 9.56
C PHE A 674 -46.10 0.05 8.98
N VAL A 675 -47.36 0.29 9.36
CA VAL A 675 -48.53 -0.43 8.81
C VAL A 675 -49.36 0.57 8.02
N LEU A 676 -49.67 0.23 6.78
CA LEU A 676 -50.57 1.03 5.91
C LEU A 676 -51.76 0.18 5.51
N THR A 677 -52.95 0.78 5.54
CA THR A 677 -54.22 0.19 5.02
C THR A 677 -54.93 1.27 4.18
N HIS A 678 -56.01 0.90 3.51
CA HIS A 678 -56.96 1.82 2.84
C HIS A 678 -57.83 2.54 3.88
N HIS B 20 15.34 39.54 -32.05
CA HIS B 20 15.40 38.34 -31.17
C HIS B 20 15.28 38.73 -29.68
N GLN B 21 14.71 39.91 -29.38
CA GLN B 21 14.53 40.39 -27.98
C GLN B 21 13.04 40.58 -27.67
N ASP B 22 12.18 39.74 -28.28
CA ASP B 22 10.73 39.66 -27.95
C ASP B 22 10.64 39.26 -26.47
N PRO B 23 9.88 39.98 -25.63
CA PRO B 23 9.83 39.66 -24.20
C PRO B 23 9.02 38.39 -23.89
N TRP B 24 8.31 37.86 -24.89
CA TRP B 24 7.43 36.67 -24.73
C TRP B 24 7.81 35.50 -25.65
N LYS B 25 8.66 35.71 -26.65
CA LYS B 25 8.91 34.65 -27.67
C LYS B 25 10.40 34.45 -27.92
N LEU B 26 10.80 33.20 -28.09
CA LEU B 26 12.17 32.80 -28.48
C LEU B 26 12.09 32.29 -29.91
N SER B 27 12.81 32.92 -30.85
CA SER B 27 12.73 32.63 -32.31
C SER B 27 14.07 32.09 -32.81
N ALA B 28 14.02 31.10 -33.70
CA ALA B 28 15.18 30.55 -34.42
C ALA B 28 14.89 30.58 -35.93
N ASP B 29 15.73 31.27 -36.70
CA ASP B 29 15.67 31.22 -38.19
C ASP B 29 16.58 30.11 -38.67
N LYS B 30 16.06 29.25 -39.56
CA LYS B 30 16.80 28.15 -40.23
C LYS B 30 17.58 27.33 -39.21
N PRO B 31 16.88 26.58 -38.34
CA PRO B 31 17.57 25.71 -37.37
C PRO B 31 18.75 24.96 -37.99
N ASP B 32 19.91 25.04 -37.34
CA ASP B 32 21.17 24.39 -37.76
C ASP B 32 21.36 23.12 -36.92
N SER B 33 21.07 21.93 -37.46
CA SER B 33 21.18 20.64 -36.72
C SER B 33 22.60 20.41 -36.20
N ASN B 34 23.63 21.05 -36.77
CA ASN B 34 25.04 20.90 -36.31
C ASN B 34 25.29 21.73 -35.04
N ASN B 35 24.39 22.62 -34.66
CA ASN B 35 24.58 23.48 -33.46
C ASN B 35 23.22 23.90 -32.90
N TYR B 36 22.42 22.91 -32.51
CA TYR B 36 21.02 23.13 -32.10
C TYR B 36 20.76 22.44 -30.78
N TYR B 37 20.25 23.19 -29.80
CA TYR B 37 19.78 22.67 -28.49
C TYR B 37 18.28 22.98 -28.40
N GLY B 38 17.45 21.95 -28.49
CA GLY B 38 16.00 22.10 -28.54
C GLY B 38 15.43 22.71 -27.28
N GLU B 39 14.28 23.33 -27.46
CA GLU B 39 13.47 23.91 -26.34
C GLU B 39 12.36 22.94 -25.96
N THR B 40 11.85 23.12 -24.75
CA THR B 40 10.88 22.18 -24.15
C THR B 40 9.55 22.88 -24.01
N VAL B 41 8.46 22.17 -24.33
CA VAL B 41 7.09 22.50 -23.85
C VAL B 41 6.68 21.40 -22.87
N ALA B 42 6.08 21.78 -21.76
CA ALA B 42 5.75 20.82 -20.71
C ALA B 42 4.64 21.36 -19.83
N ASN B 43 3.98 20.41 -19.18
CA ASN B 43 2.85 20.73 -18.27
C ASN B 43 3.12 20.15 -16.88
N GLY B 44 4.39 19.91 -16.56
CA GLY B 44 4.76 19.28 -15.28
C GLY B 44 4.65 17.77 -15.29
N MET B 45 4.06 17.19 -16.34
CA MET B 45 3.90 15.73 -16.46
C MET B 45 4.60 15.19 -17.70
N ILE B 46 4.36 15.82 -18.84
CA ILE B 46 5.02 15.46 -20.11
C ILE B 46 5.89 16.62 -20.52
N GLY B 47 7.12 16.34 -20.91
CA GLY B 47 7.97 17.31 -21.62
C GLY B 47 8.25 16.83 -23.02
N ILE B 48 8.18 17.76 -23.97
CA ILE B 48 8.46 17.50 -25.41
C ILE B 48 9.58 18.45 -25.82
N ILE B 49 10.71 17.88 -26.23
CA ILE B 49 11.93 18.64 -26.58
C ILE B 49 12.02 18.71 -28.10
N SER B 50 12.20 19.92 -28.64
CA SER B 50 12.11 20.18 -30.08
C SER B 50 13.28 19.54 -30.84
N SER B 51 13.01 19.25 -32.11
CA SER B 51 13.97 18.79 -33.13
C SER B 51 14.22 19.94 -34.09
N PRO B 52 15.41 20.02 -34.69
CA PRO B 52 15.62 20.95 -35.80
C PRO B 52 14.84 20.50 -37.05
N GLU B 53 14.45 19.22 -37.12
CA GLU B 53 13.71 18.68 -38.30
C GLU B 53 12.26 19.14 -38.22
N PRO B 54 11.65 19.52 -39.37
CA PRO B 54 10.26 19.94 -39.39
C PRO B 54 9.34 18.76 -39.00
N LEU B 55 8.34 19.07 -38.18
CA LEU B 55 7.23 18.16 -37.82
C LEU B 55 7.74 16.91 -37.08
N LYS B 56 8.86 17.04 -36.38
CA LYS B 56 9.40 15.98 -35.51
C LYS B 56 9.69 16.58 -34.15
N VAL B 57 9.80 15.69 -33.16
CA VAL B 57 10.28 16.07 -31.81
C VAL B 57 11.47 15.19 -31.49
N LYS B 58 12.43 15.70 -30.74
CA LYS B 58 13.69 15.00 -30.45
C LYS B 58 13.47 13.97 -29.35
N GLU B 59 12.80 14.36 -28.27
CA GLU B 59 12.68 13.50 -27.09
C GLU B 59 11.40 13.87 -26.35
N VAL B 60 10.81 12.88 -25.70
CA VAL B 60 9.61 13.01 -24.87
C VAL B 60 9.89 12.34 -23.54
N VAL B 61 9.56 13.02 -22.46
CA VAL B 61 9.84 12.52 -21.08
C VAL B 61 8.54 12.58 -20.29
N LEU B 62 8.24 11.48 -19.61
CA LEU B 62 7.08 11.38 -18.71
C LEU B 62 7.54 11.38 -17.26
N ALA B 63 7.10 12.36 -16.50
CA ALA B 63 7.41 12.42 -15.05
C ALA B 63 6.91 11.17 -14.35
N GLY B 64 7.56 10.81 -13.26
CA GLY B 64 7.04 9.76 -12.37
C GLY B 64 7.32 8.36 -12.86
N THR B 65 7.94 8.18 -14.01
CA THR B 65 8.18 6.86 -14.60
C THR B 65 9.68 6.60 -14.57
N TYR B 66 10.13 5.68 -13.74
CA TYR B 66 11.57 5.41 -13.58
C TYR B 66 11.79 3.91 -13.73
N ASP B 67 12.92 3.55 -14.32
CA ASP B 67 13.38 2.16 -14.38
C ASP B 67 14.89 2.18 -14.52
N ILE B 68 15.51 1.02 -14.30
CA ILE B 68 16.97 0.87 -14.54
C ILE B 68 17.23 1.05 -16.03
N TYR B 69 18.16 1.96 -16.38
CA TYR B 69 18.40 2.39 -17.78
C TYR B 69 19.66 3.25 -17.79
N LYS B 70 20.62 2.83 -18.56
CA LYS B 70 21.88 3.52 -18.83
C LYS B 70 22.51 4.08 -17.56
N ARG B 71 22.67 5.40 -17.49
CA ARG B 71 23.58 6.05 -16.50
C ARG B 71 23.35 5.55 -15.06
N GLY B 72 24.42 5.16 -14.40
CA GLY B 72 24.42 5.10 -12.93
C GLY B 72 23.97 3.77 -12.36
N ARG B 73 23.38 2.89 -13.18
CA ARG B 73 22.92 1.55 -12.73
C ARG B 73 21.78 1.71 -11.72
N VAL B 74 21.11 2.85 -11.72
CA VAL B 74 20.00 3.18 -10.79
C VAL B 74 18.79 3.62 -11.61
N SER B 75 17.65 3.82 -10.96
CA SER B 75 16.41 4.27 -11.64
C SER B 75 16.68 5.51 -12.48
N SER B 76 15.92 5.62 -13.57
CA SER B 76 16.08 6.77 -14.48
C SER B 76 14.76 7.05 -15.18
N PHE B 77 14.53 8.31 -15.49
CA PHE B 77 13.62 8.65 -16.60
C PHE B 77 14.06 7.87 -17.85
N ILE B 78 13.09 7.67 -18.70
CA ILE B 78 13.16 6.79 -19.90
C ILE B 78 12.78 7.66 -21.09
N PRO B 79 13.55 7.70 -22.20
CA PRO B 79 13.06 8.35 -23.41
C PRO B 79 11.77 7.65 -23.85
N ASN B 80 10.74 8.43 -24.17
CA ASN B 80 9.40 7.89 -24.43
C ASN B 80 9.03 8.02 -25.91
N TYR B 81 7.82 7.66 -26.26
CA TYR B 81 7.34 7.79 -27.65
C TYR B 81 7.42 9.25 -28.11
N ASN B 82 8.08 9.47 -29.23
CA ASN B 82 8.10 10.77 -29.95
C ASN B 82 6.76 10.88 -30.68
N LEU B 83 5.70 11.10 -29.93
CA LEU B 83 4.33 10.76 -30.38
C LEU B 83 3.83 11.75 -31.42
N LEU B 84 4.48 12.91 -31.55
CA LEU B 84 4.04 13.94 -32.54
C LEU B 84 4.69 13.73 -33.90
N ASN B 85 5.61 12.78 -34.06
CA ASN B 85 6.38 12.68 -35.31
C ASN B 85 5.43 12.49 -36.50
N MET B 86 5.61 13.33 -37.52
CA MET B 86 4.72 13.31 -38.70
C MET B 86 5.61 13.38 -39.96
N LYS B 87 5.14 12.75 -41.02
CA LYS B 87 5.72 12.92 -42.36
C LYS B 87 4.66 13.57 -43.23
N LEU B 88 5.04 14.65 -43.90
CA LEU B 88 4.14 15.40 -44.81
C LEU B 88 4.75 15.31 -46.20
N ALA B 89 3.96 14.90 -47.19
CA ALA B 89 4.36 14.88 -48.61
C ALA B 89 3.39 15.75 -49.40
N PHE B 90 3.93 16.47 -50.37
CA PHE B 90 3.13 17.26 -51.34
C PHE B 90 3.29 16.62 -52.71
N ASN B 91 2.19 16.08 -53.26
CA ASN B 91 2.13 15.41 -54.59
C ASN B 91 3.13 14.25 -54.61
N GLY B 92 3.32 13.55 -53.50
CA GLY B 92 4.23 12.40 -53.38
C GLY B 92 5.62 12.79 -52.89
N GLU B 93 5.96 14.07 -52.87
CA GLU B 93 7.32 14.52 -52.45
C GLU B 93 7.38 14.82 -50.94
N SER B 94 8.19 14.08 -50.18
CA SER B 94 8.29 14.26 -48.71
C SER B 94 8.99 15.58 -48.40
N VAL B 95 8.45 16.30 -47.43
CA VAL B 95 9.02 17.52 -46.80
C VAL B 95 10.23 17.09 -45.98
N GLN B 96 11.35 17.76 -46.23
CA GLN B 96 12.66 17.53 -45.58
C GLN B 96 13.25 18.89 -45.24
N THR B 97 14.21 18.93 -44.33
CA THR B 97 15.04 20.15 -44.07
C THR B 97 15.57 20.72 -45.39
N TYR B 98 15.92 19.87 -46.36
CA TYR B 98 16.71 20.31 -47.55
C TYR B 98 15.82 20.85 -48.68
N ASN B 99 14.50 20.68 -48.66
CA ASN B 99 13.61 21.13 -49.78
C ASN B 99 12.55 22.14 -49.28
N ILE B 100 12.71 22.68 -48.08
CA ILE B 100 11.82 23.77 -47.58
C ILE B 100 12.62 25.06 -47.54
N ASN B 101 11.96 26.20 -47.42
CA ASN B 101 12.69 27.48 -47.24
C ASN B 101 11.88 28.37 -46.30
N ASN B 102 12.52 29.44 -45.85
CA ASN B 102 11.92 30.39 -44.88
C ASN B 102 11.51 29.61 -43.63
N TYR B 103 12.27 28.57 -43.28
CA TYR B 103 11.94 27.71 -42.11
C TYR B 103 12.28 28.47 -40.83
N LYS B 104 11.32 28.56 -39.90
CA LYS B 104 11.49 29.30 -38.64
C LYS B 104 10.89 28.45 -37.51
N GLN B 105 11.47 28.53 -36.32
CA GLN B 105 10.85 27.92 -35.12
C GLN B 105 10.70 29.01 -34.07
N GLU B 106 9.67 28.90 -33.25
CA GLU B 106 9.35 29.92 -32.24
C GLU B 106 8.70 29.28 -31.04
N LEU B 107 9.20 29.61 -29.85
CA LEU B 107 8.54 29.25 -28.57
C LEU B 107 7.80 30.48 -28.06
N ASP B 108 6.48 30.39 -27.97
CA ASP B 108 5.64 31.39 -27.29
C ASP B 108 5.58 31.05 -25.80
N MET B 109 6.29 31.81 -24.99
CA MET B 109 6.38 31.55 -23.52
C MET B 109 5.04 31.88 -22.87
N ARG B 110 4.18 32.68 -23.49
CA ARG B 110 2.86 33.04 -22.89
C ARG B 110 1.96 31.81 -22.75
N ASN B 111 2.06 30.83 -23.65
CA ASN B 111 1.19 29.62 -23.59
C ASN B 111 1.96 28.35 -23.95
N GLY B 112 3.27 28.32 -23.81
CA GLY B 112 4.05 27.11 -24.10
C GLY B 112 3.74 26.52 -25.47
N ALA B 113 3.50 27.35 -26.48
CA ALA B 113 3.28 26.87 -27.85
C ALA B 113 4.64 26.82 -28.56
N PHE B 114 4.99 25.68 -29.11
CA PHE B 114 6.17 25.57 -30.01
C PHE B 114 5.64 25.55 -31.45
N THR B 115 6.07 26.51 -32.28
CA THR B 115 5.55 26.64 -33.67
C THR B 115 6.70 26.55 -34.67
N GLY B 116 6.57 25.67 -35.66
CA GLY B 116 7.41 25.69 -36.85
C GLY B 116 6.62 26.25 -38.00
N SER B 117 7.30 26.90 -38.94
CA SER B 117 6.65 27.42 -40.15
C SER B 117 7.66 27.37 -41.29
N PHE B 118 7.20 27.04 -42.49
CA PHE B 118 8.10 26.98 -43.66
C PHE B 118 7.26 27.07 -44.92
N GLN B 119 7.98 27.34 -46.01
CA GLN B 119 7.44 27.30 -47.38
C GLN B 119 7.96 26.03 -48.08
N PHE B 120 7.06 25.35 -48.75
CA PHE B 120 7.36 24.18 -49.61
C PHE B 120 7.24 24.63 -51.07
N LYS B 121 8.41 24.94 -51.65
CA LYS B 121 8.55 25.24 -53.09
C LYS B 121 7.50 26.28 -53.49
N ASP B 122 6.71 25.98 -54.53
CA ASP B 122 5.68 26.89 -55.07
C ASP B 122 4.28 26.42 -54.65
N LEU B 123 4.20 25.51 -53.68
CA LEU B 123 2.91 24.80 -53.42
C LEU B 123 2.18 25.38 -52.19
N ALA B 124 2.87 25.48 -51.04
CA ALA B 124 2.17 25.74 -49.77
C ALA B 124 3.10 26.30 -48.70
N THR B 125 2.47 27.03 -47.77
CA THR B 125 3.06 27.48 -46.50
C THR B 125 2.50 26.55 -45.42
N VAL B 126 3.37 26.03 -44.57
CA VAL B 126 2.97 25.11 -43.48
C VAL B 126 3.29 25.79 -42.16
N THR B 127 2.35 25.74 -41.22
CA THR B 127 2.58 26.15 -39.82
C THR B 127 2.10 25.01 -38.94
N TYR B 128 2.87 24.70 -37.92
CA TYR B 128 2.47 23.68 -36.93
C TYR B 128 2.81 24.22 -35.55
N SER B 129 1.88 24.04 -34.62
CA SER B 129 2.05 24.51 -33.22
C SER B 129 1.75 23.30 -32.36
N TYR B 130 2.58 23.01 -31.37
CA TYR B 130 2.23 21.93 -30.42
C TYR B 130 2.35 22.43 -28.99
N TYR B 131 1.65 21.68 -28.15
CA TYR B 131 1.31 22.01 -26.74
C TYR B 131 1.36 20.76 -25.89
N ALA B 132 1.91 20.90 -24.69
CA ALA B 132 1.69 19.94 -23.59
C ALA B 132 0.52 20.51 -22.80
N LEU B 133 -0.68 19.96 -23.00
CA LEU B 133 -1.90 20.68 -22.58
C LEU B 133 -1.84 20.95 -21.08
N ARG B 134 -2.06 22.19 -20.70
CA ARG B 134 -1.71 22.63 -19.32
C ARG B 134 -2.70 22.00 -18.33
N HIS B 135 -3.94 21.80 -18.75
CA HIS B 135 -5.00 21.31 -17.83
C HIS B 135 -5.05 19.79 -17.83
N LEU B 136 -4.54 19.12 -18.85
CA LEU B 136 -4.64 17.64 -19.01
C LEU B 136 -3.24 17.07 -18.96
N PRO B 137 -2.79 16.59 -17.78
CA PRO B 137 -1.38 16.24 -17.60
C PRO B 137 -0.85 15.27 -18.65
N HIS B 138 -1.69 14.34 -19.11
CA HIS B 138 -1.27 13.26 -20.01
C HIS B 138 -1.63 13.51 -21.47
N CYS B 139 -2.04 14.71 -21.85
CA CYS B 139 -2.47 14.98 -23.24
C CYS B 139 -1.63 16.05 -23.92
N ILE B 140 -1.40 15.81 -25.19
CA ILE B 140 -0.61 16.69 -26.10
C ILE B 140 -1.46 16.99 -27.32
N MET B 141 -1.24 18.15 -27.93
CA MET B 141 -1.94 18.47 -29.19
C MET B 141 -0.99 19.19 -30.14
N MET B 142 -1.05 18.86 -31.42
CA MET B 142 -0.40 19.65 -32.48
C MET B 142 -1.44 20.04 -33.51
N VAL B 143 -1.45 21.32 -33.89
CA VAL B 143 -2.38 21.88 -34.91
C VAL B 143 -1.54 22.19 -36.15
N VAL B 144 -1.94 21.65 -37.29
CA VAL B 144 -1.19 21.86 -38.57
C VAL B 144 -2.08 22.68 -39.49
N ASN B 145 -1.51 23.74 -40.07
CA ASN B 145 -2.21 24.60 -41.06
C ASN B 145 -1.43 24.59 -42.37
N ILE B 146 -2.13 24.33 -43.46
CA ILE B 146 -1.52 24.32 -44.82
C ILE B 146 -2.26 25.36 -45.65
N ASN B 147 -1.51 26.37 -46.10
CA ASN B 147 -2.06 27.45 -46.96
C ASN B 147 -1.41 27.33 -48.34
N THR B 148 -2.23 26.99 -49.33
CA THR B 148 -1.74 26.61 -50.70
C THR B 148 -1.63 27.83 -51.62
N GLN B 149 -0.55 27.84 -52.37
CA GLN B 149 -0.35 28.78 -53.50
C GLN B 149 -0.68 28.11 -54.84
N LYS B 150 -0.72 26.78 -54.89
CA LYS B 150 -1.15 25.99 -56.07
C LYS B 150 -1.98 24.79 -55.62
N ASP B 151 -2.76 24.20 -56.52
CA ASP B 151 -3.47 22.92 -56.26
C ASP B 151 -2.43 21.92 -55.80
N THR B 152 -2.76 21.17 -54.76
CA THR B 152 -1.82 20.11 -54.32
C THR B 152 -2.58 19.00 -53.62
N GLU B 153 -1.91 17.88 -53.50
CA GLU B 153 -2.43 16.76 -52.69
C GLU B 153 -1.41 16.50 -51.58
N ILE B 154 -1.86 16.53 -50.34
CA ILE B 154 -0.97 16.20 -49.21
C ILE B 154 -1.16 14.74 -48.83
N ASN B 155 -0.06 14.12 -48.41
CA ASN B 155 -0.13 12.85 -47.69
C ASN B 155 0.45 13.12 -46.30
N VAL B 156 -0.31 12.73 -45.28
CA VAL B 156 0.04 13.00 -43.88
C VAL B 156 0.17 11.66 -43.18
N GLU B 157 1.30 11.46 -42.52
CA GLU B 157 1.50 10.24 -41.71
C GLU B 157 1.90 10.65 -40.31
N ASN B 158 1.27 10.02 -39.32
CA ASN B 158 1.73 10.10 -37.91
C ASN B 158 2.34 8.75 -37.57
N LEU B 159 3.57 8.77 -37.09
CA LEU B 159 4.35 7.54 -36.78
C LEU B 159 4.41 7.36 -35.27
N LEU B 160 4.14 6.14 -34.82
CA LEU B 160 4.46 5.74 -33.42
C LEU B 160 5.58 4.72 -33.45
N GLU B 161 6.79 5.25 -33.30
CA GLU B 161 8.01 4.45 -33.24
C GLU B 161 8.29 4.15 -31.79
N THR B 162 8.38 2.87 -31.43
CA THR B 162 8.79 2.49 -30.08
C THR B 162 10.27 2.80 -29.92
N PRO B 163 10.63 3.64 -28.94
CA PRO B 163 12.05 3.97 -28.76
C PRO B 163 12.76 2.71 -28.24
N SER B 164 14.06 2.67 -28.43
CA SER B 164 14.93 1.53 -28.07
C SER B 164 14.97 1.36 -26.54
N SER B 165 14.54 2.37 -25.79
CA SER B 165 14.43 2.29 -24.32
C SER B 165 13.30 1.38 -23.88
N LEU B 166 12.35 1.09 -24.77
CA LEU B 166 11.18 0.29 -24.40
C LEU B 166 11.21 -1.06 -25.11
N ASN B 167 10.42 -2.01 -24.59
CA ASN B 167 10.44 -3.38 -25.12
C ASN B 167 9.05 -3.99 -25.12
N ASN B 168 8.92 -5.07 -25.88
CA ASN B 168 7.70 -5.90 -25.84
C ASN B 168 6.50 -5.06 -26.26
N GLN B 169 6.71 -4.19 -27.22
CA GLN B 169 5.65 -3.31 -27.73
C GLN B 169 4.58 -4.09 -28.46
N GLN B 170 3.39 -3.51 -28.45
CA GLN B 170 2.25 -3.91 -29.27
C GLN B 170 1.71 -2.68 -29.96
N ASN B 171 1.34 -2.83 -31.20
CA ASN B 171 0.90 -1.73 -32.07
C ASN B 171 -0.54 -1.99 -32.52
N TYR B 172 -1.44 -1.12 -32.10
CA TYR B 172 -2.90 -1.30 -32.33
C TYR B 172 -3.48 -0.16 -33.13
N PHE B 173 -4.63 -0.40 -33.75
CA PHE B 173 -5.37 0.65 -34.44
C PHE B 173 -6.83 0.27 -34.42
N GLN B 174 -7.72 1.24 -34.17
CA GLN B 174 -9.16 0.92 -34.27
C GLN B 174 -9.94 2.21 -34.50
N ASN B 175 -11.19 2.03 -34.88
CA ASN B 175 -12.13 3.15 -35.07
C ASN B 175 -13.14 3.14 -33.93
N ILE B 176 -13.27 4.26 -33.24
CA ILE B 176 -14.35 4.51 -32.25
C ILE B 176 -15.42 5.33 -32.95
N THR B 177 -16.62 4.78 -33.06
CA THR B 177 -17.67 5.38 -33.91
C THR B 177 -18.97 5.52 -33.14
N ASN B 178 -19.72 6.54 -33.55
CA ASN B 178 -21.16 6.68 -33.25
C ASN B 178 -21.75 7.38 -34.46
N THR B 179 -22.99 7.85 -34.39
CA THR B 179 -23.65 8.41 -35.60
C THR B 179 -22.93 9.71 -36.00
N HIS B 180 -22.18 10.35 -35.09
CA HIS B 180 -21.60 11.69 -35.34
C HIS B 180 -20.09 11.61 -35.62
N VAL B 181 -19.37 10.61 -35.12
CA VAL B 181 -17.89 10.65 -35.17
C VAL B 181 -17.32 9.32 -35.65
N ASN B 182 -16.13 9.43 -36.20
CA ASN B 182 -15.21 8.29 -36.44
C ASN B 182 -13.87 8.76 -35.92
N ILE B 183 -13.49 8.28 -34.74
CA ILE B 183 -12.22 8.64 -34.04
C ILE B 183 -11.26 7.49 -34.31
N PRO B 184 -10.29 7.63 -35.22
CA PRO B 184 -9.34 6.55 -35.45
C PRO B 184 -8.19 6.68 -34.46
N LEU B 185 -7.96 5.62 -33.69
CA LEU B 185 -6.96 5.60 -32.61
C LEU B 185 -5.75 4.76 -33.03
N LEU B 186 -4.59 5.40 -33.01
CA LEU B 186 -3.29 4.74 -33.21
C LEU B 186 -2.66 4.55 -31.84
N THR B 187 -2.52 3.32 -31.35
CA THR B 187 -2.14 3.08 -29.96
C THR B 187 -0.92 2.17 -29.94
N SER B 188 0.00 2.44 -29.05
CA SER B 188 1.06 1.48 -28.72
C SER B 188 1.10 1.27 -27.23
N VAL B 189 1.49 0.10 -26.83
CA VAL B 189 1.75 -0.26 -25.41
C VAL B 189 3.11 -0.90 -25.36
N ALA B 190 3.96 -0.56 -24.40
CA ALA B 190 5.29 -1.17 -24.28
C ALA B 190 5.72 -1.08 -22.84
N PHE B 191 6.89 -1.61 -22.58
CA PHE B 191 7.44 -1.75 -21.21
C PHE B 191 8.80 -1.07 -21.10
N THR B 192 9.06 -0.54 -19.91
CA THR B 192 10.40 -0.05 -19.56
C THR B 192 11.36 -1.23 -19.43
N PRO B 193 12.69 -0.98 -19.40
CA PRO B 193 13.66 -2.08 -19.55
C PRO B 193 13.50 -3.34 -18.67
N THR B 194 13.17 -3.19 -17.40
CA THR B 194 13.05 -4.35 -16.50
C THR B 194 11.61 -4.84 -16.43
N GLY B 195 10.70 -4.22 -17.15
CA GLY B 195 9.27 -4.52 -17.07
C GLY B 195 8.56 -3.79 -15.95
N ARG B 196 9.22 -2.87 -15.25
CA ARG B 196 8.72 -2.13 -14.03
C ARG B 196 7.45 -1.37 -14.37
N SER B 197 7.38 -0.82 -15.57
N SER B 197 7.45 -0.71 -15.52
CA SER B 197 6.32 0.13 -15.92
CA SER B 197 6.32 0.18 -15.92
C SER B 197 5.81 -0.16 -17.34
C SER B 197 5.80 -0.27 -17.29
N LYS B 198 4.48 -0.18 -17.47
CA LYS B 198 3.81 -0.33 -18.77
C LYS B 198 3.41 1.06 -19.25
N ILE B 199 3.84 1.42 -20.45
CA ILE B 199 3.53 2.73 -21.06
C ILE B 199 2.49 2.51 -22.14
N ALA B 200 1.51 3.39 -22.22
CA ALA B 200 0.54 3.41 -23.33
C ALA B 200 0.49 4.81 -23.94
N VAL B 201 0.40 4.86 -25.24
CA VAL B 201 0.24 6.09 -26.01
C VAL B 201 -0.89 5.89 -26.98
N SER B 202 -1.75 6.88 -27.14
CA SER B 202 -2.88 6.77 -28.09
C SER B 202 -3.09 8.11 -28.78
N ASN B 203 -3.07 8.11 -30.11
CA ASN B 203 -3.16 9.32 -30.94
C ASN B 203 -4.40 9.26 -31.84
N THR B 204 -4.91 10.43 -32.20
CA THR B 204 -6.01 10.55 -33.18
C THR B 204 -5.81 11.81 -33.99
N PHE B 205 -6.34 11.80 -35.20
CA PHE B 205 -6.46 13.03 -36.01
C PHE B 205 -7.84 13.62 -35.80
N LEU B 206 -7.90 14.93 -35.61
CA LEU B 206 -9.19 15.64 -35.48
C LEU B 206 -9.33 16.59 -36.67
N PHE B 207 -10.45 16.44 -37.36
CA PHE B 207 -10.75 17.17 -38.61
C PHE B 207 -11.87 18.18 -38.34
N ASP B 208 -11.80 19.31 -39.02
CA ASP B 208 -12.86 20.34 -38.98
C ASP B 208 -14.13 19.82 -39.68
N GLU B 209 -13.98 19.09 -40.79
CA GLU B 209 -15.05 18.84 -41.78
C GLU B 209 -16.11 17.80 -41.34
N GLY B 210 -15.90 16.98 -40.33
CA GLY B 210 -16.99 16.07 -39.90
C GLY B 210 -16.90 14.69 -40.54
N LYS B 211 -17.60 13.72 -39.97
CA LYS B 211 -17.39 12.26 -40.19
C LYS B 211 -17.53 11.91 -41.68
N LYS B 212 -18.54 12.45 -42.36
CA LYS B 212 -18.84 12.05 -43.75
C LYS B 212 -17.74 12.52 -44.71
N LEU B 213 -17.16 13.68 -44.47
CA LEU B 213 -16.21 14.36 -45.39
C LEU B 213 -14.76 14.14 -44.97
N GLN B 214 -14.49 13.71 -43.74
CA GLN B 214 -13.10 13.57 -43.28
C GLN B 214 -12.37 12.51 -44.10
N PRO B 215 -11.04 12.64 -44.23
CA PRO B 215 -10.25 11.69 -44.98
C PRO B 215 -10.30 10.29 -44.33
N GLU B 216 -10.28 9.26 -45.17
CA GLU B 216 -10.10 7.86 -44.72
C GLU B 216 -8.69 7.72 -44.13
N ILE B 217 -8.63 7.09 -42.97
CA ILE B 217 -7.34 6.87 -42.26
C ILE B 217 -6.89 5.44 -42.51
N LEU B 218 -5.70 5.30 -43.07
CA LEU B 218 -5.06 3.98 -43.28
C LEU B 218 -4.09 3.70 -42.15
N HIS B 219 -3.89 2.41 -41.87
CA HIS B 219 -2.95 1.98 -40.82
C HIS B 219 -1.91 1.04 -41.42
N ARG B 220 -0.64 1.29 -41.17
CA ARG B 220 0.44 0.41 -41.66
C ARG B 220 1.26 -0.05 -40.45
N MET B 221 1.64 -1.31 -40.49
CA MET B 221 2.45 -1.95 -39.43
C MET B 221 3.66 -2.63 -40.07
N ASN B 222 4.55 -1.86 -40.66
CA ASN B 222 5.51 -2.54 -41.56
C ASN B 222 6.80 -2.90 -40.82
N ASP B 223 7.03 -2.32 -39.64
CA ASP B 223 8.27 -2.58 -38.88
C ASP B 223 7.91 -3.18 -37.51
N ALA B 224 8.90 -3.78 -36.86
CA ALA B 224 8.68 -4.33 -35.52
C ALA B 224 8.45 -3.22 -34.50
N ASP B 225 9.05 -2.08 -34.71
CA ASP B 225 9.11 -0.96 -33.75
C ASP B 225 8.41 0.26 -34.32
N MET B 226 7.59 0.15 -35.35
CA MET B 226 6.91 1.37 -35.85
C MET B 226 5.63 0.96 -36.57
N HIS B 227 4.58 1.70 -36.28
CA HIS B 227 3.33 1.69 -37.09
C HIS B 227 2.90 3.12 -37.26
N ALA B 228 2.00 3.32 -38.19
CA ALA B 228 1.65 4.70 -38.58
C ALA B 228 0.20 4.75 -39.07
N MET B 229 -0.43 5.91 -38.92
CA MET B 229 -1.73 6.18 -39.56
C MET B 229 -1.55 7.32 -40.55
N SER B 230 -2.28 7.26 -41.64
CA SER B 230 -2.05 8.21 -42.74
C SER B 230 -3.34 8.53 -43.46
N PHE B 231 -3.30 9.64 -44.20
CA PHE B 231 -4.41 10.03 -45.08
C PHE B 231 -3.88 10.91 -46.21
N ASP B 232 -4.68 10.98 -47.26
CA ASP B 232 -4.48 11.90 -48.39
C ASP B 232 -5.53 13.00 -48.32
N LYS B 233 -5.20 14.19 -48.81
CA LYS B 233 -6.18 15.29 -48.93
C LYS B 233 -5.79 16.19 -50.10
N LYS B 234 -6.71 16.33 -51.05
CA LYS B 234 -6.59 17.31 -52.16
C LYS B 234 -6.95 18.70 -51.65
N ILE B 235 -6.10 19.69 -51.90
CA ILE B 235 -6.36 21.10 -51.48
C ILE B 235 -6.23 21.98 -52.71
N LYS B 236 -7.28 22.71 -53.04
CA LYS B 236 -7.24 23.63 -54.20
C LYS B 236 -6.34 24.83 -53.85
N ALA B 237 -5.76 25.46 -54.86
CA ALA B 237 -4.91 26.66 -54.70
C ALA B 237 -5.70 27.73 -53.93
N GLY B 238 -4.96 28.46 -53.05
CA GLY B 238 -5.49 29.63 -52.34
C GLY B 238 -6.49 29.24 -51.26
N LYS B 239 -6.36 28.04 -50.70
CA LYS B 239 -7.21 27.54 -49.58
C LYS B 239 -6.33 27.24 -48.37
N THR B 240 -6.98 27.23 -47.21
CA THR B 240 -6.38 26.77 -45.94
C THR B 240 -7.00 25.42 -45.60
N TYR B 241 -6.15 24.45 -45.27
CA TYR B 241 -6.61 23.18 -44.69
C TYR B 241 -5.87 23.02 -43.37
N SER B 242 -6.64 22.79 -42.30
N SER B 242 -6.62 22.81 -42.28
CA SER B 242 -6.11 22.60 -40.94
CA SER B 242 -6.07 22.66 -40.91
C SER B 242 -6.60 21.26 -40.39
C SER B 242 -6.63 21.39 -40.28
N PHE B 243 -5.79 20.64 -39.56
CA PHE B 243 -6.20 19.44 -38.81
C PHE B 243 -5.32 19.41 -37.56
N ALA B 244 -5.71 18.56 -36.61
CA ALA B 244 -4.99 18.42 -35.34
C ALA B 244 -4.65 16.95 -35.11
N LEU B 245 -3.54 16.79 -34.40
CA LEU B 245 -3.11 15.49 -33.85
C LEU B 245 -3.22 15.62 -32.33
N ILE B 246 -4.01 14.74 -31.72
CA ILE B 246 -4.13 14.67 -30.24
C ILE B 246 -3.51 13.35 -29.78
N GLY B 247 -2.72 13.39 -28.74
CA GLY B 247 -2.15 12.15 -28.17
C GLY B 247 -2.19 12.17 -26.68
N SER B 248 -2.33 10.98 -26.11
CA SER B 248 -2.29 10.79 -24.65
C SER B 248 -1.17 9.81 -24.36
N LEU B 249 -0.42 10.07 -23.31
CA LEU B 249 0.74 9.26 -22.91
C LEU B 249 0.74 9.07 -21.40
N ILE B 250 0.67 7.83 -20.95
CA ILE B 250 0.44 7.53 -19.50
C ILE B 250 1.07 6.18 -19.21
N SER B 251 1.34 5.91 -17.96
CA SER B 251 2.01 4.66 -17.57
C SER B 251 1.31 4.04 -16.38
N SER B 252 1.73 2.84 -16.04
CA SER B 252 1.27 2.12 -14.83
C SER B 252 1.78 2.83 -13.55
N ASP B 253 2.72 3.78 -13.64
CA ASP B 253 3.09 4.59 -12.45
C ASP B 253 1.98 5.60 -12.16
N HIS B 254 1.10 5.87 -13.11
CA HIS B 254 0.06 6.93 -13.00
C HIS B 254 -1.34 6.33 -12.87
N ILE B 255 -1.55 5.13 -13.37
CA ILE B 255 -2.91 4.52 -13.45
C ILE B 255 -2.73 3.02 -13.59
N ASN B 256 -3.62 2.19 -13.04
CA ASN B 256 -3.36 0.74 -13.08
C ASN B 256 -3.55 0.19 -14.49
N ASP B 257 -4.38 0.82 -15.31
CA ASP B 257 -4.72 0.30 -16.66
C ASP B 257 -4.38 1.37 -17.69
N PRO B 258 -3.09 1.60 -17.98
CA PRO B 258 -2.73 2.67 -18.90
C PRO B 258 -3.23 2.49 -20.33
N TYR B 259 -3.30 1.26 -20.82
CA TYR B 259 -3.79 1.01 -22.20
C TYR B 259 -5.18 1.59 -22.38
N ASN B 260 -6.11 1.17 -21.54
CA ASN B 260 -7.49 1.71 -21.69
C ASN B 260 -7.53 3.19 -21.31
N GLU B 261 -6.79 3.62 -20.30
CA GLU B 261 -6.87 5.05 -19.93
C GLU B 261 -6.34 5.93 -21.06
N ALA B 262 -5.30 5.50 -21.78
CA ALA B 262 -4.76 6.33 -22.88
C ALA B 262 -5.84 6.48 -23.96
N GLU B 263 -6.46 5.38 -24.37
CA GLU B 263 -7.51 5.46 -25.41
C GLU B 263 -8.67 6.31 -24.89
N ARG B 264 -9.07 6.11 -23.64
CA ARG B 264 -10.21 6.88 -23.08
C ARG B 264 -9.88 8.38 -23.09
N LEU B 265 -8.66 8.74 -22.73
CA LEU B 265 -8.23 10.16 -22.72
C LEU B 265 -8.25 10.77 -24.12
N THR B 266 -7.79 10.00 -25.10
CA THR B 266 -7.74 10.57 -26.47
C THR B 266 -9.15 10.72 -27.01
N ILE B 267 -10.02 9.76 -26.73
CA ILE B 267 -11.45 9.87 -27.11
C ILE B 267 -12.07 11.09 -26.44
N TYR B 268 -11.85 11.25 -25.15
CA TYR B 268 -12.32 12.42 -24.38
C TYR B 268 -11.84 13.70 -25.05
N ALA B 269 -10.55 13.82 -25.28
CA ALA B 269 -9.98 15.06 -25.86
C ALA B 269 -10.61 15.30 -27.24
N ALA B 270 -10.73 14.27 -28.07
CA ALA B 270 -11.30 14.42 -29.42
C ALA B 270 -12.71 14.99 -29.35
N LEU B 271 -13.48 14.56 -28.37
CA LEU B 271 -14.90 14.99 -28.26
C LEU B 271 -15.02 16.29 -27.47
N GLU B 272 -14.01 16.68 -26.72
CA GLU B 272 -13.94 18.06 -26.16
C GLU B 272 -13.67 19.02 -27.32
N GLY B 273 -12.80 18.62 -28.24
CA GLY B 273 -12.47 19.39 -29.45
C GLY B 273 -11.35 20.40 -29.23
N LYS B 274 -10.73 20.82 -30.33
CA LYS B 274 -9.53 21.70 -30.36
C LYS B 274 -9.78 23.01 -29.61
N SER B 275 -10.93 23.65 -29.87
N SER B 275 -10.92 23.67 -29.86
CA SER B 275 -11.25 24.99 -29.33
CA SER B 275 -11.20 25.00 -29.30
C SER B 275 -11.31 24.93 -27.80
C SER B 275 -11.28 24.92 -27.78
N ARG B 276 -12.06 23.96 -27.27
CA ARG B 276 -12.22 23.78 -25.82
C ARG B 276 -10.87 23.42 -25.17
N LEU B 277 -10.09 22.53 -25.78
CA LEU B 277 -8.76 22.15 -25.26
C LEU B 277 -7.85 23.37 -25.18
N LEU B 278 -7.77 24.15 -26.25
CA LEU B 278 -6.83 25.30 -26.28
C LEU B 278 -7.32 26.40 -25.32
N ASN B 279 -8.63 26.56 -25.19
CA ASN B 279 -9.17 27.60 -24.27
C ASN B 279 -8.76 27.25 -22.84
N ARG B 280 -8.92 25.99 -22.44
CA ARG B 280 -8.56 25.53 -21.07
C ARG B 280 -7.05 25.70 -20.86
N HIS B 281 -6.27 25.33 -21.85
CA HIS B 281 -4.80 25.49 -21.85
C HIS B 281 -4.41 26.95 -21.62
N MET B 282 -5.00 27.83 -22.41
CA MET B 282 -4.69 29.27 -22.33
C MET B 282 -5.07 29.82 -20.96
N GLN B 283 -6.23 29.43 -20.42
CA GLN B 283 -6.71 29.92 -19.09
C GLN B 283 -5.67 29.54 -18.02
N GLU B 284 -5.11 28.34 -18.06
CA GLU B 284 -4.17 27.93 -16.99
C GLU B 284 -2.84 28.67 -17.16
N TRP B 285 -2.38 28.85 -18.39
CA TRP B 285 -1.12 29.62 -18.63
C TRP B 285 -1.31 31.08 -18.23
N ASN B 286 -2.47 31.65 -18.52
CA ASN B 286 -2.76 33.05 -18.09
C ASN B 286 -2.64 33.13 -16.56
N SER B 287 -3.21 32.18 -15.83
CA SER B 287 -3.14 32.13 -14.36
C SER B 287 -1.67 32.06 -13.89
N LEU B 288 -0.85 31.24 -14.52
CA LEU B 288 0.58 31.14 -14.16
C LEU B 288 1.24 32.50 -14.32
N TRP B 289 0.91 33.23 -15.40
CA TRP B 289 1.62 34.50 -15.69
C TRP B 289 1.05 35.68 -14.89
N GLN B 290 0.06 35.45 -14.02
CA GLN B 290 -0.35 36.52 -13.07
C GLN B 290 0.78 36.77 -12.07
N SER B 291 1.73 35.84 -11.92
CA SER B 291 2.99 36.08 -11.19
C SER B 291 4.12 36.22 -12.19
N ASP B 292 4.72 37.40 -12.29
CA ASP B 292 5.57 37.79 -13.45
C ASP B 292 6.67 38.73 -12.95
N ILE B 293 7.75 38.84 -13.71
CA ILE B 293 8.86 39.79 -13.46
C ILE B 293 9.01 40.65 -14.71
N GLN B 294 8.87 41.96 -14.56
CA GLN B 294 8.98 42.93 -15.69
C GLN B 294 10.19 43.83 -15.46
N VAL B 295 11.12 43.88 -16.42
CA VAL B 295 12.34 44.72 -16.37
C VAL B 295 12.24 45.76 -17.49
N GLU B 296 12.36 47.06 -17.15
CA GLU B 296 12.47 48.15 -18.13
C GLU B 296 13.96 48.53 -18.25
N GLY B 297 14.42 48.67 -19.51
CA GLY B 297 15.76 49.18 -19.85
C GLY B 297 16.72 48.08 -20.24
N ASP B 298 16.26 46.83 -20.31
CA ASP B 298 17.15 45.67 -20.59
C ASP B 298 16.32 44.58 -21.25
N PRO B 299 15.93 44.74 -22.53
CA PRO B 299 15.11 43.75 -23.21
C PRO B 299 15.69 42.34 -23.17
N GLN B 300 17.00 42.18 -23.17
CA GLN B 300 17.61 40.83 -23.17
C GLN B 300 17.41 40.21 -21.77
N ALA B 301 17.67 40.95 -20.69
CA ALA B 301 17.37 40.49 -19.31
C ALA B 301 15.89 40.13 -19.21
N GLN B 302 14.99 40.95 -19.77
CA GLN B 302 13.52 40.74 -19.69
C GLN B 302 13.24 39.37 -20.30
N GLN B 303 13.77 39.11 -21.49
CA GLN B 303 13.49 37.84 -22.20
C GLN B 303 14.09 36.67 -21.41
N ASP B 304 15.32 36.80 -20.92
CA ASP B 304 16.05 35.72 -20.18
C ASP B 304 15.26 35.36 -18.92
N ILE B 305 14.76 36.36 -18.20
CA ILE B 305 14.05 36.13 -16.91
C ILE B 305 12.71 35.47 -17.23
N ARG B 306 12.04 35.88 -18.31
CA ARG B 306 10.78 35.22 -18.74
C ARG B 306 11.08 33.77 -19.08
N SER B 307 12.19 33.46 -19.74
CA SER B 307 12.53 32.07 -20.06
C SER B 307 12.71 31.27 -18.75
N MET B 308 13.39 31.86 -17.76
CA MET B 308 13.62 31.16 -16.47
C MET B 308 12.26 30.85 -15.80
N LEU B 309 11.37 31.82 -15.72
CA LEU B 309 10.00 31.61 -15.14
C LEU B 309 9.26 30.56 -15.96
N TYR B 310 9.31 30.67 -17.29
CA TYR B 310 8.60 29.76 -18.22
C TYR B 310 9.04 28.32 -17.94
N HIS B 311 10.34 28.09 -17.75
CA HIS B 311 10.84 26.70 -17.55
C HIS B 311 10.41 26.20 -16.17
N LEU B 312 10.50 27.05 -15.13
CA LEU B 312 10.07 26.57 -13.79
C LEU B 312 8.56 26.28 -13.85
N TYR B 313 7.76 27.15 -14.49
CA TYR B 313 6.30 26.91 -14.58
C TYR B 313 5.99 25.65 -15.38
N SER B 314 6.77 25.38 -16.42
CA SER B 314 6.57 24.20 -17.31
C SER B 314 6.97 22.90 -16.59
N PHE B 315 7.90 22.97 -15.64
CA PHE B 315 8.54 21.80 -15.03
C PHE B 315 8.01 21.55 -13.62
N THR B 316 6.89 22.18 -13.30
CA THR B 316 6.21 21.97 -12.01
C THR B 316 4.70 21.92 -12.22
N ARG B 317 3.96 21.52 -11.21
CA ARG B 317 2.48 21.42 -11.32
C ARG B 317 1.85 21.56 -9.95
N LYS B 318 1.00 22.55 -9.80
CA LYS B 318 0.21 22.75 -8.58
C LYS B 318 -0.69 21.54 -8.33
N SER B 319 -1.03 21.34 -7.08
CA SER B 319 -2.03 20.32 -6.66
C SER B 319 -1.55 18.92 -7.01
N THR B 320 -0.26 18.66 -6.80
CA THR B 320 0.32 17.33 -7.04
C THR B 320 1.31 17.00 -5.92
N SER B 321 1.97 15.88 -6.04
CA SER B 321 3.16 15.55 -5.23
C SER B 321 4.38 15.40 -6.13
N LEU B 322 4.42 16.17 -7.22
CA LEU B 322 5.55 16.15 -8.18
C LEU B 322 6.63 17.12 -7.76
N SER B 323 7.88 16.74 -7.99
CA SER B 323 9.05 17.60 -7.75
C SER B 323 9.98 17.50 -8.95
N PRO B 324 10.60 18.62 -9.37
CA PRO B 324 11.45 18.61 -10.56
C PRO B 324 12.82 18.01 -10.27
N SER B 325 13.36 17.34 -11.28
CA SER B 325 14.78 17.03 -11.34
C SER B 325 15.57 18.30 -11.68
N PRO B 326 16.92 18.27 -11.59
CA PRO B 326 17.71 19.46 -11.93
C PRO B 326 17.47 19.93 -13.36
N MET B 327 17.06 19.00 -14.23
CA MET B 327 16.79 19.30 -15.66
C MET B 327 15.28 19.32 -15.95
N GLY B 328 14.44 19.29 -14.93
CA GLY B 328 12.99 19.30 -15.18
C GLY B 328 12.56 18.20 -16.14
N LEU B 329 11.76 18.55 -17.15
CA LEU B 329 11.33 17.57 -18.17
C LEU B 329 11.99 17.89 -19.50
N SER B 330 13.22 18.41 -19.46
CA SER B 330 13.99 18.76 -20.68
C SER B 330 14.84 17.58 -21.17
N GLY B 331 14.81 16.44 -20.47
CA GLY B 331 15.58 15.26 -20.88
C GLY B 331 15.91 14.43 -19.67
N LEU B 332 16.96 13.63 -19.77
CA LEU B 332 17.31 12.62 -18.73
C LEU B 332 18.39 13.14 -17.79
N GLY B 333 18.63 14.45 -17.73
CA GLY B 333 19.66 14.98 -16.82
C GLY B 333 19.50 14.43 -15.41
N TYR B 334 20.58 13.93 -14.83
CA TYR B 334 20.62 13.36 -13.46
C TYR B 334 19.52 12.32 -13.29
N ASN B 335 19.19 11.60 -14.35
CA ASN B 335 18.29 10.44 -14.29
C ASN B 335 16.88 10.85 -13.88
N GLY B 336 16.56 12.15 -13.89
CA GLY B 336 15.24 12.61 -13.44
C GLY B 336 15.10 12.58 -11.92
N HIS B 337 16.17 12.36 -11.18
CA HIS B 337 16.08 12.28 -9.72
C HIS B 337 15.86 13.68 -9.12
N VAL B 338 15.29 13.67 -7.93
CA VAL B 338 15.03 14.88 -7.12
C VAL B 338 16.15 15.02 -6.08
N PHE B 339 16.71 16.22 -6.05
CA PHE B 339 17.83 16.63 -5.19
C PHE B 339 17.41 17.85 -4.36
N TRP B 340 18.31 18.32 -3.50
CA TRP B 340 18.15 19.60 -2.80
C TRP B 340 18.04 20.75 -3.82
N ASP B 341 18.36 20.54 -5.08
CA ASP B 341 18.08 21.47 -6.19
C ASP B 341 16.63 21.95 -6.11
N THR B 342 15.72 21.08 -5.70
CA THR B 342 14.34 21.55 -5.50
C THR B 342 14.32 22.47 -4.28
N GLU B 343 14.57 21.93 -3.09
CA GLU B 343 14.31 22.65 -1.82
C GLU B 343 15.00 24.01 -1.82
N ILE B 344 16.28 24.08 -2.17
CA ILE B 344 17.09 25.31 -1.97
C ILE B 344 17.12 26.16 -3.24
N TRP B 345 16.89 25.62 -4.42
CA TRP B 345 17.18 26.32 -5.69
C TRP B 345 15.90 26.66 -6.46
N MET B 346 15.01 25.70 -6.71
CA MET B 346 13.78 25.97 -7.51
C MET B 346 12.58 26.31 -6.61
N PHE B 347 12.55 25.80 -5.38
CA PHE B 347 11.42 25.99 -4.44
C PHE B 347 11.26 27.46 -4.02
N PRO B 348 12.31 28.18 -3.58
CA PRO B 348 12.06 29.51 -3.02
C PRO B 348 11.40 30.49 -3.98
N PRO B 349 11.82 30.62 -5.26
CA PRO B 349 11.13 31.57 -6.14
C PRO B 349 9.69 31.11 -6.41
N MET B 350 9.45 29.81 -6.43
CA MET B 350 8.06 29.32 -6.64
C MET B 350 7.24 29.59 -5.39
N LEU B 351 7.80 29.45 -4.20
CA LEU B 351 7.06 29.72 -2.95
C LEU B 351 6.57 31.18 -2.94
N LEU B 352 7.41 32.10 -3.38
CA LEU B 352 7.00 33.51 -3.38
C LEU B 352 5.98 33.80 -4.50
N LEU B 353 6.13 33.20 -5.69
CA LEU B 353 5.28 33.55 -6.86
C LEU B 353 4.01 32.71 -6.89
N HIS B 354 4.07 31.45 -6.47
CA HIS B 354 2.93 30.50 -6.58
C HIS B 354 3.08 29.47 -5.47
N PRO B 355 2.66 29.83 -4.24
CA PRO B 355 2.80 28.93 -3.09
C PRO B 355 2.27 27.52 -3.39
N GLU B 356 1.24 27.39 -4.23
CA GLU B 356 0.68 26.05 -4.55
C GLU B 356 1.68 25.20 -5.33
N ILE B 357 2.63 25.78 -6.05
CA ILE B 357 3.72 24.99 -6.71
C ILE B 357 4.68 24.50 -5.63
N ALA B 358 5.05 25.38 -4.71
CA ALA B 358 5.93 25.02 -3.59
C ALA B 358 5.24 23.91 -2.78
N LYS B 359 3.92 23.99 -2.62
CA LYS B 359 3.20 22.97 -1.84
C LYS B 359 3.40 21.58 -2.48
N SER B 360 3.31 21.47 -3.79
CA SER B 360 3.56 20.19 -4.49
C SER B 360 4.99 19.71 -4.22
N MET B 361 5.95 20.61 -4.27
CA MET B 361 7.36 20.22 -4.07
C MET B 361 7.55 19.64 -2.67
N ILE B 362 6.98 20.25 -1.64
CA ILE B 362 7.19 19.69 -0.28
C ILE B 362 6.27 18.48 -0.10
N GLU B 363 5.14 18.43 -0.80
CA GLU B 363 4.26 17.22 -0.73
C GLU B 363 5.07 16.01 -1.19
N TYR B 364 5.88 16.16 -2.24
CA TYR B 364 6.77 15.09 -2.74
C TYR B 364 7.55 14.47 -1.56
N ARG B 365 8.13 15.32 -0.72
CA ARG B 365 8.94 14.87 0.43
C ARG B 365 8.05 14.31 1.52
N TYR B 366 6.93 14.96 1.82
CA TYR B 366 6.00 14.45 2.85
C TYR B 366 5.61 12.99 2.54
N GLN B 367 5.27 12.71 1.28
N GLN B 367 5.23 12.73 1.29
CA GLN B 367 4.76 11.37 0.88
CA GLN B 367 4.77 11.40 0.82
C GLN B 367 5.91 10.36 0.85
C GLN B 367 5.90 10.37 1.00
N ARG B 368 7.14 10.83 1.00
CA ARG B 368 8.36 9.97 1.03
C ARG B 368 8.98 9.99 2.42
N LEU B 369 8.25 10.43 3.44
CA LEU B 369 8.84 10.45 4.81
C LEU B 369 9.13 9.03 5.29
N ASP B 370 8.26 8.06 5.02
CA ASP B 370 8.51 6.69 5.51
C ASP B 370 9.81 6.17 4.91
N ALA B 371 10.10 6.43 3.63
CA ALA B 371 11.33 5.92 3.00
C ALA B 371 12.54 6.62 3.62
N ALA B 372 12.40 7.87 4.05
CA ALA B 372 13.50 8.58 4.73
C ALA B 372 13.71 7.96 6.12
N ARG B 373 12.63 7.57 6.80
CA ARG B 373 12.77 6.86 8.10
C ARG B 373 13.48 5.54 7.86
N LYS B 374 13.18 4.83 6.77
CA LYS B 374 13.85 3.54 6.50
C LYS B 374 15.32 3.78 6.20
N LYS B 375 15.67 4.83 5.48
CA LYS B 375 17.10 5.09 5.17
C LYS B 375 17.83 5.37 6.49
N ALA B 376 17.27 6.22 7.36
CA ALA B 376 17.93 6.50 8.65
C ALA B 376 18.24 5.20 9.39
N ALA B 377 17.27 4.30 9.50
CA ALA B 377 17.45 3.04 10.26
C ALA B 377 18.56 2.20 9.60
N ILE B 378 18.60 2.14 8.27
CA ILE B 378 19.59 1.28 7.57
C ILE B 378 21.01 1.83 7.83
N TYR B 379 21.16 3.16 7.99
CA TYR B 379 22.47 3.83 8.19
C TYR B 379 22.72 4.13 9.68
N GLY B 380 21.91 3.60 10.60
CA GLY B 380 22.17 3.61 12.05
C GLY B 380 21.79 4.91 12.76
N TYR B 381 20.82 5.64 12.21
CA TYR B 381 20.37 6.93 12.79
C TYR B 381 18.89 6.84 13.15
N ASP B 382 18.45 7.90 13.80
CA ASP B 382 17.04 8.09 14.21
C ASP B 382 16.30 8.95 13.19
N GLY B 383 14.99 8.97 13.29
CA GLY B 383 14.16 9.94 12.57
C GLY B 383 14.14 9.68 11.08
N ALA B 384 14.19 10.73 10.29
CA ALA B 384 14.06 10.68 8.82
C ALA B 384 15.37 11.20 8.22
N MET B 385 16.01 10.37 7.41
CA MET B 385 17.23 10.76 6.68
C MET B 385 16.85 10.80 5.20
N PHE B 386 16.59 11.98 4.66
CA PHE B 386 16.20 12.08 3.23
C PHE B 386 17.38 11.68 2.36
N PRO B 387 17.10 11.02 1.22
CA PRO B 387 18.18 10.57 0.35
C PRO B 387 18.82 11.73 -0.41
N TRP B 388 20.08 11.56 -0.80
CA TRP B 388 20.75 12.55 -1.68
C TRP B 388 19.96 12.64 -3.00
N GLU B 389 19.56 11.50 -3.55
CA GLU B 389 18.79 11.46 -4.79
C GLU B 389 17.53 10.64 -4.56
N SER B 390 16.40 11.19 -4.95
CA SER B 390 15.07 10.54 -4.74
C SER B 390 14.39 10.32 -6.10
N ALA B 391 13.54 9.31 -6.18
CA ALA B 391 12.74 9.04 -7.40
C ALA B 391 11.35 8.57 -6.97
N ASP B 392 10.92 7.39 -7.35
CA ASP B 392 9.53 6.97 -7.07
C ASP B 392 9.32 6.71 -5.57
N SER B 393 10.13 5.85 -4.96
CA SER B 393 9.88 5.32 -3.61
C SER B 393 10.24 6.34 -2.53
N GLY B 394 11.24 7.19 -2.78
CA GLY B 394 11.87 8.03 -1.75
C GLY B 394 13.06 7.38 -1.07
N ALA B 395 13.42 6.17 -1.47
CA ALA B 395 14.69 5.53 -1.07
C ALA B 395 15.85 6.24 -1.78
N GLU B 396 17.05 5.92 -1.34
CA GLU B 396 18.26 6.48 -1.97
C GLU B 396 18.40 5.93 -3.39
N GLU B 397 18.68 6.80 -4.34
CA GLU B 397 18.81 6.42 -5.76
C GLU B 397 20.15 6.86 -6.32
N THR B 398 21.07 7.39 -5.53
CA THR B 398 22.35 7.88 -6.04
C THR B 398 23.15 6.70 -6.57
N PRO B 399 23.77 6.81 -7.76
CA PRO B 399 24.73 5.80 -8.19
C PRO B 399 25.73 5.46 -7.11
N VAL B 400 26.08 4.18 -6.97
CA VAL B 400 26.88 3.74 -5.79
C VAL B 400 28.33 4.26 -5.91
N ASN B 401 28.80 4.55 -7.11
CA ASN B 401 30.18 5.06 -7.32
C ASN B 401 30.25 6.54 -6.92
N ALA B 402 29.14 7.21 -6.66
CA ALA B 402 29.12 8.61 -6.16
C ALA B 402 29.01 8.55 -4.63
N LEU B 403 30.00 9.05 -3.89
CA LEU B 403 30.00 9.01 -2.41
C LEU B 403 28.95 9.95 -1.81
N THR B 404 28.38 10.83 -2.61
CA THR B 404 27.30 11.75 -2.20
C THR B 404 26.12 10.94 -1.63
N GLY B 405 25.83 9.77 -2.21
CA GLY B 405 24.65 8.99 -1.80
C GLY B 405 24.79 8.53 -0.37
N ALA B 406 25.97 8.06 0.03
CA ALA B 406 26.22 7.55 1.40
C ALA B 406 26.52 8.71 2.36
N PHE B 407 27.15 9.80 1.90
CA PHE B 407 27.81 10.75 2.83
C PHE B 407 27.41 12.23 2.68
N GLU B 408 26.64 12.65 1.67
CA GLU B 408 26.24 14.09 1.58
C GLU B 408 24.90 14.25 2.29
N HIS B 409 24.92 14.63 3.56
CA HIS B 409 23.77 14.49 4.48
C HIS B 409 22.95 15.77 4.61
N HIS B 410 23.43 16.91 4.09
CA HIS B 410 22.69 18.19 4.30
C HIS B 410 21.28 18.15 3.70
N VAL B 411 21.02 17.31 2.73
CA VAL B 411 19.70 17.22 2.08
C VAL B 411 18.60 17.12 3.15
N THR B 412 18.81 16.41 4.25
CA THR B 412 17.78 16.25 5.30
C THR B 412 17.44 17.64 5.89
N GLY B 413 18.47 18.45 6.18
CA GLY B 413 18.21 19.81 6.65
C GLY B 413 17.59 20.67 5.58
N ASP B 414 17.95 20.49 4.32
CA ASP B 414 17.36 21.27 3.19
C ASP B 414 15.85 21.02 3.11
N VAL B 415 15.41 19.78 3.29
CA VAL B 415 13.96 19.44 3.27
C VAL B 415 13.28 20.13 4.45
N ALA B 416 13.84 20.07 5.65
CA ALA B 416 13.31 20.75 6.85
C ALA B 416 13.18 22.25 6.60
N ILE B 417 14.20 22.88 6.01
CA ILE B 417 14.19 24.35 5.79
C ILE B 417 13.02 24.70 4.86
N ALA B 418 12.87 23.97 3.75
CA ALA B 418 11.77 24.25 2.79
C ALA B 418 10.43 24.08 3.51
N ALA B 419 10.29 23.04 4.34
CA ALA B 419 9.02 22.77 5.04
C ALA B 419 8.67 23.97 5.95
N TRP B 420 9.66 24.46 6.68
CA TRP B 420 9.40 25.58 7.60
C TRP B 420 9.08 26.83 6.79
N GLN B 421 9.85 27.09 5.73
CA GLN B 421 9.58 28.25 4.86
C GLN B 421 8.16 28.21 4.30
N TYR B 422 7.67 27.06 3.88
CA TYR B 422 6.30 26.94 3.36
C TYR B 422 5.33 27.51 4.41
N TYR B 423 5.48 27.09 5.66
CA TYR B 423 4.65 27.60 6.78
C TYR B 423 4.89 29.10 6.97
N LEU B 424 6.15 29.58 6.95
CA LEU B 424 6.38 31.04 7.18
C LEU B 424 5.58 31.82 6.13
N VAL B 425 5.57 31.40 4.87
CA VAL B 425 5.00 32.23 3.77
C VAL B 425 3.48 32.11 3.79
N THR B 426 2.93 30.92 4.03
CA THR B 426 1.47 30.66 3.91
C THR B 426 0.75 30.90 5.24
N GLY B 427 1.43 30.73 6.37
CA GLY B 427 0.79 30.76 7.69
C GLY B 427 -0.24 29.64 7.89
N ASP B 428 -0.16 28.56 7.10
CA ASP B 428 -1.17 27.47 7.18
C ASP B 428 -0.82 26.55 8.35
N LYS B 429 -1.42 26.77 9.51
CA LYS B 429 -1.13 25.97 10.73
C LYS B 429 -1.72 24.57 10.58
N GLU B 430 -2.77 24.39 9.78
CA GLU B 430 -3.35 23.03 9.54
C GLU B 430 -2.33 22.19 8.76
N TRP B 431 -1.72 22.77 7.74
CA TRP B 431 -0.63 22.10 6.98
C TRP B 431 0.55 21.85 7.94
N LEU B 432 0.86 22.83 8.78
CA LEU B 432 2.00 22.65 9.70
C LEU B 432 1.75 21.43 10.61
N LYS B 433 0.54 21.26 11.14
CA LYS B 433 0.25 20.12 12.03
C LYS B 433 0.30 18.81 11.25
N GLU B 434 -0.30 18.76 10.06
CA GLU B 434 -0.50 17.50 9.31
C GLU B 434 0.77 17.06 8.59
N LYS B 435 1.58 18.00 8.08
CA LYS B 435 2.68 17.69 7.13
C LYS B 435 4.01 18.31 7.55
N GLY B 436 4.04 19.60 7.86
CA GLY B 436 5.33 20.24 8.17
C GLY B 436 5.95 19.69 9.45
N TRP B 437 5.14 19.49 10.49
CA TRP B 437 5.66 19.00 11.79
C TRP B 437 6.13 17.55 11.65
N PRO B 438 5.41 16.61 10.99
CA PRO B 438 6.00 15.29 10.78
C PRO B 438 7.41 15.34 10.16
N ILE B 439 7.58 16.17 9.15
CA ILE B 439 8.91 16.37 8.52
C ILE B 439 9.90 16.97 9.52
N LEU B 440 9.52 18.07 10.17
CA LEU B 440 10.48 18.81 11.03
C LEU B 440 10.87 17.95 12.24
N LYS B 441 9.91 17.26 12.85
CA LYS B 441 10.19 16.41 14.02
C LYS B 441 11.15 15.28 13.62
N ALA B 442 10.85 14.57 12.54
CA ALA B 442 11.66 13.40 12.16
C ALA B 442 13.06 13.86 11.72
N THR B 443 13.16 14.93 10.94
CA THR B 443 14.50 15.41 10.50
C THR B 443 15.30 15.94 11.68
N ALA B 444 14.66 16.59 12.64
CA ALA B 444 15.37 17.02 13.87
C ALA B 444 15.87 15.80 14.65
N GLU B 445 15.06 14.75 14.75
CA GLU B 445 15.49 13.48 15.41
C GLU B 445 16.71 12.92 14.69
N PHE B 446 16.75 12.98 13.36
CA PHE B 446 17.93 12.54 12.60
C PHE B 446 19.16 13.34 13.07
N TRP B 447 19.11 14.67 13.02
CA TRP B 447 20.31 15.48 13.39
C TRP B 447 20.71 15.24 14.85
N ALA B 448 19.77 15.11 15.78
CA ALA B 448 20.09 14.83 17.21
C ALA B 448 20.87 13.52 17.33
N SER B 449 20.64 12.54 16.45
CA SER B 449 21.34 11.23 16.40
C SER B 449 22.62 11.28 15.57
N ARG B 450 22.78 12.31 14.74
CA ARG B 450 23.85 12.40 13.72
C ARG B 450 25.06 13.14 14.32
N VAL B 451 24.83 14.07 15.23
CA VAL B 451 25.92 14.86 15.86
C VAL B 451 26.68 13.97 16.84
N GLU B 452 27.92 14.36 17.13
CA GLU B 452 28.76 13.76 18.22
C GLU B 452 29.25 14.89 19.13
N LYS B 453 29.00 14.77 20.43
CA LYS B 453 29.47 15.77 21.43
C LYS B 453 30.94 15.50 21.71
N ASN B 454 31.78 16.53 21.66
CA ASN B 454 33.23 16.39 21.96
C ASN B 454 33.48 16.79 23.42
N ASP B 455 34.75 16.68 23.86
CA ASP B 455 35.24 16.96 25.23
C ASP B 455 34.89 18.37 25.68
N LYS B 456 34.81 19.32 24.75
CA LYS B 456 34.58 20.76 25.03
C LYS B 456 33.08 21.05 25.10
N GLY B 457 32.22 20.05 24.89
CA GLY B 457 30.75 20.22 24.87
C GLY B 457 30.24 20.79 23.55
N GLU B 458 31.08 20.83 22.52
CA GLU B 458 30.67 21.30 21.17
C GLU B 458 30.05 20.11 20.44
N TYR B 459 29.15 20.35 19.50
CA TYR B 459 28.59 19.28 18.65
C TYR B 459 29.22 19.31 17.25
N GLU B 460 29.68 18.14 16.84
CA GLU B 460 30.35 17.92 15.54
C GLU B 460 29.45 17.07 14.64
N ILE B 461 29.56 17.30 13.34
CA ILE B 461 29.00 16.38 12.31
C ILE B 461 30.21 15.91 11.48
N LYS B 462 30.63 14.68 11.74
CA LYS B 462 31.88 14.10 11.19
C LYS B 462 31.59 13.23 9.97
N ASN B 463 32.54 13.25 9.03
CA ASN B 463 32.64 12.32 7.89
C ASN B 463 31.42 12.50 6.97
N VAL B 464 31.37 13.64 6.28
CA VAL B 464 30.36 13.98 5.26
C VAL B 464 31.06 14.34 3.96
N VAL B 465 30.30 14.37 2.89
CA VAL B 465 30.63 15.13 1.65
C VAL B 465 30.01 16.52 1.82
N ALA B 466 30.79 17.56 1.53
CA ALA B 466 30.38 18.95 1.70
C ALA B 466 29.46 19.39 0.57
N ALA B 467 28.71 20.48 0.75
CA ALA B 467 27.96 21.10 -0.37
C ALA B 467 28.97 21.39 -1.48
N ASP B 468 30.16 21.89 -1.11
CA ASP B 468 31.32 21.82 -2.02
C ASP B 468 31.72 20.35 -2.18
N GLU B 469 31.17 19.67 -3.17
CA GLU B 469 31.29 18.19 -3.23
C GLU B 469 32.73 17.76 -3.50
N TRP B 470 33.62 18.67 -3.91
CA TRP B 470 35.05 18.33 -4.09
C TRP B 470 35.68 17.95 -2.75
N ALA B 471 35.07 18.35 -1.62
CA ALA B 471 35.52 17.98 -0.26
C ALA B 471 34.74 16.76 0.24
N GLU B 472 35.36 15.59 0.21
CA GLU B 472 34.70 14.30 0.53
C GLU B 472 35.26 13.72 1.82
N ASN B 473 34.39 13.19 2.69
CA ASN B 473 34.80 12.43 3.91
C ASN B 473 35.62 13.36 4.81
N ILE B 474 35.10 14.59 4.99
CA ILE B 474 35.66 15.66 5.86
C ILE B 474 34.69 15.91 7.01
N ASP B 475 35.08 16.79 7.93
CA ASP B 475 34.36 16.97 9.21
C ASP B 475 33.85 18.42 9.29
N ASN B 476 32.65 18.60 9.84
CA ASN B 476 32.12 19.93 10.24
C ASN B 476 32.10 20.86 9.02
N ASN B 477 31.52 20.40 7.92
CA ASN B 477 31.21 21.24 6.74
C ASN B 477 30.33 22.42 7.19
N ALA B 478 30.70 23.63 6.80
CA ALA B 478 29.96 24.88 7.12
C ALA B 478 28.47 24.69 6.74
N TYR B 479 28.18 24.39 5.48
CA TYR B 479 26.77 24.40 5.02
C TYR B 479 26.01 23.28 5.75
N THR B 480 26.59 22.09 5.79
CA THR B 480 25.93 20.93 6.44
C THR B 480 25.61 21.29 7.89
N ASN B 481 26.59 21.75 8.65
CA ASN B 481 26.37 22.14 10.05
C ASN B 481 25.30 23.23 10.15
N GLY B 482 25.30 24.19 9.23
CA GLY B 482 24.29 25.27 9.19
C GLY B 482 22.90 24.69 8.97
N THR B 483 22.75 23.72 8.08
CA THR B 483 21.41 23.14 7.84
C THR B 483 20.94 22.39 9.09
N ALA B 484 21.84 21.74 9.82
CA ALA B 484 21.47 20.98 11.03
C ALA B 484 21.01 21.98 12.09
N ILE B 485 21.70 23.10 12.23
CA ILE B 485 21.30 24.17 13.18
C ILE B 485 19.90 24.64 12.82
N ARG B 486 19.66 24.99 11.55
CA ARG B 486 18.34 25.54 11.18
C ARG B 486 17.28 24.46 11.36
N ASN B 487 17.57 23.24 10.95
CA ASN B 487 16.58 22.15 11.08
C ASN B 487 16.16 22.02 12.56
N LEU B 488 17.13 21.99 13.47
CA LEU B 488 16.80 21.83 14.91
C LEU B 488 16.05 23.07 15.43
N GLN B 489 16.46 24.27 15.03
CA GLN B 489 15.80 25.51 15.48
C GLN B 489 14.34 25.54 14.97
N TYR B 490 14.15 25.24 13.69
CA TYR B 490 12.81 25.37 13.06
C TYR B 490 11.89 24.29 13.64
N ALA B 491 12.40 23.09 13.90
CA ALA B 491 11.58 22.04 14.55
C ALA B 491 11.12 22.54 15.93
N SER B 492 12.02 23.18 16.68
CA SER B 492 11.66 23.71 18.02
C SER B 492 10.62 24.82 17.87
N LYS B 493 10.76 25.69 16.86
CA LYS B 493 9.77 26.78 16.63
C LYS B 493 8.42 26.17 16.27
N CYS B 494 8.44 25.12 15.44
CA CYS B 494 7.21 24.44 14.98
C CYS B 494 6.46 23.89 16.19
N ALA B 495 7.17 23.19 17.08
CA ALA B 495 6.58 22.62 18.31
C ALA B 495 5.89 23.73 19.11
N THR B 496 6.53 24.90 19.23
CA THR B 496 5.94 26.07 19.93
C THR B 496 4.65 26.52 19.23
N VAL B 497 4.63 26.64 17.91
CA VAL B 497 3.38 27.04 17.19
C VAL B 497 2.27 26.07 17.53
N LEU B 498 2.55 24.78 17.54
CA LEU B 498 1.51 23.73 17.69
C LEU B 498 1.21 23.42 19.15
N GLY B 499 1.92 24.02 20.09
CA GLY B 499 1.72 23.78 21.54
C GLY B 499 2.13 22.37 21.92
N VAL B 500 3.20 21.85 21.31
CA VAL B 500 3.75 20.48 21.58
C VAL B 500 5.11 20.66 22.24
N ILE B 501 5.52 19.72 23.09
CA ILE B 501 6.84 19.79 23.77
C ILE B 501 7.90 19.24 22.82
N ALA B 502 8.92 20.05 22.53
CA ALA B 502 10.12 19.65 21.75
C ALA B 502 11.15 19.12 22.74
N PRO B 503 11.94 18.08 22.38
CA PRO B 503 13.10 17.72 23.20
C PRO B 503 13.99 18.94 23.42
N LYS B 504 14.39 19.20 24.67
CA LYS B 504 15.25 20.37 24.97
C LYS B 504 16.62 20.21 24.31
N GLU B 505 17.03 18.97 24.03
CA GLU B 505 18.32 18.62 23.37
C GLU B 505 18.41 19.33 22.01
N TRP B 506 17.30 19.54 21.30
CA TRP B 506 17.37 20.14 19.95
C TRP B 506 17.96 21.55 20.01
N THR B 507 17.53 22.40 20.95
CA THR B 507 18.06 23.76 21.12
C THR B 507 19.50 23.68 21.66
N LEU B 508 19.78 22.78 22.61
CA LEU B 508 21.13 22.65 23.23
C LEU B 508 22.14 22.27 22.13
N ILE B 509 21.76 21.36 21.25
CA ILE B 509 22.64 20.93 20.13
C ILE B 509 22.77 22.09 19.14
N ALA B 510 21.67 22.72 18.72
CA ALA B 510 21.68 23.80 17.70
C ALA B 510 22.64 24.90 18.13
N ASP B 511 22.66 25.22 19.42
CA ASP B 511 23.42 26.38 19.95
C ASP B 511 24.92 26.04 20.01
N LYS B 512 25.32 24.77 19.85
CA LYS B 512 26.71 24.32 20.10
C LYS B 512 27.29 23.58 18.88
N ILE B 513 26.57 23.50 17.76
CA ILE B 513 27.13 22.90 16.53
C ILE B 513 28.25 23.83 16.03
N LEU B 514 29.40 23.24 15.68
CA LEU B 514 30.64 24.00 15.35
C LEU B 514 30.48 24.71 14.00
N ILE B 515 30.63 26.03 13.99
CA ILE B 515 30.93 26.85 12.79
C ILE B 515 32.21 27.62 13.11
N SER B 516 33.27 27.41 12.33
CA SER B 516 34.64 27.85 12.67
C SER B 516 35.09 28.91 11.66
N LYS B 517 36.00 29.78 12.10
CA LYS B 517 36.64 30.80 11.25
C LYS B 517 38.13 30.50 11.17
N MET B 518 38.73 30.76 10.01
CA MET B 518 40.20 30.62 9.80
C MET B 518 40.87 31.89 10.33
N SER B 519 42.20 31.97 10.27
CA SER B 519 42.95 33.06 10.92
C SER B 519 42.67 34.39 10.21
N ASN B 520 42.21 34.37 8.95
CA ASN B 520 41.89 35.59 8.15
C ASN B 520 40.37 36.02 8.31
N GLY B 521 39.76 35.42 9.44
CA GLY B 521 38.38 35.75 9.86
C GLY B 521 37.31 35.25 8.90
N VAL B 522 37.67 34.37 7.96
CA VAL B 522 36.72 33.81 6.96
C VAL B 522 36.14 32.50 7.52
N THR B 523 34.82 32.31 7.35
CA THR B 523 34.18 31.04 7.74
C THR B 523 34.92 29.89 7.04
N ARG B 524 35.40 28.93 7.84
CA ARG B 524 36.13 27.73 7.34
C ARG B 524 35.12 26.75 6.73
N GLU B 525 35.35 26.33 5.49
CA GLU B 525 34.35 25.48 4.77
C GLU B 525 34.22 24.13 5.47
N HIS B 526 35.29 23.59 6.04
CA HIS B 526 35.33 22.28 6.74
C HIS B 526 36.66 22.17 7.48
N ASP B 527 36.82 21.14 8.32
CA ASP B 527 37.97 21.07 9.27
C ASP B 527 39.30 20.89 8.55
N SER B 528 39.32 20.38 7.31
CA SER B 528 40.56 20.19 6.50
C SER B 528 40.74 21.34 5.48
N TYR B 529 39.97 22.43 5.57
CA TYR B 529 39.95 23.51 4.54
C TYR B 529 40.98 24.57 4.92
N THR B 530 41.82 24.97 3.95
CA THR B 530 42.79 26.09 4.10
C THR B 530 42.53 27.09 2.96
N ASP B 531 42.78 26.64 1.70
CA ASP B 531 42.73 27.57 0.54
C ASP B 531 42.32 26.85 -0.75
N GLN B 532 41.69 25.67 -0.63
CA GLN B 532 41.39 24.80 -1.80
C GLN B 532 40.38 25.51 -2.70
N ASN B 533 40.48 25.28 -4.02
CA ASN B 533 39.38 25.64 -4.95
C ASN B 533 38.16 24.82 -4.54
N ILE B 534 36.97 25.38 -4.75
CA ILE B 534 35.67 24.77 -4.34
C ILE B 534 34.76 24.66 -5.56
N LYS B 535 33.89 23.67 -5.56
CA LYS B 535 33.02 23.36 -6.71
C LYS B 535 31.92 24.42 -6.85
N GLN B 536 31.43 24.91 -5.71
CA GLN B 536 30.20 25.72 -5.69
C GLN B 536 30.06 26.38 -4.32
N ALA B 537 29.08 27.27 -4.18
CA ALA B 537 28.81 27.98 -2.92
C ALA B 537 28.54 26.98 -1.78
N ASP B 538 29.12 27.24 -0.61
CA ASP B 538 29.01 26.38 0.61
C ASP B 538 28.96 27.32 1.82
N ALA B 539 30.11 27.87 2.24
CA ALA B 539 30.14 28.79 3.40
C ALA B 539 29.27 30.03 3.11
N ASN B 540 29.22 30.49 1.86
CA ASN B 540 28.44 31.71 1.48
C ASN B 540 26.94 31.43 1.68
N LEU B 541 26.53 30.17 1.63
CA LEU B 541 25.11 29.78 1.82
C LEU B 541 24.68 30.04 3.28
N LEU B 542 25.62 30.16 4.23
CA LEU B 542 25.29 30.52 5.64
C LEU B 542 24.75 31.94 5.70
N ALA B 543 25.17 32.81 4.78
CA ALA B 543 24.62 34.18 4.64
C ALA B 543 23.26 34.15 3.94
N TYR B 544 23.19 33.59 2.74
CA TYR B 544 21.89 33.37 2.05
C TYR B 544 21.97 32.01 1.38
N PRO B 545 20.98 31.09 1.55
CA PRO B 545 19.71 31.37 2.22
C PRO B 545 19.58 31.23 3.75
N LEU B 546 20.57 30.68 4.46
CA LEU B 546 20.33 30.25 5.86
C LEU B 546 20.15 31.46 6.76
N LYS B 547 20.85 32.56 6.46
CA LYS B 547 20.83 33.83 7.26
C LYS B 547 21.34 33.52 8.67
N LEU B 548 22.24 32.55 8.82
CA LEU B 548 22.97 32.33 10.11
C LEU B 548 24.05 33.41 10.26
N ILE B 549 24.60 33.89 9.14
CA ILE B 549 25.56 35.05 9.12
C ILE B 549 24.81 36.30 8.61
N THR B 550 24.60 37.29 9.47
CA THR B 550 23.85 38.54 9.17
C THR B 550 24.77 39.75 9.28
N ASP B 551 25.91 39.61 9.95
CA ASP B 551 26.94 40.69 10.09
C ASP B 551 27.50 40.98 8.69
N LYS B 552 27.23 42.18 8.17
CA LYS B 552 27.55 42.56 6.76
C LYS B 552 29.06 42.51 6.50
N GLU B 553 29.90 42.81 7.49
CA GLU B 553 31.38 42.69 7.36
C GLU B 553 31.78 41.22 7.18
N GLN B 554 31.14 40.30 7.91
CA GLN B 554 31.45 38.84 7.85
C GLN B 554 30.94 38.30 6.50
N ILE B 555 29.75 38.74 6.08
CA ILE B 555 29.16 38.36 4.76
C ILE B 555 30.19 38.73 3.69
N GLU B 556 30.70 39.96 3.76
CA GLU B 556 31.65 40.51 2.76
C GLU B 556 33.00 39.77 2.84
N ARG B 557 33.47 39.47 4.07
CA ARG B 557 34.75 38.72 4.25
C ARG B 557 34.63 37.39 3.50
N ASP B 558 33.53 36.68 3.73
CA ASP B 558 33.32 35.32 3.17
C ASP B 558 33.19 35.40 1.64
N LEU B 559 32.43 36.44 1.13
CA LEU B 559 32.26 36.64 -0.33
C LEU B 559 33.61 36.85 -1.00
N LYS B 560 34.38 37.79 -0.45
CA LYS B 560 35.69 38.15 -1.04
C LYS B 560 36.57 36.88 -1.16
N TYR B 561 36.62 36.10 -0.02
CA TYR B 561 37.53 34.94 0.05
C TYR B 561 37.07 33.92 -1.00
N TYR B 562 35.83 33.46 -0.90
CA TYR B 562 35.40 32.27 -1.67
C TYR B 562 35.09 32.64 -3.16
N GLN B 563 34.82 33.93 -3.48
CA GLN B 563 34.40 34.31 -4.86
C GLN B 563 35.54 34.17 -5.89
N THR B 564 36.78 33.93 -5.45
CA THR B 564 37.90 33.59 -6.38
C THR B 564 38.20 32.09 -6.38
N LYS B 565 37.44 31.29 -5.63
CA LYS B 565 37.78 29.86 -5.37
C LYS B 565 37.01 28.91 -6.31
N ILE B 566 36.08 29.42 -7.14
CA ILE B 566 35.23 28.61 -8.08
C ILE B 566 35.88 28.67 -9.45
N PRO B 567 36.51 27.57 -9.93
CA PRO B 567 37.05 27.54 -11.28
C PRO B 567 36.02 27.81 -12.39
N GLN B 568 36.48 28.21 -13.57
CA GLN B 568 35.62 28.55 -14.74
C GLN B 568 34.98 27.27 -15.29
N SER B 569 35.68 26.12 -15.24
CA SER B 569 35.26 24.85 -15.88
C SER B 569 34.70 23.86 -14.85
N ASP B 570 33.65 23.17 -15.25
CA ASP B 570 33.11 21.97 -14.55
C ASP B 570 32.55 22.38 -13.19
N THR B 571 32.03 23.62 -13.10
CA THR B 571 31.41 24.19 -11.88
C THR B 571 29.97 24.55 -12.20
N PRO B 572 29.00 23.95 -11.47
CA PRO B 572 27.60 24.10 -11.82
C PRO B 572 27.02 25.47 -11.44
N ALA B 573 25.87 25.82 -12.01
CA ALA B 573 25.23 27.14 -11.82
C ALA B 573 24.47 27.14 -10.48
N MET B 574 25.23 27.10 -9.38
CA MET B 574 24.75 26.97 -7.99
C MET B 574 25.65 27.82 -7.09
N THR B 575 26.05 28.99 -7.58
CA THR B 575 27.11 29.79 -6.93
C THR B 575 26.91 31.28 -7.18
N GLN B 576 27.05 31.73 -8.43
CA GLN B 576 27.17 33.16 -8.78
C GLN B 576 25.84 33.87 -8.51
N ALA B 577 24.70 33.18 -8.57
CA ALA B 577 23.39 33.77 -8.25
C ALA B 577 23.37 34.19 -6.77
N ILE B 578 24.02 33.39 -5.91
CA ILE B 578 24.15 33.66 -4.45
C ILE B 578 25.07 34.87 -4.31
N PHE B 579 26.22 34.89 -5.00
CA PHE B 579 27.14 36.04 -4.95
C PHE B 579 26.35 37.30 -5.32
N SER B 580 25.55 37.26 -6.39
CA SER B 580 24.78 38.42 -6.89
C SER B 580 23.80 38.88 -5.81
N LEU B 581 23.05 37.95 -5.26
CA LEU B 581 22.02 38.25 -4.24
C LEU B 581 22.69 38.90 -3.02
N LEU B 582 23.82 38.36 -2.56
CA LEU B 582 24.51 38.90 -1.36
C LEU B 582 25.04 40.29 -1.68
N TYR B 583 25.54 40.54 -2.89
CA TYR B 583 26.01 41.90 -3.26
C TYR B 583 24.82 42.87 -3.35
N SER B 584 23.65 42.44 -3.86
CA SER B 584 22.40 43.28 -3.84
C SER B 584 22.04 43.65 -2.40
N ARG B 585 22.15 42.69 -1.46
CA ARG B 585 21.82 42.89 -0.02
C ARG B 585 22.81 43.89 0.58
N LEU B 586 24.06 43.87 0.11
CA LEU B 586 25.14 44.81 0.54
C LEU B 586 25.08 46.12 -0.26
N GLU B 587 24.08 46.30 -1.14
CA GLU B 587 23.81 47.52 -1.94
C GLU B 587 25.00 47.85 -2.84
N ASP B 588 25.56 46.83 -3.50
CA ASP B 588 26.66 46.97 -4.48
C ASP B 588 26.12 46.56 -5.85
N SER B 589 25.52 47.53 -6.56
CA SER B 589 24.85 47.36 -7.87
C SER B 589 25.79 46.74 -8.90
N ASP B 590 27.03 47.23 -8.97
CA ASP B 590 27.99 46.80 -10.04
C ASP B 590 28.36 45.32 -9.85
N GLN B 591 28.73 44.94 -8.59
CA GLN B 591 29.16 43.55 -8.27
C GLN B 591 27.95 42.62 -8.39
N ALA B 592 26.78 43.07 -7.93
CA ALA B 592 25.54 42.26 -7.99
C ALA B 592 25.24 41.94 -9.45
N TYR B 593 25.30 42.94 -10.33
CA TYR B 593 24.96 42.78 -11.77
C TYR B 593 26.01 41.92 -12.45
N HIS B 594 27.31 42.10 -12.13
CA HIS B 594 28.42 41.27 -12.68
C HIS B 594 28.09 39.79 -12.43
N TRP B 595 27.81 39.43 -11.18
CA TRP B 595 27.56 38.02 -10.78
C TRP B 595 26.21 37.52 -11.34
N PHE B 596 25.20 38.38 -11.49
CA PHE B 596 23.91 38.03 -12.13
C PHE B 596 24.18 37.51 -13.55
N LYS B 597 24.97 38.25 -14.34
CA LYS B 597 25.27 37.84 -15.73
C LYS B 597 26.11 36.56 -15.73
N ASP B 598 27.14 36.50 -14.87
CA ASP B 598 28.10 35.37 -14.84
C ASP B 598 27.35 34.08 -14.46
N ALA B 599 26.25 34.21 -13.74
CA ALA B 599 25.49 33.06 -13.22
C ALA B 599 24.91 32.20 -14.35
N TYR B 600 24.59 32.78 -15.52
CA TYR B 600 23.86 32.02 -16.57
C TYR B 600 24.30 32.39 -17.99
N GLN B 601 24.77 33.59 -18.29
CA GLN B 601 25.09 33.99 -19.71
C GLN B 601 26.21 33.12 -20.27
N PRO B 602 27.27 32.75 -19.51
CA PRO B 602 28.29 31.81 -20.02
C PRO B 602 27.83 30.36 -20.18
N ASN B 603 26.61 30.04 -19.76
CA ASN B 603 26.05 28.66 -19.79
C ASN B 603 25.01 28.49 -20.91
N LEU B 604 24.76 29.49 -21.75
CA LEU B 604 23.65 29.46 -22.74
C LEU B 604 24.01 28.59 -23.96
N ASN B 605 22.99 27.96 -24.55
CA ASN B 605 23.07 27.15 -25.79
C ASN B 605 22.11 27.71 -26.82
N PRO B 606 22.51 27.77 -28.12
CA PRO B 606 21.64 28.28 -29.17
C PRO B 606 20.67 27.21 -29.67
N PRO B 607 19.60 27.57 -30.41
CA PRO B 607 19.29 28.96 -30.78
C PRO B 607 18.31 29.67 -29.84
N PHE B 608 17.88 29.01 -28.75
CA PHE B 608 16.85 29.55 -27.83
C PHE B 608 17.41 30.01 -26.48
N ARG B 609 18.73 30.09 -26.30
CA ARG B 609 19.36 30.56 -25.02
C ARG B 609 18.87 29.68 -23.87
N VAL B 610 18.78 28.38 -24.09
CA VAL B 610 18.59 27.43 -22.96
C VAL B 610 19.85 27.39 -22.10
N ILE B 611 19.73 26.99 -20.83
CA ILE B 611 20.80 27.06 -19.81
C ILE B 611 21.40 25.67 -19.60
N SER B 612 22.72 25.53 -19.78
CA SER B 612 23.47 24.31 -19.42
C SER B 612 23.91 24.41 -17.96
N GLU B 613 24.31 23.27 -17.38
CA GLU B 613 24.71 23.13 -15.96
C GLU B 613 25.96 23.97 -15.66
N CYS B 614 26.95 23.92 -16.54
CA CYS B 614 28.26 24.57 -16.32
C CYS B 614 28.56 25.54 -17.45
N LYS B 615 29.54 26.40 -17.22
CA LYS B 615 30.01 27.35 -18.25
C LYS B 615 30.50 26.55 -19.45
N GLY B 616 29.99 26.95 -20.63
CA GLY B 616 30.30 26.32 -21.93
C GLY B 616 29.76 24.91 -22.04
N GLY B 617 28.84 24.53 -21.14
CA GLY B 617 28.28 23.17 -21.12
C GLY B 617 27.30 22.96 -22.27
N THR B 618 26.89 21.71 -22.49
CA THR B 618 25.99 21.32 -23.61
C THR B 618 24.95 20.33 -23.09
N ASN B 619 24.44 20.55 -21.89
CA ASN B 619 23.44 19.61 -21.28
C ASN B 619 22.24 20.37 -20.73
N PRO B 620 21.57 21.24 -21.53
CA PRO B 620 20.41 21.98 -21.05
C PRO B 620 19.24 21.01 -20.83
N TYR B 621 18.21 21.42 -20.09
CA TYR B 621 18.00 22.71 -19.47
C TYR B 621 18.17 22.56 -17.96
N PHE B 622 19.10 23.29 -17.36
CA PHE B 622 19.47 23.19 -15.93
C PHE B 622 18.54 24.14 -15.16
N SER B 623 17.35 23.66 -14.81
N SER B 623 17.36 23.61 -14.86
CA SER B 623 16.32 24.49 -14.13
CA SER B 623 16.26 24.28 -14.11
C SER B 623 16.77 24.84 -12.72
C SER B 623 16.79 24.81 -12.77
N THR B 624 17.66 24.06 -12.12
CA THR B 624 18.32 24.48 -10.85
C THR B 624 18.98 25.85 -11.02
N GLY B 625 19.69 26.04 -12.13
CA GLY B 625 20.40 27.30 -12.43
C GLY B 625 19.41 28.46 -12.54
N ALA B 626 18.32 28.24 -13.29
CA ALA B 626 17.22 29.21 -13.42
C ALA B 626 16.64 29.57 -12.06
N GLY B 627 16.41 28.59 -11.19
CA GLY B 627 15.87 28.85 -9.84
C GLY B 627 16.77 29.78 -9.06
N GLY B 628 18.07 29.49 -9.07
CA GLY B 628 19.06 30.34 -8.39
C GLY B 628 19.04 31.77 -8.93
N VAL B 629 19.04 31.93 -10.25
CA VAL B 629 19.03 33.30 -10.86
C VAL B 629 17.72 34.00 -10.51
N LEU B 630 16.57 33.29 -10.48
CA LEU B 630 15.30 33.95 -10.10
C LEU B 630 15.40 34.45 -8.65
N GLN B 631 16.10 33.73 -7.77
CA GLN B 631 16.34 34.24 -6.39
C GLN B 631 17.19 35.51 -6.44
N ALA B 632 18.26 35.55 -7.25
CA ALA B 632 19.09 36.78 -7.39
C ALA B 632 18.18 37.95 -7.79
N VAL B 633 17.19 37.71 -8.65
CA VAL B 633 16.29 38.79 -9.16
C VAL B 633 15.25 39.16 -8.09
N ILE B 634 14.57 38.18 -7.51
CA ILE B 634 13.39 38.43 -6.62
C ILE B 634 13.89 38.81 -5.23
N MET B 635 14.79 38.01 -4.64
CA MET B 635 15.31 38.20 -3.26
C MET B 635 16.49 39.19 -3.29
N GLY B 636 17.25 39.26 -4.38
CA GLY B 636 18.40 40.19 -4.49
C GLY B 636 17.96 41.55 -4.97
N PHE B 637 17.73 41.70 -6.27
CA PHE B 637 17.40 43.02 -6.88
C PHE B 637 16.07 43.51 -6.32
N GLY B 638 15.12 42.60 -6.08
CA GLY B 638 13.79 42.97 -5.55
C GLY B 638 13.79 43.15 -4.04
N GLY B 639 14.80 42.62 -3.34
CA GLY B 639 14.98 42.74 -1.88
C GLY B 639 13.99 41.90 -1.09
N LEU B 640 13.25 41.01 -1.75
CA LEU B 640 12.15 40.24 -1.08
C LEU B 640 12.77 39.12 -0.24
N ASP B 641 12.17 38.84 0.91
CA ASP B 641 12.79 37.97 1.93
C ASP B 641 11.68 37.23 2.67
N ILE B 642 11.91 35.96 3.00
CA ILE B 642 11.02 35.19 3.92
C ILE B 642 11.38 35.62 5.34
N ASP B 643 10.47 36.36 5.96
CA ASP B 643 10.57 36.90 7.34
C ASP B 643 10.54 35.73 8.32
N ALA B 644 11.57 35.63 9.19
CA ALA B 644 11.69 34.63 10.28
C ALA B 644 10.41 34.61 11.12
N ALA B 645 9.70 35.74 11.23
CA ALA B 645 8.47 35.83 12.04
C ALA B 645 7.23 35.49 11.20
N GLY B 646 7.34 35.23 9.90
CA GLY B 646 6.18 35.02 9.03
C GLY B 646 5.99 36.06 7.93
N GLY B 647 5.58 35.60 6.76
CA GLY B 647 5.22 36.43 5.59
C GLY B 647 6.44 36.85 4.81
N ILE B 648 6.22 37.70 3.82
CA ILE B 648 7.28 38.27 2.94
C ILE B 648 7.55 39.70 3.37
N LYS B 649 8.82 40.04 3.57
CA LYS B 649 9.25 41.43 3.86
C LYS B 649 10.20 41.87 2.75
N GLN B 650 10.52 43.15 2.71
CA GLN B 650 11.45 43.70 1.71
C GLN B 650 12.59 44.39 2.45
N VAL B 651 13.83 43.99 2.16
CA VAL B 651 15.06 44.59 2.75
C VAL B 651 15.67 45.51 1.69
N LYS B 652 16.67 46.29 2.09
CA LYS B 652 17.41 47.19 1.18
C LYS B 652 17.99 46.37 0.03
N SER B 653 17.91 46.91 -1.18
CA SER B 653 18.49 46.34 -2.41
C SER B 653 18.90 47.44 -3.38
N VAL B 654 19.60 47.05 -4.46
CA VAL B 654 19.93 47.93 -5.60
C VAL B 654 19.52 47.22 -6.89
N LEU B 655 19.28 48.00 -7.94
CA LEU B 655 19.09 47.52 -9.33
C LEU B 655 20.39 47.66 -10.09
N PRO B 656 20.62 46.81 -11.12
CA PRO B 656 21.63 47.11 -12.13
C PRO B 656 21.46 48.55 -12.64
N LYS B 657 22.58 49.23 -12.88
CA LYS B 657 22.64 50.61 -13.44
C LYS B 657 21.60 50.80 -14.57
N ASN B 658 21.58 49.83 -15.49
CA ASN B 658 20.88 49.90 -16.80
C ASN B 658 19.40 49.47 -16.66
N TRP B 659 18.99 49.00 -15.48
CA TRP B 659 17.57 48.67 -15.20
C TRP B 659 16.81 49.90 -14.71
N LYS B 660 15.87 50.41 -15.49
CA LYS B 660 15.05 51.61 -15.15
C LYS B 660 13.95 51.23 -14.16
N LYS B 661 13.41 50.02 -14.24
CA LYS B 661 12.31 49.60 -13.33
C LYS B 661 12.28 48.08 -13.25
N LEU B 662 12.09 47.56 -12.05
CA LEU B 662 11.85 46.12 -11.80
C LEU B 662 10.48 45.99 -11.14
N THR B 663 9.56 45.22 -11.75
CA THR B 663 8.18 45.03 -11.27
C THR B 663 7.93 43.53 -11.08
N ILE B 664 7.67 43.12 -9.83
CA ILE B 664 7.42 41.70 -9.48
C ILE B 664 5.97 41.59 -9.00
N THR B 665 5.15 40.76 -9.64
CA THR B 665 3.70 40.64 -9.36
C THR B 665 3.40 39.27 -8.74
N GLY B 666 2.29 39.20 -7.99
CA GLY B 666 1.71 37.96 -7.47
C GLY B 666 2.53 37.39 -6.31
N ILE B 667 3.15 38.23 -5.49
CA ILE B 667 4.06 37.78 -4.40
C ILE B 667 3.27 37.50 -3.11
N GLY B 668 3.48 36.32 -2.53
CA GLY B 668 2.90 35.93 -1.23
C GLY B 668 1.43 35.60 -1.34
N ILE B 669 0.80 35.22 -0.24
CA ILE B 669 -0.63 34.82 -0.24
C ILE B 669 -1.51 36.05 -0.50
N GLU B 670 -1.00 37.27 -0.28
CA GLU B 670 -1.74 38.53 -0.59
C GLU B 670 -1.52 38.98 -2.04
N LYS B 671 -0.66 38.30 -2.80
CA LYS B 671 -0.46 38.57 -4.25
C LYS B 671 -0.07 40.03 -4.43
N LYS B 672 0.97 40.46 -3.72
CA LYS B 672 1.48 41.87 -3.72
C LYS B 672 2.31 42.12 -4.98
N THR B 673 2.22 43.34 -5.49
CA THR B 673 3.14 43.85 -6.53
C THR B 673 4.20 44.73 -5.86
N PHE B 674 5.47 44.53 -6.23
CA PHE B 674 6.63 45.35 -5.79
C PHE B 674 7.23 46.01 -7.02
N VAL B 675 7.39 47.33 -6.97
CA VAL B 675 8.06 48.14 -8.02
C VAL B 675 9.32 48.76 -7.40
N LEU B 676 10.47 48.51 -8.02
CA LEU B 676 11.77 49.07 -7.63
C LEU B 676 12.29 49.96 -8.77
N THR B 677 12.89 51.09 -8.42
CA THR B 677 13.56 52.02 -9.36
C THR B 677 14.86 52.48 -8.72
N HIS B 678 15.70 53.19 -9.47
CA HIS B 678 16.85 53.95 -8.91
C HIS B 678 16.32 55.17 -8.14
N HIS C 20 35.14 -22.80 32.78
CA HIS C 20 34.04 -22.55 31.80
C HIS C 20 32.86 -21.82 32.47
N GLN C 21 33.11 -21.08 33.57
CA GLN C 21 32.09 -20.33 34.34
C GLN C 21 32.42 -18.83 34.33
N ASP C 22 33.03 -18.34 33.25
CA ASP C 22 33.18 -16.89 33.00
C ASP C 22 31.78 -16.30 32.93
N PRO C 23 31.47 -15.22 33.68
CA PRO C 23 30.12 -14.66 33.69
C PRO C 23 29.75 -13.90 32.41
N TRP C 24 30.73 -13.65 31.54
CA TRP C 24 30.52 -12.85 30.29
C TRP C 24 30.86 -13.64 29.03
N LYS C 25 31.52 -14.79 29.13
CA LYS C 25 32.09 -15.49 27.95
C LYS C 25 31.73 -16.97 27.99
N LEU C 26 31.37 -17.50 26.82
CA LEU C 26 31.14 -18.95 26.60
C LEU C 26 32.28 -19.45 25.72
N SER C 27 33.03 -20.44 26.19
CA SER C 27 34.26 -20.93 25.52
C SER C 27 34.11 -22.39 25.15
N ALA C 28 34.69 -22.77 24.02
CA ALA C 28 34.78 -24.15 23.53
C ALA C 28 36.23 -24.43 23.12
N ASP C 29 36.85 -25.43 23.74
CA ASP C 29 38.18 -25.93 23.34
C ASP C 29 37.97 -27.07 22.34
N LYS C 30 38.66 -26.99 21.20
CA LYS C 30 38.68 -28.07 20.17
C LYS C 30 37.26 -28.44 19.80
N PRO C 31 36.50 -27.52 19.17
CA PRO C 31 35.17 -27.83 18.68
C PRO C 31 35.10 -29.23 18.04
N ASP C 32 34.15 -30.04 18.49
CA ASP C 32 33.93 -31.43 18.01
C ASP C 32 32.73 -31.42 17.06
N SER C 33 32.97 -31.52 15.75
CA SER C 33 31.91 -31.42 14.70
C SER C 33 30.88 -32.57 14.84
N ASN C 34 31.23 -33.67 15.52
CA ASN C 34 30.30 -34.80 15.76
C ASN C 34 29.30 -34.50 16.88
N ASN C 35 29.51 -33.44 17.67
CA ASN C 35 28.64 -33.09 18.82
C ASN C 35 28.71 -31.59 19.11
N TYR C 36 28.29 -30.77 18.16
CA TYR C 36 28.51 -29.30 18.19
C TYR C 36 27.24 -28.58 17.76
N TYR C 37 26.76 -27.68 18.61
CA TYR C 37 25.61 -26.78 18.33
C TYR C 37 26.14 -25.36 18.39
N GLY C 38 26.19 -24.71 17.23
CA GLY C 38 26.76 -23.37 17.09
C GLY C 38 26.01 -22.34 17.87
N GLU C 39 26.73 -21.28 18.21
CA GLU C 39 26.18 -20.08 18.86
C GLU C 39 25.91 -18.99 17.82
N THR C 40 25.05 -18.07 18.19
CA THR C 40 24.57 -17.03 17.27
C THR C 40 25.12 -15.67 17.73
N VAL C 41 25.52 -14.85 16.76
CA VAL C 41 25.62 -13.39 16.93
C VAL C 41 24.55 -12.77 16.05
N ALA C 42 23.90 -11.77 16.57
CA ALA C 42 22.78 -11.13 15.85
C ALA C 42 22.57 -9.72 16.36
N ASN C 43 21.93 -8.92 15.52
CA ASN C 43 21.60 -7.51 15.81
C ASN C 43 20.09 -7.30 15.67
N GLY C 44 19.28 -8.37 15.72
CA GLY C 44 17.82 -8.30 15.51
C GLY C 44 17.45 -8.30 14.05
N MET C 45 18.41 -8.19 13.14
CA MET C 45 18.14 -8.21 11.68
C MET C 45 18.86 -9.38 11.02
N ILE C 46 20.15 -9.52 11.27
CA ILE C 46 20.93 -10.68 10.76
C ILE C 46 21.36 -11.54 11.93
N GLY C 47 21.19 -12.85 11.79
CA GLY C 47 21.80 -13.82 12.70
C GLY C 47 22.84 -14.64 11.98
N ILE C 48 23.98 -14.84 12.62
CA ILE C 48 25.10 -15.66 12.09
C ILE C 48 25.33 -16.79 13.10
N ILE C 49 25.17 -18.03 12.67
CA ILE C 49 25.32 -19.23 13.55
C ILE C 49 26.68 -19.86 13.26
N SER C 50 27.44 -20.17 14.30
CA SER C 50 28.85 -20.58 14.18
C SER C 50 28.96 -22.00 13.62
N SER C 51 30.10 -22.23 12.99
CA SER C 51 30.53 -23.54 12.46
C SER C 51 31.65 -24.04 13.35
N PRO C 52 31.82 -25.37 13.52
CA PRO C 52 32.99 -25.88 14.21
C PRO C 52 34.24 -25.66 13.34
N GLU C 53 34.08 -25.43 12.04
CA GLU C 53 35.24 -25.23 11.12
C GLU C 53 35.80 -23.82 11.26
N PRO C 54 37.13 -23.67 11.21
CA PRO C 54 37.74 -22.35 11.33
C PRO C 54 37.36 -21.46 10.14
N LEU C 55 37.08 -20.20 10.43
CA LEU C 55 36.88 -19.11 9.44
C LEU C 55 35.67 -19.41 8.54
N LYS C 56 34.70 -20.19 9.05
CA LYS C 56 33.41 -20.43 8.36
C LYS C 56 32.26 -20.17 9.32
N VAL C 57 31.07 -19.99 8.73
CA VAL C 57 29.81 -19.89 9.52
C VAL C 57 28.86 -20.95 8.98
N LYS C 58 28.01 -21.51 9.84
CA LYS C 58 27.11 -22.61 9.46
C LYS C 58 25.90 -22.08 8.70
N GLU C 59 25.29 -21.02 9.19
CA GLU C 59 24.00 -20.53 8.66
C GLU C 59 23.90 -19.04 8.93
N VAL C 60 23.22 -18.34 8.02
CA VAL C 60 22.94 -16.89 8.16
C VAL C 60 21.45 -16.71 7.87
N VAL C 61 20.79 -15.97 8.74
CA VAL C 61 19.31 -15.75 8.64
C VAL C 61 19.07 -14.25 8.64
N LEU C 62 18.25 -13.80 7.71
CA LEU C 62 17.80 -12.39 7.60
C LEU C 62 16.35 -12.30 8.06
N ALA C 63 16.10 -11.47 9.08
CA ALA C 63 14.72 -11.20 9.55
C ALA C 63 13.89 -10.58 8.44
N GLY C 64 12.59 -10.82 8.48
CA GLY C 64 11.64 -10.14 7.60
C GLY C 64 11.62 -10.64 6.19
N THR C 65 12.38 -11.67 5.87
CA THR C 65 12.43 -12.25 4.50
C THR C 65 11.83 -13.65 4.57
N TYR C 66 10.68 -13.82 3.99
CA TYR C 66 9.94 -15.09 4.03
C TYR C 66 9.56 -15.50 2.61
N ASP C 67 9.64 -16.79 2.34
CA ASP C 67 9.11 -17.36 1.10
C ASP C 67 8.73 -18.82 1.36
N ILE C 68 7.98 -19.41 0.45
CA ILE C 68 7.64 -20.86 0.53
C ILE C 68 8.94 -21.65 0.38
N TYR C 69 9.21 -22.53 1.33
CA TYR C 69 10.49 -23.26 1.44
C TYR C 69 10.33 -24.36 2.50
N LYS C 70 10.58 -25.58 2.09
CA LYS C 70 10.63 -26.79 2.94
C LYS C 70 9.44 -26.83 3.88
N ARG C 71 9.70 -26.79 5.18
CA ARG C 71 8.71 -27.22 6.18
C ARG C 71 7.37 -26.51 6.05
N GLY C 72 6.27 -27.28 6.06
CA GLY C 72 4.96 -26.70 6.37
C GLY C 72 4.21 -26.22 5.17
N ARG C 73 4.87 -26.03 4.02
CA ARG C 73 4.24 -25.57 2.76
C ARG C 73 3.74 -24.13 2.93
N VAL C 74 4.29 -23.41 3.89
CA VAL C 74 3.95 -22.01 4.22
C VAL C 74 5.23 -21.16 4.17
N SER C 75 5.07 -19.86 4.32
CA SER C 75 6.22 -18.90 4.36
C SER C 75 7.27 -19.38 5.36
N SER C 76 8.54 -19.10 5.10
CA SER C 76 9.65 -19.47 6.00
C SER C 76 10.79 -18.49 5.85
N PHE C 77 11.55 -18.30 6.90
CA PHE C 77 12.94 -17.85 6.80
C PHE C 77 13.65 -18.79 5.82
N ILE C 78 14.68 -18.20 5.21
CA ILE C 78 15.47 -18.81 4.12
C ILE C 78 16.92 -18.86 4.55
N PRO C 79 17.64 -19.98 4.50
CA PRO C 79 19.09 -19.91 4.73
C PRO C 79 19.71 -18.96 3.70
N ASN C 80 20.59 -18.07 4.17
CA ASN C 80 21.10 -16.97 3.34
C ASN C 80 22.59 -17.18 3.06
N TYR C 81 23.21 -16.24 2.37
CA TYR C 81 24.66 -16.29 2.07
C TYR C 81 25.46 -16.45 3.38
N ASN C 82 26.32 -17.46 3.43
CA ASN C 82 27.33 -17.62 4.50
C ASN C 82 28.47 -16.65 4.14
N LEU C 83 28.23 -15.36 4.34
CA LEU C 83 28.99 -14.31 3.65
C LEU C 83 30.40 -14.15 4.23
N LEU C 84 30.64 -14.66 5.43
CA LEU C 84 31.96 -14.56 6.10
C LEU C 84 32.90 -15.71 5.72
N ASN C 85 32.45 -16.70 4.96
CA ASN C 85 33.29 -17.90 4.69
C ASN C 85 34.60 -17.48 4.03
N MET C 86 35.69 -17.94 4.59
CA MET C 86 37.04 -17.58 4.12
C MET C 86 37.87 -18.87 4.08
N LYS C 87 38.78 -18.93 3.12
CA LYS C 87 39.84 -19.97 3.08
C LYS C 87 41.16 -19.26 3.31
N LEU C 88 41.96 -19.77 4.25
CA LEU C 88 43.29 -19.21 4.57
C LEU C 88 44.34 -20.28 4.25
N ALA C 89 45.39 -19.93 3.51
CA ALA C 89 46.50 -20.85 3.22
C ALA C 89 47.80 -20.17 3.64
N PHE C 90 48.69 -20.98 4.22
CA PHE C 90 50.04 -20.55 4.63
C PHE C 90 51.07 -21.28 3.77
N ASN C 91 51.83 -20.52 2.97
CA ASN C 91 52.79 -21.02 1.96
C ASN C 91 52.10 -22.12 1.12
N GLY C 92 50.90 -21.84 0.60
CA GLY C 92 50.14 -22.73 -0.29
C GLY C 92 49.41 -23.84 0.45
N GLU C 93 49.61 -23.98 1.77
CA GLU C 93 48.96 -25.05 2.57
C GLU C 93 47.67 -24.54 3.19
N SER C 94 46.57 -25.21 2.85
CA SER C 94 45.19 -24.86 3.25
C SER C 94 44.99 -25.10 4.75
N VAL C 95 44.51 -24.10 5.50
CA VAL C 95 44.14 -24.23 6.93
C VAL C 95 42.87 -25.08 7.05
N GLN C 96 42.92 -26.16 7.83
CA GLN C 96 41.79 -27.11 8.05
C GLN C 96 41.72 -27.42 9.54
N THR C 97 40.58 -27.94 10.01
CA THR C 97 40.44 -28.50 11.37
C THR C 97 41.61 -29.43 11.68
N TYR C 98 42.03 -30.24 10.71
CA TYR C 98 42.93 -31.39 10.95
C TYR C 98 44.39 -30.94 11.13
N ASN C 99 44.80 -29.74 10.68
CA ASN C 99 46.23 -29.33 10.67
C ASN C 99 46.46 -28.07 11.53
N ILE C 100 45.49 -27.70 12.36
CA ILE C 100 45.67 -26.60 13.36
C ILE C 100 45.74 -27.22 14.75
N ASN C 101 46.24 -26.48 15.73
CA ASN C 101 46.22 -26.93 17.14
C ASN C 101 45.89 -25.73 18.04
N ASN C 102 45.52 -26.05 19.27
CA ASN C 102 45.15 -25.06 20.30
C ASN C 102 43.95 -24.26 19.78
N TYR C 103 43.06 -24.94 19.05
CA TYR C 103 41.88 -24.28 18.43
C TYR C 103 40.83 -24.08 19.51
N LYS C 104 40.35 -22.84 19.64
CA LYS C 104 39.35 -22.41 20.64
C LYS C 104 38.33 -21.51 19.97
N GLN C 105 37.09 -21.59 20.43
CA GLN C 105 36.05 -20.60 20.06
C GLN C 105 35.49 -19.98 21.34
N GLU C 106 35.08 -18.72 21.25
CA GLU C 106 34.57 -17.96 22.41
C GLU C 106 33.51 -16.98 21.96
N LEU C 107 32.36 -16.98 22.64
CA LEU C 107 31.35 -15.92 22.48
C LEU C 107 31.51 -14.95 23.65
N ASP C 108 31.81 -13.69 23.34
CA ASP C 108 31.81 -12.60 24.34
C ASP C 108 30.39 -12.03 24.36
N MET C 109 29.66 -12.30 25.42
CA MET C 109 28.24 -11.87 25.52
C MET C 109 28.19 -10.36 25.77
N ARG C 110 29.28 -9.71 26.20
CA ARG C 110 29.32 -8.24 26.42
C ARG C 110 29.09 -7.48 25.11
N ASN C 111 29.54 -8.01 23.98
CA ASN C 111 29.48 -7.25 22.70
C ASN C 111 29.17 -8.17 21.53
N GLY C 112 28.64 -9.36 21.80
CA GLY C 112 28.25 -10.29 20.74
C GLY C 112 29.38 -10.56 19.77
N ALA C 113 30.62 -10.65 20.23
CA ALA C 113 31.74 -11.03 19.37
C ALA C 113 31.93 -12.53 19.46
N PHE C 114 31.94 -13.20 18.32
CA PHE C 114 32.35 -14.61 18.22
C PHE C 114 33.80 -14.66 17.75
N THR C 115 34.68 -15.30 18.53
CA THR C 115 36.13 -15.30 18.24
C THR C 115 36.63 -16.74 18.12
N GLY C 116 37.36 -17.02 17.05
CA GLY C 116 38.14 -18.25 16.91
C GLY C 116 39.61 -17.91 17.01
N SER C 117 40.41 -18.85 17.52
CA SER C 117 41.87 -18.67 17.65
C SER C 117 42.52 -20.04 17.49
N PHE C 118 43.64 -20.07 16.79
CA PHE C 118 44.39 -21.34 16.62
C PHE C 118 45.82 -21.03 16.25
N GLN C 119 46.63 -22.08 16.41
CA GLN C 119 48.01 -22.11 15.96
C GLN C 119 48.10 -22.96 14.67
N PHE C 120 48.80 -22.43 13.67
CA PHE C 120 49.13 -23.17 12.44
C PHE C 120 50.61 -23.58 12.48
N LYS C 121 50.82 -24.86 12.83
CA LYS C 121 52.16 -25.51 12.81
C LYS C 121 53.15 -24.59 13.53
N ASP C 122 54.27 -24.28 12.87
CA ASP C 122 55.35 -23.41 13.40
C ASP C 122 55.28 -22.02 12.77
N LEU C 123 54.18 -21.64 12.11
CA LEU C 123 54.22 -20.43 11.24
C LEU C 123 53.55 -19.22 11.92
N ALA C 124 52.30 -19.44 12.44
CA ALA C 124 51.48 -18.27 12.87
C ALA C 124 50.36 -18.68 13.83
N THR C 125 49.97 -17.69 14.63
CA THR C 125 48.75 -17.72 15.45
C THR C 125 47.71 -16.88 14.73
N VAL C 126 46.50 -17.41 14.61
CA VAL C 126 45.39 -16.70 13.93
C VAL C 126 44.30 -16.44 14.96
N THR C 127 43.73 -15.22 14.94
CA THR C 127 42.50 -14.88 15.69
C THR C 127 41.56 -14.22 14.69
N TYR C 128 40.30 -14.61 14.78
CA TYR C 128 39.23 -13.96 13.99
C TYR C 128 38.05 -13.70 14.93
N SER C 129 37.47 -12.51 14.82
CA SER C 129 36.31 -12.04 15.62
C SER C 129 35.28 -11.53 14.61
N TYR C 130 34.03 -11.97 14.72
CA TYR C 130 32.96 -11.43 13.86
C TYR C 130 31.80 -10.95 14.71
N TYR C 131 31.05 -10.04 14.07
CA TYR C 131 30.04 -9.18 14.71
C TYR C 131 28.88 -8.97 13.73
N ALA C 132 27.66 -9.04 14.25
CA ALA C 132 26.47 -8.50 13.55
C ALA C 132 26.33 -7.09 14.07
N LEU C 133 26.76 -6.10 13.30
CA LEU C 133 26.98 -4.74 13.85
C LEU C 133 25.68 -4.22 14.47
N ARG C 134 25.77 -3.74 15.71
CA ARG C 134 24.56 -3.52 16.52
C ARG C 134 23.83 -2.28 15.99
N HIS C 135 24.54 -1.32 15.44
CA HIS C 135 23.96 -0.03 15.00
C HIS C 135 23.57 -0.07 13.51
N LEU C 136 24.09 -1.01 12.72
CA LEU C 136 23.85 -1.11 11.24
C LEU C 136 23.17 -2.45 10.99
N PRO C 137 21.82 -2.46 10.89
CA PRO C 137 21.11 -3.72 10.90
C PRO C 137 21.58 -4.70 9.80
N HIS C 138 21.99 -4.17 8.66
CA HIS C 138 22.33 -4.97 7.47
C HIS C 138 23.84 -5.19 7.29
N CYS C 139 24.67 -4.87 8.28
CA CYS C 139 26.15 -4.92 8.11
C CYS C 139 26.79 -5.88 9.13
N ILE C 140 27.75 -6.64 8.63
CA ILE C 140 28.52 -7.66 9.39
C ILE C 140 30.00 -7.28 9.23
N MET C 141 30.82 -7.63 10.21
CA MET C 141 32.28 -7.44 10.06
C MET C 141 33.00 -8.59 10.74
N MET C 142 34.05 -9.06 10.09
CA MET C 142 35.02 -9.99 10.71
C MET C 142 36.41 -9.34 10.65
N VAL C 143 37.15 -9.43 11.74
CA VAL C 143 38.53 -8.89 11.84
C VAL C 143 39.45 -10.10 12.03
N VAL C 144 40.46 -10.24 11.18
CA VAL C 144 41.42 -11.37 11.19
C VAL C 144 42.79 -10.83 11.59
N ASN C 145 43.44 -11.47 12.56
CA ASN C 145 44.81 -11.10 13.04
C ASN C 145 45.72 -12.30 12.86
N ILE C 146 46.85 -12.08 12.21
CA ILE C 146 47.84 -13.16 11.99
C ILE C 146 49.15 -12.71 12.62
N ASN C 147 49.63 -13.49 13.60
CA ASN C 147 50.86 -13.20 14.35
C ASN C 147 51.85 -14.32 14.04
N THR C 148 52.90 -13.96 13.31
CA THR C 148 53.86 -14.96 12.74
C THR C 148 54.98 -15.28 13.71
N GLN C 149 55.33 -16.56 13.69
CA GLN C 149 56.54 -17.07 14.38
C GLN C 149 57.64 -17.34 13.34
N LYS C 150 57.32 -17.44 12.06
CA LYS C 150 58.29 -17.54 10.95
C LYS C 150 57.79 -16.74 9.75
N ASP C 151 58.69 -16.41 8.82
CA ASP C 151 58.33 -15.83 7.50
C ASP C 151 57.24 -16.72 6.89
N THR C 152 56.22 -16.11 6.34
CA THR C 152 55.18 -16.90 5.65
C THR C 152 54.50 -16.03 4.60
N GLU C 153 53.90 -16.70 3.62
CA GLU C 153 52.99 -16.02 2.68
C GLU C 153 51.58 -16.57 2.93
N ILE C 154 50.63 -15.68 3.17
CA ILE C 154 49.19 -16.08 3.31
C ILE C 154 48.49 -15.88 1.97
N ASN C 155 47.60 -16.82 1.66
CA ASN C 155 46.56 -16.61 0.63
C ASN C 155 45.23 -16.57 1.36
N VAL C 156 44.47 -15.52 1.10
CA VAL C 156 43.15 -15.27 1.73
C VAL C 156 42.10 -15.26 0.62
N GLU C 157 41.07 -16.06 0.80
CA GLU C 157 39.91 -16.08 -0.13
C GLU C 157 38.64 -15.88 0.67
N ASN C 158 37.79 -14.96 0.22
CA ASN C 158 36.40 -14.84 0.72
C ASN C 158 35.47 -15.38 -0.37
N LEU C 159 34.65 -16.35 0.00
CA LEU C 159 33.73 -17.07 -0.92
C LEU C 159 32.32 -16.56 -0.73
N LEU C 160 31.65 -16.24 -1.83
CA LEU C 160 30.18 -16.03 -1.82
C LEU C 160 29.53 -17.18 -2.57
N GLU C 161 29.13 -18.20 -1.82
CA GLU C 161 28.41 -19.38 -2.33
C GLU C 161 26.93 -19.10 -2.22
N THR C 162 26.21 -19.17 -3.34
CA THR C 162 24.75 -19.05 -3.30
C THR C 162 24.22 -20.32 -2.66
N PRO C 163 23.48 -20.22 -1.54
CA PRO C 163 22.91 -21.41 -0.91
C PRO C 163 21.84 -22.00 -1.84
N SER C 164 21.57 -23.29 -1.68
CA SER C 164 20.60 -24.09 -2.49
C SER C 164 19.19 -23.55 -2.29
N SER C 165 18.97 -22.74 -1.25
CA SER C 165 17.67 -22.08 -0.96
C SER C 165 17.36 -20.96 -1.93
N LEU C 166 18.36 -20.44 -2.64
CA LEU C 166 18.22 -19.31 -3.57
C LEU C 166 18.48 -19.75 -5.00
N ASN C 167 18.00 -18.93 -5.93
CA ASN C 167 18.06 -19.27 -7.36
C ASN C 167 18.36 -18.03 -8.21
N ASN C 168 18.73 -18.28 -9.45
CA ASN C 168 18.88 -17.23 -10.47
C ASN C 168 19.90 -16.19 -10.01
N GLN C 169 20.95 -16.67 -9.37
CA GLN C 169 22.02 -15.80 -8.86
C GLN C 169 22.81 -15.14 -9.98
N GLN C 170 23.37 -13.98 -9.64
CA GLN C 170 24.37 -13.29 -10.46
C GLN C 170 25.52 -12.94 -9.54
N ASN C 171 26.73 -13.10 -10.05
CA ASN C 171 28.00 -12.94 -9.29
C ASN C 171 28.80 -11.81 -9.93
N TYR C 172 28.97 -10.71 -9.20
CA TYR C 172 29.62 -9.48 -9.70
C TYR C 172 30.87 -9.15 -8.89
N PHE C 173 31.73 -8.36 -9.49
CA PHE C 173 32.94 -7.85 -8.81
C PHE C 173 33.33 -6.53 -9.44
N GLN C 174 33.64 -5.52 -8.64
CA GLN C 174 34.14 -4.26 -9.24
C GLN C 174 35.01 -3.51 -8.23
N ASN C 175 35.74 -2.56 -8.75
CA ASN C 175 36.56 -1.65 -7.93
C ASN C 175 35.89 -0.29 -7.85
N ILE C 176 35.57 0.14 -6.64
CA ILE C 176 35.15 1.54 -6.34
C ILE C 176 36.41 2.33 -5.98
N THR C 177 36.79 3.31 -6.79
CA THR C 177 38.09 4.01 -6.61
C THR C 177 37.89 5.52 -6.53
N ASN C 178 38.81 6.17 -5.83
CA ASN C 178 39.06 7.64 -5.90
C ASN C 178 40.54 7.80 -5.62
N THR C 179 41.00 9.02 -5.38
CA THR C 179 42.45 9.26 -5.22
C THR C 179 42.94 8.55 -3.93
N HIS C 180 42.04 8.27 -2.98
CA HIS C 180 42.41 7.76 -1.63
C HIS C 180 42.14 6.25 -1.49
N VAL C 181 41.14 5.68 -2.19
CA VAL C 181 40.72 4.27 -1.92
C VAL C 181 40.60 3.45 -3.21
N ASN C 182 40.77 2.16 -3.03
CA ASN C 182 40.28 1.09 -3.94
C ASN C 182 39.50 0.11 -3.06
N ILE C 183 38.18 0.20 -3.16
CA ILE C 183 37.21 -0.68 -2.44
C ILE C 183 36.80 -1.75 -3.42
N PRO C 184 37.32 -2.98 -3.32
CA PRO C 184 36.89 -4.05 -4.21
C PRO C 184 35.63 -4.67 -3.62
N LEU C 185 34.57 -4.71 -4.40
CA LEU C 185 33.26 -5.23 -3.96
C LEU C 185 33.00 -6.56 -4.62
N LEU C 186 32.74 -7.57 -3.80
CA LEU C 186 32.30 -8.91 -4.22
C LEU C 186 30.81 -8.97 -3.94
N THR C 187 29.97 -9.02 -4.99
CA THR C 187 28.52 -8.88 -4.82
C THR C 187 27.84 -10.09 -5.43
N SER C 188 26.81 -10.57 -4.77
CA SER C 188 25.86 -11.54 -5.35
C SER C 188 24.44 -11.06 -5.17
N VAL C 189 23.60 -11.33 -6.15
CA VAL C 189 22.14 -11.05 -6.12
C VAL C 189 21.44 -12.34 -6.46
N ALA C 190 20.41 -12.74 -5.73
CA ALA C 190 19.71 -13.99 -5.99
C ALA C 190 18.28 -13.84 -5.51
N PHE C 191 17.49 -14.87 -5.73
CA PHE C 191 16.04 -14.85 -5.44
C PHE C 191 15.66 -16.00 -4.51
N THR C 192 14.69 -15.76 -3.65
CA THR C 192 14.07 -16.81 -2.83
C THR C 192 13.28 -17.75 -3.74
N PRO C 193 12.89 -18.96 -3.26
CA PRO C 193 12.36 -19.99 -4.14
C PRO C 193 11.27 -19.59 -5.14
N THR C 194 10.29 -18.80 -4.75
CA THR C 194 9.18 -18.46 -5.67
C THR C 194 9.46 -17.15 -6.39
N GLY C 195 10.59 -16.52 -6.11
CA GLY C 195 10.90 -15.21 -6.69
C GLY C 195 10.36 -14.07 -5.85
N ARG C 196 9.76 -14.34 -4.69
CA ARG C 196 9.08 -13.35 -3.80
C ARG C 196 10.05 -12.24 -3.38
N SER C 197 11.32 -12.57 -3.18
N SER C 197 11.29 -12.59 -3.04
CA SER C 197 12.29 -11.64 -2.55
CA SER C 197 12.30 -11.62 -2.54
C SER C 197 13.64 -11.73 -3.27
C SER C 197 13.57 -11.72 -3.38
N LYS C 198 14.18 -10.57 -3.62
CA LYS C 198 15.51 -10.44 -4.19
C LYS C 198 16.46 -10.14 -3.03
N ILE C 199 17.53 -10.92 -2.92
CA ILE C 199 18.57 -10.77 -1.87
C ILE C 199 19.82 -10.25 -2.54
N ALA C 200 20.47 -9.29 -1.93
CA ALA C 200 21.80 -8.81 -2.34
C ALA C 200 22.75 -8.89 -1.16
N VAL C 201 23.98 -9.28 -1.45
CA VAL C 201 25.09 -9.33 -0.49
C VAL C 201 26.28 -8.65 -1.15
N SER C 202 27.01 -7.83 -0.43
CA SER C 202 28.21 -7.16 -0.99
C SER C 202 29.28 -7.09 0.09
N ASN C 203 30.44 -7.64 -0.23
CA ASN C 203 31.57 -7.77 0.72
C ASN C 203 32.78 -6.98 0.21
N THR C 204 33.62 -6.53 1.13
CA THR C 204 34.90 -5.90 0.78
C THR C 204 35.93 -6.29 1.84
N PHE C 205 37.19 -6.26 1.45
CA PHE C 205 38.32 -6.33 2.40
C PHE C 205 38.75 -4.91 2.78
N LEU C 206 38.96 -4.68 4.08
CA LEU C 206 39.49 -3.40 4.59
C LEU C 206 40.90 -3.62 5.13
N PHE C 207 41.84 -2.87 4.57
CA PHE C 207 43.28 -2.96 4.91
C PHE C 207 43.74 -1.71 5.67
N ASP C 208 44.66 -1.93 6.61
CA ASP C 208 45.33 -0.87 7.39
C ASP C 208 46.23 -0.04 6.49
N GLU C 209 46.95 -0.67 5.55
CA GLU C 209 48.16 -0.09 4.90
C GLU C 209 47.82 0.92 3.79
N GLY C 210 46.59 1.03 3.34
CA GLY C 210 46.21 2.09 2.36
C GLY C 210 46.38 1.67 0.90
N LYS C 211 45.87 2.48 -0.01
CA LYS C 211 45.56 2.12 -1.42
C LYS C 211 46.81 1.59 -2.14
N LYS C 212 47.94 2.30 -2.03
CA LYS C 212 49.17 2.01 -2.81
C LYS C 212 49.79 0.67 -2.37
N LEU C 213 49.73 0.34 -1.08
CA LEU C 213 50.42 -0.83 -0.49
C LEU C 213 49.47 -2.02 -0.30
N GLN C 214 48.15 -1.83 -0.37
CA GLN C 214 47.21 -2.94 -0.10
C GLN C 214 47.39 -4.03 -1.17
N PRO C 215 47.11 -5.30 -0.81
CA PRO C 215 47.24 -6.40 -1.75
C PRO C 215 46.28 -6.22 -2.95
N GLU C 216 46.74 -6.64 -4.12
CA GLU C 216 45.85 -6.75 -5.31
C GLU C 216 44.80 -7.83 -5.04
N ILE C 217 43.55 -7.53 -5.40
CA ILE C 217 42.42 -8.46 -5.19
C ILE C 217 42.07 -9.10 -6.53
N LEU C 218 42.14 -10.42 -6.58
CA LEU C 218 41.71 -11.22 -7.74
C LEU C 218 40.27 -11.67 -7.53
N HIS C 219 39.58 -11.88 -8.65
CA HIS C 219 38.19 -12.38 -8.63
C HIS C 219 38.13 -13.65 -9.47
N ARG C 220 37.53 -14.69 -8.93
CA ARG C 220 37.33 -15.97 -9.66
C ARG C 220 35.84 -16.29 -9.69
N MET C 221 35.35 -16.78 -10.82
CA MET C 221 33.94 -17.17 -11.04
C MET C 221 33.91 -18.59 -11.57
N ASN C 222 34.40 -19.55 -10.81
CA ASN C 222 34.69 -20.85 -11.46
C ASN C 222 33.46 -21.77 -11.40
N ASP C 223 32.49 -21.46 -10.55
CA ASP C 223 31.33 -22.35 -10.34
C ASP C 223 30.04 -21.58 -10.64
N ALA C 224 28.93 -22.28 -10.88
CA ALA C 224 27.62 -21.63 -11.13
C ALA C 224 27.16 -20.91 -9.86
N ASP C 225 27.47 -21.47 -8.71
CA ASP C 225 26.91 -21.03 -7.41
C ASP C 225 28.02 -20.51 -6.50
N MET C 226 29.18 -20.14 -7.02
CA MET C 226 30.22 -19.59 -6.12
C MET C 226 31.19 -18.74 -6.92
N HIS C 227 31.50 -17.58 -6.38
CA HIS C 227 32.64 -16.74 -6.81
C HIS C 227 33.38 -16.29 -5.56
N ALA C 228 34.57 -15.76 -5.77
CA ALA C 228 35.43 -15.49 -4.62
C ALA C 228 36.36 -14.35 -4.95
N MET C 229 36.80 -13.63 -3.93
CA MET C 229 37.89 -12.66 -4.10
C MET C 229 39.03 -13.10 -3.21
N SER C 230 40.25 -12.83 -3.66
CA SER C 230 41.42 -13.37 -2.96
C SER C 230 42.61 -12.44 -3.09
N PHE C 231 43.56 -12.64 -2.20
CA PHE C 231 44.85 -11.92 -2.24
C PHE C 231 45.94 -12.77 -1.57
N ASP C 232 47.17 -12.42 -1.90
CA ASP C 232 48.38 -12.96 -1.25
C ASP C 232 48.99 -11.85 -0.40
N LYS C 233 49.67 -12.23 0.69
CA LYS C 233 50.42 -11.26 1.52
C LYS C 233 51.62 -11.96 2.15
N LYS C 234 52.83 -11.45 1.88
CA LYS C 234 54.07 -11.89 2.57
C LYS C 234 54.12 -11.22 3.94
N ILE C 235 54.37 -12.01 5.00
CA ILE C 235 54.50 -11.50 6.38
C ILE C 235 55.81 -12.02 6.95
N LYS C 236 56.70 -11.11 7.31
CA LYS C 236 58.00 -11.51 7.92
C LYS C 236 57.72 -12.09 9.32
N ALA C 237 58.61 -12.95 9.79
CA ALA C 237 58.53 -13.54 11.15
C ALA C 237 58.37 -12.38 12.16
N GLY C 238 57.61 -12.70 13.26
CA GLY C 238 57.49 -11.79 14.42
C GLY C 238 56.71 -10.53 14.09
N LYS C 239 55.84 -10.57 13.10
CA LYS C 239 54.96 -9.43 12.71
C LYS C 239 53.51 -9.82 12.93
N THR C 240 52.67 -8.80 13.14
CA THR C 240 51.19 -8.89 13.12
C THR C 240 50.67 -8.31 11.81
N TYR C 241 49.82 -9.05 11.11
CA TYR C 241 49.08 -8.54 9.95
C TYR C 241 47.60 -8.72 10.26
N SER C 242 46.86 -7.63 10.17
N SER C 242 46.83 -7.64 10.19
CA SER C 242 45.39 -7.63 10.41
CA SER C 242 45.38 -7.65 10.48
C SER C 242 44.68 -7.09 9.17
C SER C 242 44.62 -7.01 9.31
N PHE C 243 43.50 -7.60 8.92
CA PHE C 243 42.58 -7.05 7.90
C PHE C 243 41.17 -7.38 8.35
N ALA C 244 40.21 -6.74 7.71
CA ALA C 244 38.78 -6.96 8.02
C ALA C 244 38.00 -7.33 6.75
N LEU C 245 36.96 -8.11 6.96
CA LEU C 245 35.95 -8.41 5.92
C LEU C 245 34.68 -7.72 6.38
N ILE C 246 34.13 -6.83 5.57
CA ILE C 246 32.82 -6.15 5.82
C ILE C 246 31.82 -6.61 4.78
N GLY C 247 30.64 -7.00 5.25
CA GLY C 247 29.58 -7.44 4.33
C GLY C 247 28.29 -6.77 4.67
N SER C 248 27.48 -6.52 3.64
CA SER C 248 26.09 -6.04 3.80
C SER C 248 25.16 -7.03 3.15
N LEU C 249 24.05 -7.30 3.81
CA LEU C 249 23.07 -8.32 3.37
C LEU C 249 21.68 -7.75 3.54
N ILE C 250 20.91 -7.66 2.46
CA ILE C 250 19.63 -6.92 2.47
C ILE C 250 18.76 -7.48 1.37
N SER C 251 17.46 -7.33 1.49
CA SER C 251 16.50 -7.88 0.52
C SER C 251 15.49 -6.84 0.07
N SER C 252 14.71 -7.21 -0.93
CA SER C 252 13.56 -6.40 -1.40
C SER C 252 12.46 -6.32 -0.34
N ASP C 253 12.52 -7.12 0.72
CA ASP C 253 11.57 -6.95 1.87
C ASP C 253 11.98 -5.73 2.70
N HIS C 254 13.20 -5.26 2.54
CA HIS C 254 13.78 -4.17 3.39
C HIS C 254 13.94 -2.88 2.60
N ILE C 255 14.09 -2.97 1.29
CA ILE C 255 14.46 -1.82 0.43
C ILE C 255 14.07 -2.17 -0.99
N ASN C 256 13.62 -1.22 -1.81
CA ASN C 256 13.15 -1.58 -3.16
C ASN C 256 14.31 -1.99 -4.07
N ASP C 257 15.52 -1.49 -3.83
CA ASP C 257 16.70 -1.74 -4.71
C ASP C 257 17.82 -2.33 -3.86
N PRO C 258 17.72 -3.62 -3.49
CA PRO C 258 18.72 -4.21 -2.61
C PRO C 258 20.10 -4.29 -3.24
N TYR C 259 20.20 -4.49 -4.56
CA TYR C 259 21.51 -4.60 -5.22
C TYR C 259 22.34 -3.33 -4.97
N ASN C 260 21.78 -2.19 -5.31
CA ASN C 260 22.53 -0.91 -5.13
C ASN C 260 22.64 -0.58 -3.63
N GLU C 261 21.63 -0.91 -2.83
CA GLU C 261 21.72 -0.54 -1.39
C GLU C 261 22.83 -1.38 -0.73
N ALA C 262 22.99 -2.64 -1.12
CA ALA C 262 24.03 -3.49 -0.48
C ALA C 262 25.41 -2.92 -0.81
N GLU C 263 25.68 -2.59 -2.06
CA GLU C 263 26.99 -1.98 -2.44
C GLU C 263 27.17 -0.63 -1.73
N ARG C 264 26.13 0.19 -1.71
CA ARG C 264 26.21 1.53 -1.04
C ARG C 264 26.57 1.35 0.43
N LEU C 265 25.94 0.40 1.11
CA LEU C 265 26.19 0.12 2.53
C LEU C 265 27.62 -0.33 2.75
N THR C 266 28.11 -1.24 1.92
CA THR C 266 29.48 -1.75 2.12
C THR C 266 30.50 -0.64 1.87
N ILE C 267 30.28 0.19 0.87
CA ILE C 267 31.13 1.37 0.60
C ILE C 267 31.07 2.29 1.83
N TYR C 268 29.88 2.57 2.32
CA TYR C 268 29.68 3.42 3.52
C TYR C 268 30.52 2.84 4.66
N ALA C 269 30.33 1.56 4.97
CA ALA C 269 30.99 0.92 6.14
C ALA C 269 32.52 0.97 5.93
N ALA C 270 33.02 0.72 4.72
CA ALA C 270 34.46 0.72 4.42
C ALA C 270 35.05 2.11 4.73
N LEU C 271 34.34 3.19 4.40
CA LEU C 271 34.82 4.59 4.57
C LEU C 271 34.50 5.11 5.97
N GLU C 272 33.57 4.50 6.70
CA GLU C 272 33.45 4.72 8.17
C GLU C 272 34.69 4.13 8.85
N GLY C 273 35.07 2.92 8.46
CA GLY C 273 36.28 2.24 8.98
C GLY C 273 36.01 1.42 10.23
N LYS C 274 36.86 0.44 10.47
CA LYS C 274 36.74 -0.59 11.53
C LYS C 274 36.56 0.05 12.91
N SER C 275 37.36 1.07 13.26
CA SER C 275 37.33 1.68 14.61
C SER C 275 35.98 2.32 14.90
N ARG C 276 35.49 3.14 13.98
CA ARG C 276 34.19 3.84 14.13
C ARG C 276 33.08 2.79 14.16
N LEU C 277 33.13 1.78 13.29
CA LEU C 277 32.11 0.68 13.31
C LEU C 277 32.10 -0.03 14.66
N LEU C 278 33.28 -0.46 15.15
CA LEU C 278 33.34 -1.23 16.41
C LEU C 278 32.98 -0.33 17.61
N ASN C 279 33.30 0.95 17.55
CA ASN C 279 33.01 1.89 18.67
C ASN C 279 31.49 2.01 18.79
N ARG C 280 30.78 2.22 17.68
CA ARG C 280 29.30 2.34 17.68
C ARG C 280 28.68 1.01 18.14
N HIS C 281 29.20 -0.12 17.64
CA HIS C 281 28.79 -1.47 18.05
C HIS C 281 28.88 -1.60 19.58
N MET C 282 30.03 -1.25 20.13
CA MET C 282 30.31 -1.36 21.58
C MET C 282 29.36 -0.48 22.38
N GLN C 283 29.16 0.77 21.95
CA GLN C 283 28.27 1.74 22.64
C GLN C 283 26.85 1.15 22.74
N GLU C 284 26.32 0.57 21.67
CA GLU C 284 24.94 0.04 21.71
C GLU C 284 24.87 -1.19 22.61
N TRP C 285 25.88 -2.06 22.59
CA TRP C 285 25.88 -3.25 23.48
C TRP C 285 26.03 -2.80 24.94
N ASN C 286 26.84 -1.80 25.19
CA ASN C 286 27.00 -1.25 26.56
C ASN C 286 25.62 -0.79 27.06
N SER C 287 24.84 -0.12 26.23
CA SER C 287 23.50 0.39 26.59
C SER C 287 22.57 -0.77 26.91
N LEU C 288 22.60 -1.82 26.09
CA LEU C 288 21.73 -2.99 26.36
C LEU C 288 22.05 -3.57 27.74
N TRP C 289 23.33 -3.64 28.09
CA TRP C 289 23.74 -4.32 29.35
C TRP C 289 23.59 -3.40 30.58
N GLN C 290 23.09 -2.16 30.41
CA GLN C 290 22.71 -1.31 31.57
C GLN C 290 21.51 -1.97 32.28
N SER C 291 20.77 -2.84 31.62
CA SER C 291 19.76 -3.73 32.25
C SER C 291 20.33 -5.14 32.33
N ASP C 292 20.52 -5.65 33.54
CA ASP C 292 21.35 -6.85 33.77
C ASP C 292 20.83 -7.58 35.02
N ILE C 293 21.21 -8.85 35.15
CA ILE C 293 20.89 -9.70 36.32
C ILE C 293 22.23 -10.25 36.83
N GLN C 294 22.57 -9.95 38.08
CA GLN C 294 23.82 -10.39 38.76
C GLN C 294 23.41 -11.35 39.88
N VAL C 295 23.97 -12.56 39.87
CA VAL C 295 23.80 -13.60 40.92
C VAL C 295 25.16 -13.83 41.59
N GLU C 296 25.20 -13.68 42.90
CA GLU C 296 26.37 -14.05 43.76
C GLU C 296 26.09 -15.45 44.34
N GLY C 297 27.12 -16.32 44.30
CA GLY C 297 27.10 -17.64 44.94
C GLY C 297 26.76 -18.78 43.99
N ASP C 298 26.64 -18.51 42.69
CA ASP C 298 26.27 -19.55 41.69
C ASP C 298 26.78 -19.12 40.32
N PRO C 299 28.11 -19.24 40.09
CA PRO C 299 28.73 -18.81 38.83
C PRO C 299 28.07 -19.44 37.60
N GLN C 300 27.60 -20.68 37.70
CA GLN C 300 26.96 -21.33 36.51
C GLN C 300 25.62 -20.62 36.23
N ALA C 301 24.78 -20.40 37.24
CA ALA C 301 23.49 -19.68 37.07
C ALA C 301 23.74 -18.28 36.50
N GLN C 302 24.79 -17.59 36.95
CA GLN C 302 25.13 -16.22 36.50
C GLN C 302 25.44 -16.28 34.99
N GLN C 303 26.22 -17.26 34.57
CA GLN C 303 26.56 -17.37 33.13
C GLN C 303 25.29 -17.75 32.34
N ASP C 304 24.51 -18.68 32.85
CA ASP C 304 23.29 -19.18 32.14
C ASP C 304 22.31 -18.02 31.94
N ILE C 305 22.12 -17.20 32.96
CA ILE C 305 21.11 -16.10 32.91
C ILE C 305 21.63 -15.02 31.97
N ARG C 306 22.94 -14.76 31.98
CA ARG C 306 23.59 -13.82 31.01
C ARG C 306 23.36 -14.34 29.58
N SER C 307 23.49 -15.64 29.36
CA SER C 307 23.25 -16.20 28.00
C SER C 307 21.79 -15.95 27.63
N MET C 308 20.85 -16.14 28.55
CA MET C 308 19.42 -15.89 28.23
C MET C 308 19.21 -14.44 27.83
N LEU C 309 19.71 -13.49 28.62
CA LEU C 309 19.60 -12.04 28.32
C LEU C 309 20.29 -11.75 26.98
N TYR C 310 21.47 -12.31 26.76
CA TYR C 310 22.26 -12.08 25.52
C TYR C 310 21.43 -12.47 24.30
N HIS C 311 20.78 -13.64 24.36
CA HIS C 311 20.00 -14.13 23.19
C HIS C 311 18.78 -13.25 22.98
N LEU C 312 18.07 -12.85 24.04
CA LEU C 312 16.88 -11.99 23.82
C LEU C 312 17.33 -10.65 23.24
N TYR C 313 18.43 -10.09 23.74
CA TYR C 313 18.98 -8.80 23.24
C TYR C 313 19.40 -8.93 21.79
N SER C 314 20.00 -10.07 21.42
CA SER C 314 20.50 -10.31 20.05
C SER C 314 19.34 -10.51 19.06
N PHE C 315 18.21 -11.01 19.55
CA PHE C 315 17.07 -11.48 18.71
C PHE C 315 15.95 -10.45 18.69
N THR C 316 16.22 -9.23 19.15
CA THR C 316 15.23 -8.14 19.18
C THR C 316 15.90 -6.84 18.76
N ARG C 317 15.11 -5.80 18.51
CA ARG C 317 15.69 -4.50 18.10
C ARG C 317 14.74 -3.37 18.46
N LYS C 318 15.20 -2.49 19.32
CA LYS C 318 14.42 -1.27 19.65
C LYS C 318 14.15 -0.47 18.38
N SER C 319 13.07 0.31 18.41
CA SER C 319 12.74 1.32 17.37
C SER C 319 12.44 0.63 16.04
N THR C 320 11.81 -0.54 16.09
CA THR C 320 11.39 -1.26 14.88
C THR C 320 9.97 -1.79 15.05
N SER C 321 9.51 -2.54 14.07
CA SER C 321 8.28 -3.35 14.17
C SER C 321 8.62 -4.84 14.02
N LEU C 322 9.82 -5.21 14.46
CA LEU C 322 10.32 -6.60 14.45
C LEU C 322 9.85 -7.33 15.71
N SER C 323 9.54 -8.59 15.52
CA SER C 323 9.19 -9.51 16.62
C SER C 323 9.91 -10.83 16.39
N PRO C 324 10.42 -11.46 17.46
CA PRO C 324 11.19 -12.69 17.30
C PRO C 324 10.30 -13.92 17.09
N SER C 325 10.81 -14.88 16.32
CA SER C 325 10.29 -16.25 16.27
C SER C 325 10.68 -16.97 17.55
N PRO C 326 10.15 -18.20 17.78
CA PRO C 326 10.53 -18.97 18.97
C PRO C 326 12.03 -19.27 19.02
N MET C 327 12.69 -19.25 17.87
CA MET C 327 14.15 -19.51 17.79
C MET C 327 14.92 -18.24 17.41
N GLY C 328 14.29 -17.06 17.47
CA GLY C 328 15.00 -15.81 17.13
C GLY C 328 15.65 -15.90 15.77
N LEU C 329 16.92 -15.49 15.70
CA LEU C 329 17.70 -15.55 14.45
C LEU C 329 18.76 -16.66 14.56
N SER C 330 18.47 -17.73 15.31
CA SER C 330 19.41 -18.86 15.48
C SER C 330 19.24 -19.91 14.39
N GLY C 331 18.33 -19.70 13.46
CA GLY C 331 18.02 -20.70 12.43
C GLY C 331 16.59 -20.59 11.95
N LEU C 332 16.10 -21.66 11.34
N LEU C 332 16.09 -21.68 11.35
CA LEU C 332 14.75 -21.69 10.71
CA LEU C 332 14.77 -21.75 10.69
C LEU C 332 13.71 -22.32 11.64
C LEU C 332 13.70 -22.28 11.64
N GLY C 333 13.95 -22.40 12.95
CA GLY C 333 12.95 -22.98 13.86
C GLY C 333 11.58 -22.33 13.68
N TYR C 334 10.54 -23.16 13.56
CA TYR C 334 9.13 -22.74 13.36
C TYR C 334 9.05 -21.73 12.21
N ASN C 335 9.91 -21.88 11.21
CA ASN C 335 9.83 -21.12 9.93
C ASN C 335 9.99 -19.62 10.17
N GLY C 336 10.52 -19.21 11.33
CA GLY C 336 10.70 -17.77 11.64
C GLY C 336 9.38 -17.08 11.93
N HIS C 337 8.30 -17.84 12.13
CA HIS C 337 6.99 -17.24 12.40
C HIS C 337 6.94 -16.66 13.81
N VAL C 338 6.08 -15.70 14.01
CA VAL C 338 5.80 -15.05 15.31
C VAL C 338 4.55 -15.71 15.88
N PHE C 339 4.65 -16.06 17.15
CA PHE C 339 3.62 -16.76 17.96
C PHE C 339 3.43 -15.97 19.26
N TRP C 340 2.48 -16.43 20.07
CA TRP C 340 2.28 -15.94 21.44
C TRP C 340 3.57 -16.14 22.27
N ASP C 341 4.52 -16.93 21.79
CA ASP C 341 5.89 -16.99 22.32
C ASP C 341 6.45 -15.59 22.53
N THR C 342 6.12 -14.65 21.66
CA THR C 342 6.56 -13.27 21.93
C THR C 342 5.74 -12.69 23.09
N GLU C 343 4.43 -12.53 22.90
CA GLU C 343 3.58 -11.77 23.85
C GLU C 343 3.73 -12.28 25.29
N ILE C 344 3.68 -13.59 25.49
CA ILE C 344 3.59 -14.16 26.87
C ILE C 344 4.97 -14.58 27.38
N TRP C 345 5.93 -14.89 26.51
CA TRP C 345 7.18 -15.55 26.96
C TRP C 345 8.39 -14.60 26.86
N MET C 346 8.64 -13.98 25.70
CA MET C 346 9.83 -13.12 25.52
C MET C 346 9.51 -11.67 25.86
N PHE C 347 8.25 -11.25 25.68
CA PHE C 347 7.85 -9.82 25.86
C PHE C 347 7.99 -9.40 27.32
N PRO C 348 7.44 -10.12 28.34
CA PRO C 348 7.44 -9.59 29.70
C PRO C 348 8.81 -9.24 30.28
N PRO C 349 9.85 -10.10 30.17
CA PRO C 349 11.16 -9.72 30.71
C PRO C 349 11.75 -8.51 29.97
N MET C 350 11.51 -8.42 28.66
CA MET C 350 12.00 -7.27 27.86
C MET C 350 11.25 -6.00 28.27
N LEU C 351 9.94 -6.08 28.53
CA LEU C 351 9.15 -4.90 28.96
C LEU C 351 9.74 -4.31 30.25
N LEU C 352 10.15 -5.17 31.17
CA LEU C 352 10.69 -4.69 32.46
C LEU C 352 12.12 -4.13 32.30
N LEU C 353 12.94 -4.73 31.44
CA LEU C 353 14.38 -4.38 31.33
C LEU C 353 14.58 -3.27 30.29
N HIS C 354 13.79 -3.32 29.21
CA HIS C 354 14.00 -2.45 28.02
C HIS C 354 12.66 -2.24 27.35
N PRO C 355 11.83 -1.34 27.90
CA PRO C 355 10.50 -1.14 27.35
C PRO C 355 10.52 -0.84 25.84
N GLU C 356 11.58 -0.25 25.32
CA GLU C 356 11.66 0.05 23.85
C GLU C 356 11.75 -1.24 23.04
N ILE C 357 12.31 -2.32 23.59
CA ILE C 357 12.27 -3.65 22.91
C ILE C 357 10.82 -4.15 22.88
N ALA C 358 10.13 -4.09 24.01
CA ALA C 358 8.72 -4.54 24.09
C ALA C 358 7.90 -3.69 23.12
N LYS C 359 8.23 -2.40 22.99
CA LYS C 359 7.48 -1.51 22.07
C LYS C 359 7.57 -2.04 20.63
N SER C 360 8.73 -2.48 20.20
CA SER C 360 8.93 -3.06 18.85
C SER C 360 8.07 -4.32 18.70
N MET C 361 8.06 -5.16 19.72
CA MET C 361 7.28 -6.41 19.70
C MET C 361 5.80 -6.12 19.55
N ILE C 362 5.25 -5.16 20.26
CA ILE C 362 3.79 -4.89 20.10
C ILE C 362 3.58 -4.05 18.82
N GLU C 363 4.57 -3.27 18.38
CA GLU C 363 4.46 -2.54 17.08
C GLU C 363 4.24 -3.56 15.95
N TYR C 364 4.93 -4.69 16.00
CA TYR C 364 4.74 -5.78 15.03
C TYR C 364 3.24 -6.10 14.88
N ARG C 365 2.54 -6.25 16.01
CA ARG C 365 1.11 -6.59 15.97
C ARG C 365 0.28 -5.40 15.52
N TYR C 366 0.58 -4.20 16.04
CA TYR C 366 -0.19 -2.99 15.63
C TYR C 366 -0.19 -2.87 14.09
N GLN C 367 0.98 -3.07 13.48
N GLN C 367 0.96 -3.08 13.46
CA GLN C 367 1.19 -2.90 12.01
CA GLN C 367 1.11 -2.86 11.99
C GLN C 367 0.33 -3.94 11.29
C GLN C 367 0.45 -4.02 11.23
N ARG C 368 0.04 -5.07 11.93
CA ARG C 368 -0.68 -6.22 11.35
C ARG C 368 -2.12 -6.28 11.84
N LEU C 369 -2.65 -5.19 12.38
CA LEU C 369 -4.05 -5.21 12.86
C LEU C 369 -5.02 -5.42 11.70
N ASP C 370 -4.78 -4.81 10.55
CA ASP C 370 -5.70 -4.99 9.41
C ASP C 370 -5.72 -6.44 8.96
N ALA C 371 -4.59 -7.14 8.93
CA ALA C 371 -4.58 -8.58 8.57
C ALA C 371 -5.38 -9.39 9.59
N ALA C 372 -5.32 -9.01 10.87
CA ALA C 372 -6.10 -9.69 11.92
C ALA C 372 -7.60 -9.42 11.69
N ARG C 373 -7.96 -8.21 11.28
CA ARG C 373 -9.37 -7.93 10.96
C ARG C 373 -9.81 -8.81 9.77
N LYS C 374 -8.94 -8.96 8.78
CA LYS C 374 -9.28 -9.79 7.61
C LYS C 374 -9.44 -11.24 8.03
N LYS C 375 -8.61 -11.75 8.93
CA LYS C 375 -8.73 -13.15 9.36
C LYS C 375 -10.08 -13.32 10.07
N ALA C 376 -10.42 -12.39 10.97
CA ALA C 376 -11.70 -12.45 11.70
C ALA C 376 -12.85 -12.58 10.71
N ALA C 377 -12.88 -11.73 9.70
CA ALA C 377 -14.00 -11.73 8.73
C ALA C 377 -14.04 -13.08 7.97
N ILE C 378 -12.89 -13.61 7.57
CA ILE C 378 -12.85 -14.89 6.80
C ILE C 378 -13.40 -16.02 7.68
N TYR C 379 -13.14 -15.99 9.00
CA TYR C 379 -13.58 -17.06 9.91
C TYR C 379 -14.90 -16.71 10.62
N GLY C 380 -15.59 -15.66 10.19
CA GLY C 380 -16.98 -15.41 10.62
C GLY C 380 -17.09 -14.68 11.96
N TYR C 381 -16.08 -13.92 12.35
CA TYR C 381 -16.05 -13.16 13.61
C TYR C 381 -15.91 -11.68 13.34
N ASP C 382 -16.03 -10.92 14.42
CA ASP C 382 -15.91 -9.44 14.42
C ASP C 382 -14.49 -9.07 14.84
N GLY C 383 -14.14 -7.81 14.68
CA GLY C 383 -12.90 -7.27 15.25
C GLY C 383 -11.66 -7.86 14.63
N ALA C 384 -10.63 -8.04 15.44
CA ALA C 384 -9.29 -8.52 15.02
C ALA C 384 -9.07 -9.90 15.63
N MET C 385 -8.77 -10.85 14.76
CA MET C 385 -8.44 -12.23 15.15
C MET C 385 -6.99 -12.42 14.75
N PHE C 386 -6.06 -12.28 15.67
CA PHE C 386 -4.64 -12.45 15.35
C PHE C 386 -4.42 -13.90 14.97
N PRO C 387 -3.49 -14.15 14.04
CA PRO C 387 -3.19 -15.52 13.61
C PRO C 387 -2.37 -16.28 14.66
N TRP C 388 -2.51 -17.58 14.65
CA TRP C 388 -1.68 -18.47 15.49
C TRP C 388 -0.22 -18.25 15.11
N GLU C 389 0.07 -18.21 13.81
CA GLU C 389 1.44 -17.93 13.33
C GLU C 389 1.44 -16.78 12.35
N SER C 390 2.32 -15.81 12.58
CA SER C 390 2.42 -14.57 11.79
C SER C 390 3.78 -14.46 11.10
N ALA C 391 3.83 -13.80 9.95
CA ALA C 391 5.10 -13.54 9.26
C ALA C 391 5.06 -12.14 8.66
N ASP C 392 5.20 -12.00 7.34
CA ASP C 392 5.28 -10.64 6.75
C ASP C 392 3.92 -9.92 6.82
N SER C 393 2.86 -10.51 6.32
CA SER C 393 1.57 -9.79 6.09
C SER C 393 0.78 -9.63 7.38
N GLY C 394 0.93 -10.56 8.33
CA GLY C 394 0.05 -10.65 9.51
C GLY C 394 -1.12 -11.58 9.28
N ALA C 395 -1.24 -12.20 8.10
CA ALA C 395 -2.25 -13.25 7.85
C ALA C 395 -1.79 -14.54 8.53
N GLU C 396 -2.70 -15.50 8.59
CA GLU C 396 -2.38 -16.82 9.17
C GLU C 396 -1.33 -17.54 8.31
N GLU C 397 -0.30 -18.05 8.97
CA GLU C 397 0.84 -18.72 8.31
C GLU C 397 1.01 -20.15 8.84
N THR C 398 0.12 -20.64 9.69
CA THR C 398 0.30 -21.98 10.27
C THR C 398 0.17 -23.04 9.19
N PRO C 399 1.07 -24.04 9.14
CA PRO C 399 0.84 -25.17 8.25
C PRO C 399 -0.59 -25.73 8.38
N VAL C 400 -1.23 -26.11 7.29
CA VAL C 400 -2.68 -26.44 7.34
C VAL C 400 -2.88 -27.77 8.07
N ASN C 401 -1.85 -28.63 8.12
CA ASN C 401 -2.01 -29.93 8.84
C ASN C 401 -1.93 -29.74 10.35
N ALA C 402 -1.62 -28.55 10.84
CA ALA C 402 -1.61 -28.23 12.28
C ALA C 402 -2.95 -27.56 12.62
N LEU C 403 -3.80 -28.19 13.43
CA LEU C 403 -5.15 -27.66 13.72
C LEU C 403 -5.07 -26.38 14.54
N THR C 404 -3.91 -26.06 15.11
CA THR C 404 -3.66 -24.81 15.85
C THR C 404 -4.00 -23.61 14.97
N GLY C 405 -3.65 -23.64 13.70
CA GLY C 405 -3.88 -22.47 12.83
C GLY C 405 -5.34 -22.12 12.78
N ALA C 406 -6.20 -23.12 12.68
CA ALA C 406 -7.67 -22.90 12.56
C ALA C 406 -8.31 -22.68 13.94
N PHE C 407 -7.80 -23.31 15.01
CA PHE C 407 -8.57 -23.46 16.27
C PHE C 407 -7.87 -22.98 17.54
N GLU C 408 -6.58 -22.61 17.52
CA GLU C 408 -5.94 -22.17 18.77
C GLU C 408 -6.08 -20.65 18.88
N HIS C 409 -7.14 -20.19 19.48
CA HIS C 409 -7.60 -18.80 19.39
C HIS C 409 -7.02 -17.91 20.48
N HIS C 410 -6.41 -18.46 21.52
CA HIS C 410 -6.01 -17.60 22.66
C HIS C 410 -4.99 -16.52 22.24
N VAL C 411 -4.29 -16.71 21.11
CA VAL C 411 -3.28 -15.72 20.63
C VAL C 411 -3.90 -14.31 20.59
N THR C 412 -5.18 -14.18 20.25
CA THR C 412 -5.81 -12.84 20.17
C THR C 412 -5.79 -12.18 21.55
N GLY C 413 -6.15 -12.95 22.59
CA GLY C 413 -6.12 -12.41 23.95
C GLY C 413 -4.68 -12.17 24.40
N ASP C 414 -3.74 -13.01 23.98
CA ASP C 414 -2.31 -12.82 24.35
C ASP C 414 -1.80 -11.47 23.80
N VAL C 415 -2.16 -11.12 22.59
CA VAL C 415 -1.77 -9.81 22.01
C VAL C 415 -2.38 -8.65 22.84
N ALA C 416 -3.66 -8.75 23.17
CA ALA C 416 -4.35 -7.77 24.02
C ALA C 416 -3.64 -7.60 25.37
N ILE C 417 -3.27 -8.69 26.01
CA ILE C 417 -2.64 -8.65 27.35
C ILE C 417 -1.30 -7.92 27.23
N ALA C 418 -0.48 -8.26 26.25
CA ALA C 418 0.81 -7.56 26.04
C ALA C 418 0.55 -6.07 25.78
N ALA C 419 -0.44 -5.70 24.95
CA ALA C 419 -0.71 -4.27 24.66
C ALA C 419 -1.02 -3.51 25.96
N TRP C 420 -1.89 -4.08 26.78
CA TRP C 420 -2.29 -3.43 28.04
C TRP C 420 -1.08 -3.37 28.99
N GLN C 421 -0.29 -4.43 29.09
CA GLN C 421 0.91 -4.43 29.95
C GLN C 421 1.87 -3.33 29.50
N TYR C 422 2.03 -3.11 28.20
CA TYR C 422 2.94 -2.05 27.69
C TYR C 422 2.51 -0.71 28.27
N TYR C 423 1.22 -0.42 28.26
CA TYR C 423 0.66 0.81 28.85
C TYR C 423 0.85 0.80 30.37
N LEU C 424 0.54 -0.30 31.06
CA LEU C 424 0.74 -0.31 32.54
C LEU C 424 2.19 0.04 32.90
N VAL C 425 3.18 -0.46 32.20
CA VAL C 425 4.61 -0.26 32.59
C VAL C 425 5.07 1.15 32.20
N THR C 426 4.69 1.65 31.02
CA THR C 426 5.22 2.92 30.48
C THR C 426 4.35 4.11 30.89
N GLY C 427 3.05 3.91 31.10
CA GLY C 427 2.07 4.99 31.32
C GLY C 427 1.94 5.90 30.11
N ASP C 428 2.29 5.42 28.90
CA ASP C 428 2.26 6.26 27.68
C ASP C 428 0.83 6.34 27.13
N LYS C 429 0.10 7.38 27.50
CA LYS C 429 -1.32 7.53 27.13
C LYS C 429 -1.45 7.88 25.64
N GLU C 430 -0.44 8.53 25.07
CA GLU C 430 -0.41 8.86 23.62
C GLU C 430 -0.33 7.54 22.83
N TRP C 431 0.55 6.64 23.26
CA TRP C 431 0.67 5.29 22.65
C TRP C 431 -0.66 4.54 22.85
N LEU C 432 -1.27 4.66 24.02
CA LEU C 432 -2.52 3.93 24.28
C LEU C 432 -3.58 4.42 23.28
N LYS C 433 -3.71 5.73 23.10
CA LYS C 433 -4.71 6.26 22.15
C LYS C 433 -4.45 5.80 20.71
N GLU C 434 -3.21 5.89 20.26
CA GLU C 434 -2.85 5.68 18.83
C GLU C 434 -2.77 4.18 18.50
N LYS C 435 -2.33 3.33 19.44
CA LYS C 435 -1.94 1.93 19.09
C LYS C 435 -2.58 0.93 20.05
N GLY C 436 -2.49 1.16 21.37
CA GLY C 436 -3.02 0.20 22.34
C GLY C 436 -4.51 0.02 22.18
N TRP C 437 -5.24 1.13 22.16
CA TRP C 437 -6.72 1.05 22.07
C TRP C 437 -7.17 0.42 20.75
N PRO C 438 -6.64 0.79 19.57
CA PRO C 438 -6.99 0.06 18.34
C PRO C 438 -6.90 -1.45 18.53
N ILE C 439 -5.81 -1.94 19.12
CA ILE C 439 -5.63 -3.39 19.40
C ILE C 439 -6.68 -3.88 20.39
N LEU C 440 -6.81 -3.19 21.53
CA LEU C 440 -7.67 -3.69 22.62
C LEU C 440 -9.15 -3.67 22.20
N LYS C 441 -9.57 -2.63 21.49
CA LYS C 441 -10.98 -2.51 21.02
C LYS C 441 -11.26 -3.64 20.02
N ALA C 442 -10.39 -3.82 19.03
CA ALA C 442 -10.66 -4.81 17.96
C ALA C 442 -10.61 -6.23 18.54
N THR C 443 -9.67 -6.52 19.43
CA THR C 443 -9.56 -7.89 20.00
C THR C 443 -10.74 -8.16 20.95
N ALA C 444 -11.21 -7.14 21.66
CA ALA C 444 -12.42 -7.32 22.51
C ALA C 444 -13.64 -7.60 21.64
N GLU C 445 -13.77 -6.89 20.52
CA GLU C 445 -14.89 -7.12 19.57
C GLU C 445 -14.84 -8.56 19.07
N PHE C 446 -13.65 -9.09 18.82
CA PHE C 446 -13.48 -10.49 18.42
C PHE C 446 -14.07 -11.40 19.51
N TRP C 447 -13.63 -11.23 20.76
CA TRP C 447 -14.10 -12.14 21.83
C TRP C 447 -15.60 -12.00 22.02
N ALA C 448 -16.14 -10.79 21.98
CA ALA C 448 -17.59 -10.59 22.14
C ALA C 448 -18.36 -11.38 21.07
N SER C 449 -17.79 -11.55 19.87
CA SER C 449 -18.40 -12.30 18.75
C SER C 449 -18.08 -13.80 18.84
N ARG C 450 -17.07 -14.16 19.62
CA ARG C 450 -16.54 -15.55 19.70
C ARG C 450 -17.27 -16.39 20.76
N VAL C 451 -17.74 -15.73 21.82
CA VAL C 451 -18.41 -16.44 22.94
C VAL C 451 -19.80 -16.86 22.47
N GLU C 452 -20.38 -17.85 23.15
CA GLU C 452 -21.78 -18.29 23.00
C GLU C 452 -22.42 -18.31 24.39
N LYS C 453 -23.52 -17.61 24.56
CA LYS C 453 -24.29 -17.59 25.84
C LYS C 453 -25.10 -18.89 25.91
N ASN C 454 -25.05 -19.59 27.03
CA ASN C 454 -25.84 -20.82 27.24
C ASN C 454 -27.12 -20.47 28.01
N ASP C 455 -27.96 -21.47 28.24
CA ASP C 455 -29.29 -21.36 28.93
C ASP C 455 -29.14 -20.81 30.35
N LYS C 456 -28.02 -21.07 31.02
CA LYS C 456 -27.77 -20.60 32.41
C LYS C 456 -27.25 -19.15 32.41
N GLY C 457 -27.10 -18.52 31.24
CA GLY C 457 -26.59 -17.14 31.11
C GLY C 457 -25.08 -17.08 31.23
N GLU C 458 -24.39 -18.22 31.15
CA GLU C 458 -22.91 -18.27 31.17
C GLU C 458 -22.42 -18.10 29.73
N TYR C 459 -21.17 -17.67 29.57
CA TYR C 459 -20.53 -17.54 28.24
C TYR C 459 -19.50 -18.65 28.08
N GLU C 460 -19.61 -19.33 26.95
CA GLU C 460 -18.72 -20.45 26.57
C GLU C 460 -17.83 -20.02 25.41
N ILE C 461 -16.66 -20.64 25.31
CA ILE C 461 -15.81 -20.56 24.10
C ILE C 461 -15.59 -21.99 23.65
N LYS C 462 -16.35 -22.40 22.64
CA LYS C 462 -16.46 -23.82 22.23
C LYS C 462 -15.51 -24.11 21.07
N ASN C 463 -14.98 -25.32 21.04
CA ASN C 463 -14.26 -25.93 19.90
C ASN C 463 -12.99 -25.11 19.62
N VAL C 464 -12.02 -25.25 20.50
CA VAL C 464 -10.66 -24.67 20.39
C VAL C 464 -9.62 -25.78 20.55
N VAL C 465 -8.39 -25.44 20.19
CA VAL C 465 -7.19 -26.15 20.64
C VAL C 465 -6.70 -25.41 21.88
N ALA C 466 -6.44 -26.14 22.96
CA ALA C 466 -6.00 -25.55 24.24
C ALA C 466 -4.55 -25.07 24.17
N ALA C 467 -4.15 -24.20 25.11
CA ALA C 467 -2.71 -23.92 25.30
C ALA C 467 -1.98 -25.26 25.52
N ASP C 468 -2.59 -26.16 26.28
CA ASP C 468 -2.18 -27.59 26.22
C ASP C 468 -2.59 -28.13 24.86
N GLU C 469 -1.70 -28.05 23.87
CA GLU C 469 -2.13 -28.31 22.47
C GLU C 469 -2.51 -29.78 22.27
N TRP C 470 -2.22 -30.67 23.21
CA TRP C 470 -2.65 -32.08 23.06
C TRP C 470 -4.16 -32.23 23.21
N ALA C 471 -4.82 -31.20 23.73
CA ALA C 471 -6.29 -31.15 23.82
C ALA C 471 -6.79 -30.35 22.63
N GLU C 472 -7.34 -31.05 21.65
CA GLU C 472 -7.79 -30.48 20.36
C GLU C 472 -9.31 -30.54 20.23
N ASN C 473 -9.93 -29.46 19.79
CA ASN C 473 -11.37 -29.40 19.45
C ASN C 473 -12.18 -29.72 20.72
N ILE C 474 -11.81 -29.04 21.80
CA ILE C 474 -12.49 -29.17 23.11
C ILE C 474 -13.12 -27.82 23.48
N ASP C 475 -13.81 -27.75 24.61
CA ASP C 475 -14.63 -26.57 24.97
C ASP C 475 -14.11 -25.95 26.25
N ASN C 476 -14.17 -24.63 26.35
CA ASN C 476 -13.93 -23.88 27.60
C ASN C 476 -12.57 -24.25 28.19
N ASN C 477 -11.54 -24.23 27.37
CA ASN C 477 -10.13 -24.25 27.79
C ASN C 477 -9.91 -23.16 28.84
N ALA C 478 -9.34 -23.53 29.99
CA ALA C 478 -9.02 -22.60 31.09
C ALA C 478 -8.19 -21.43 30.56
N TYR C 479 -7.06 -21.68 29.91
CA TYR C 479 -6.18 -20.56 29.53
C TYR C 479 -6.90 -19.67 28.50
N THR C 480 -7.48 -20.28 27.47
CA THR C 480 -8.19 -19.53 26.42
C THR C 480 -9.26 -18.65 27.07
N ASN C 481 -10.13 -19.26 27.88
CA ASN C 481 -11.22 -18.48 28.51
C ASN C 481 -10.63 -17.37 29.38
N GLY C 482 -9.53 -17.64 30.09
CA GLY C 482 -8.88 -16.61 30.92
C GLY C 482 -8.39 -15.45 30.05
N THR C 483 -7.81 -15.74 28.88
CA THR C 483 -7.27 -14.65 28.02
C THR C 483 -8.43 -13.80 27.51
N ALA C 484 -9.58 -14.42 27.25
CA ALA C 484 -10.77 -13.68 26.74
C ALA C 484 -11.26 -12.75 27.86
N ILE C 485 -11.34 -13.27 29.09
CA ILE C 485 -11.71 -12.45 30.29
C ILE C 485 -10.77 -11.25 30.36
N ARG C 486 -9.47 -11.49 30.38
CA ARG C 486 -8.49 -10.38 30.51
C ARG C 486 -8.62 -9.42 29.33
N ASN C 487 -8.79 -9.93 28.12
CA ASN C 487 -8.86 -9.05 26.94
C ASN C 487 -10.05 -8.10 27.11
N LEU C 488 -11.20 -8.64 27.50
CA LEU C 488 -12.42 -7.83 27.65
C LEU C 488 -12.26 -6.84 28.81
N GLN C 489 -11.69 -7.27 29.91
CA GLN C 489 -11.47 -6.38 31.10
C GLN C 489 -10.51 -5.24 30.74
N TYR C 490 -9.39 -5.57 30.11
CA TYR C 490 -8.31 -4.59 29.83
C TYR C 490 -8.82 -3.60 28.77
N ALA C 491 -9.57 -4.07 27.76
CA ALA C 491 -10.18 -3.17 26.75
C ALA C 491 -11.12 -2.18 27.45
N SER C 492 -11.91 -2.66 28.41
CA SER C 492 -12.86 -1.79 29.16
C SER C 492 -12.06 -0.76 29.97
N LYS C 493 -10.99 -1.18 30.64
CA LYS C 493 -10.14 -0.25 31.42
C LYS C 493 -9.49 0.78 30.49
N CYS C 494 -9.05 0.35 29.32
CA CYS C 494 -8.38 1.23 28.34
C CYS C 494 -9.35 2.33 27.92
N ALA C 495 -10.59 1.95 27.59
CA ALA C 495 -11.64 2.92 27.18
C ALA C 495 -11.75 4.02 28.26
N THR C 496 -11.82 3.61 29.53
CA THR C 496 -11.92 4.54 30.67
C THR C 496 -10.72 5.50 30.68
N VAL C 497 -9.50 5.02 30.52
CA VAL C 497 -8.32 5.92 30.48
C VAL C 497 -8.54 7.01 29.42
N LEU C 498 -9.13 6.63 28.28
CA LEU C 498 -9.28 7.56 27.13
C LEU C 498 -10.63 8.29 27.18
N GLY C 499 -11.42 8.13 28.24
CA GLY C 499 -12.69 8.86 28.39
C GLY C 499 -13.78 8.34 27.47
N VAL C 500 -13.70 7.08 27.10
CA VAL C 500 -14.66 6.41 26.18
C VAL C 500 -15.48 5.44 27.02
N ILE C 501 -16.77 5.28 26.71
CA ILE C 501 -17.70 4.27 27.30
C ILE C 501 -17.51 2.96 26.54
N ALA C 502 -16.85 1.96 27.12
CA ALA C 502 -16.74 0.63 26.47
C ALA C 502 -18.13 0.02 26.37
N PRO C 503 -18.46 -0.78 25.33
CA PRO C 503 -19.71 -1.55 25.32
C PRO C 503 -19.88 -2.29 26.65
N LYS C 504 -21.02 -2.09 27.32
CA LYS C 504 -21.27 -2.72 28.64
C LYS C 504 -21.23 -4.26 28.49
N GLU C 505 -21.49 -4.78 27.30
CA GLU C 505 -21.49 -6.24 27.03
C GLU C 505 -20.11 -6.82 27.33
N TRP C 506 -19.02 -6.06 27.17
CA TRP C 506 -17.66 -6.61 27.37
C TRP C 506 -17.51 -7.05 28.83
N THR C 507 -17.95 -6.23 29.77
CA THR C 507 -17.87 -6.57 31.21
C THR C 507 -18.86 -7.69 31.52
N LEU C 508 -20.09 -7.64 31.01
CA LEU C 508 -21.11 -8.70 31.26
C LEU C 508 -20.57 -10.05 30.80
N ILE C 509 -19.93 -10.08 29.63
CA ILE C 509 -19.34 -11.34 29.11
C ILE C 509 -18.15 -11.73 29.99
N ALA C 510 -17.22 -10.81 30.28
CA ALA C 510 -15.99 -11.13 31.04
C ALA C 510 -16.38 -11.76 32.39
N ASP C 511 -17.43 -11.25 33.01
CA ASP C 511 -17.83 -11.68 34.37
C ASP C 511 -18.49 -13.06 34.36
N LYS C 512 -18.86 -13.60 33.20
CA LYS C 512 -19.67 -14.84 33.13
C LYS C 512 -19.01 -15.88 32.20
N ILE C 513 -17.81 -15.62 31.68
CA ILE C 513 -17.05 -16.66 30.92
C ILE C 513 -16.72 -17.79 31.89
N LEU C 514 -16.95 -19.02 31.46
CA LEU C 514 -16.83 -20.22 32.32
C LEU C 514 -15.37 -20.50 32.66
N ILE C 515 -15.06 -20.61 33.95
CA ILE C 515 -13.81 -21.28 34.43
C ILE C 515 -14.28 -22.26 35.50
N SER C 516 -14.15 -23.55 35.22
CA SER C 516 -14.78 -24.63 36.02
C SER C 516 -13.75 -25.32 36.90
N LYS C 517 -14.21 -25.91 38.00
CA LYS C 517 -13.35 -26.71 38.90
C LYS C 517 -13.81 -28.16 38.85
N MET C 518 -12.89 -29.10 39.04
CA MET C 518 -13.24 -30.52 39.24
C MET C 518 -13.62 -30.74 40.71
N SER C 519 -14.06 -31.95 41.04
CA SER C 519 -14.62 -32.26 42.38
C SER C 519 -13.58 -32.00 43.49
N ASN C 520 -12.29 -32.15 43.20
CA ASN C 520 -11.17 -31.91 44.15
C ASN C 520 -10.82 -30.42 44.28
N GLY C 521 -11.59 -29.54 43.61
CA GLY C 521 -11.43 -28.07 43.72
C GLY C 521 -10.34 -27.55 42.78
N VAL C 522 -9.80 -28.41 41.92
CA VAL C 522 -8.71 -28.05 40.97
C VAL C 522 -9.34 -27.46 39.70
N THR C 523 -8.76 -26.36 39.20
CA THR C 523 -9.17 -25.72 37.94
C THR C 523 -9.13 -26.76 36.83
N ARG C 524 -10.27 -26.97 36.16
CA ARG C 524 -10.40 -27.97 35.08
C ARG C 524 -9.83 -27.40 33.78
N GLU C 525 -8.93 -28.13 33.12
CA GLU C 525 -8.24 -27.56 31.94
C GLU C 525 -9.21 -27.30 30.79
N HIS C 526 -10.20 -28.16 30.58
CA HIS C 526 -11.27 -28.01 29.56
C HIS C 526 -12.41 -28.96 29.89
N ASP C 527 -13.55 -28.86 29.21
CA ASP C 527 -14.79 -29.59 29.58
C ASP C 527 -14.62 -31.11 29.49
N SER C 528 -13.68 -31.62 28.70
CA SER C 528 -13.44 -33.08 28.55
C SER C 528 -12.25 -33.54 29.38
N TYR C 529 -11.72 -32.69 30.26
CA TYR C 529 -10.48 -32.99 31.03
C TYR C 529 -10.83 -33.73 32.32
N THR C 530 -10.11 -34.82 32.59
CA THR C 530 -10.13 -35.54 33.90
C THR C 530 -8.70 -35.63 34.42
N ASP C 531 -7.86 -36.44 33.79
CA ASP C 531 -6.48 -36.65 34.30
C ASP C 531 -5.50 -36.91 33.16
N GLN C 532 -5.78 -36.39 31.95
CA GLN C 532 -4.88 -36.62 30.82
C GLN C 532 -3.52 -35.96 31.11
N ASN C 533 -2.45 -36.56 30.58
CA ASN C 533 -1.16 -35.83 30.45
C ASN C 533 -1.38 -34.60 29.58
N ILE C 534 -0.63 -33.55 29.89
CA ILE C 534 -0.74 -32.25 29.17
C ILE C 534 0.62 -31.86 28.63
N LYS C 535 0.61 -31.10 27.53
CA LYS C 535 1.86 -30.80 26.81
C LYS C 535 2.68 -29.77 27.58
N GLN C 536 1.98 -28.87 28.26
CA GLN C 536 2.57 -27.66 28.83
C GLN C 536 1.53 -26.97 29.73
N ALA C 537 2.02 -25.98 30.49
CA ALA C 537 1.21 -25.17 31.42
C ALA C 537 0.00 -24.61 30.67
N ASP C 538 -1.15 -24.66 31.34
CA ASP C 538 -2.45 -24.20 30.81
C ASP C 538 -3.25 -23.64 31.98
N ALA C 539 -3.85 -24.50 32.81
CA ALA C 539 -4.63 -24.02 33.96
C ALA C 539 -3.71 -23.23 34.91
N ASN C 540 -2.44 -23.61 35.05
CA ASN C 540 -1.51 -22.90 35.97
C ASN C 540 -1.24 -21.48 35.44
N LEU C 541 -1.42 -21.22 34.15
CA LEU C 541 -1.20 -19.85 33.59
C LEU C 541 -2.27 -18.88 34.11
N LEU C 542 -3.40 -19.37 34.62
CA LEU C 542 -4.43 -18.50 35.28
C LEU C 542 -3.87 -17.87 36.54
N ALA C 543 -2.91 -18.52 37.20
CA ALA C 543 -2.22 -17.94 38.37
C ALA C 543 -1.17 -16.95 37.86
N TYR C 544 -0.26 -17.38 36.97
CA TYR C 544 0.73 -16.47 36.37
C TYR C 544 0.89 -16.92 34.93
N PRO C 545 0.79 -16.02 33.91
CA PRO C 545 0.72 -14.57 34.06
C PRO C 545 -0.64 -13.90 34.30
N LEU C 546 -1.77 -14.59 34.13
CA LEU C 546 -3.06 -13.86 34.04
C LEU C 546 -3.42 -13.25 35.40
N LYS C 547 -3.03 -13.90 36.50
CA LYS C 547 -3.38 -13.48 37.88
C LYS C 547 -4.91 -13.43 38.06
N LEU C 548 -5.67 -14.24 37.33
CA LEU C 548 -7.11 -14.50 37.61
C LEU C 548 -7.23 -15.34 38.88
N ILE C 549 -6.24 -16.18 39.17
CA ILE C 549 -6.21 -16.99 40.41
C ILE C 549 -5.13 -16.41 41.32
N THR C 550 -5.56 -15.84 42.45
CA THR C 550 -4.70 -15.13 43.43
C THR C 550 -4.71 -15.89 44.75
N ASP C 551 -5.76 -16.67 45.04
CA ASP C 551 -5.90 -17.42 46.32
C ASP C 551 -4.75 -18.44 46.39
N LYS C 552 -3.85 -18.30 47.36
CA LYS C 552 -2.60 -19.11 47.45
C LYS C 552 -2.91 -20.61 47.60
N GLU C 553 -4.03 -20.97 48.25
CA GLU C 553 -4.42 -22.39 48.38
C GLU C 553 -4.86 -22.94 47.01
N GLN C 554 -5.59 -22.12 46.22
CA GLN C 554 -6.04 -22.54 44.87
C GLN C 554 -4.81 -22.68 43.95
N ILE C 555 -3.89 -21.73 44.02
CA ILE C 555 -2.62 -21.80 43.23
C ILE C 555 -1.94 -23.13 43.51
N GLU C 556 -1.84 -23.49 44.80
CA GLU C 556 -1.07 -24.68 45.24
C GLU C 556 -1.80 -25.98 44.81
N ARG C 557 -3.14 -26.00 44.96
CA ARG C 557 -3.99 -27.17 44.57
C ARG C 557 -3.77 -27.41 43.07
N ASP C 558 -3.70 -26.33 42.30
CA ASP C 558 -3.56 -26.46 40.84
C ASP C 558 -2.15 -26.94 40.49
N LEU C 559 -1.11 -26.42 41.16
CA LEU C 559 0.28 -26.89 40.99
C LEU C 559 0.38 -28.38 41.36
N LYS C 560 -0.21 -28.77 42.49
CA LYS C 560 -0.12 -30.16 42.97
C LYS C 560 -0.71 -31.10 41.91
N TYR C 561 -1.86 -30.76 41.30
CA TYR C 561 -2.58 -31.68 40.39
C TYR C 561 -1.86 -31.76 39.03
N TYR C 562 -1.41 -30.61 38.52
CA TYR C 562 -0.91 -30.53 37.13
C TYR C 562 0.60 -30.73 37.04
N GLN C 563 1.41 -30.53 38.10
CA GLN C 563 2.88 -30.48 37.92
C GLN C 563 3.42 -31.83 37.43
N THR C 564 2.77 -32.95 37.74
CA THR C 564 3.19 -34.29 37.25
C THR C 564 2.48 -34.70 35.97
N LYS C 565 1.69 -33.81 35.35
CA LYS C 565 0.93 -34.13 34.11
C LYS C 565 1.75 -33.87 32.85
N ILE C 566 2.90 -33.19 32.95
CA ILE C 566 3.77 -32.85 31.79
C ILE C 566 4.82 -33.96 31.69
N PRO C 567 4.74 -34.82 30.66
CA PRO C 567 5.77 -35.84 30.45
C PRO C 567 7.19 -35.30 30.29
N GLN C 568 8.20 -36.15 30.49
CA GLN C 568 9.62 -35.78 30.32
C GLN C 568 9.93 -35.55 28.84
N SER C 569 9.36 -36.35 27.93
CA SER C 569 9.70 -36.32 26.48
C SER C 569 8.72 -35.45 25.68
N ASP C 570 9.27 -34.72 24.72
CA ASP C 570 8.50 -34.05 23.63
C ASP C 570 7.57 -32.99 24.23
N THR C 571 8.01 -32.34 25.30
CA THR C 571 7.25 -31.25 25.95
C THR C 571 8.12 -30.01 25.98
N PRO C 572 7.63 -28.88 25.43
CA PRO C 572 8.48 -27.71 25.25
C PRO C 572 8.73 -26.94 26.55
N ALA C 573 9.73 -26.05 26.52
CA ALA C 573 10.17 -25.26 27.68
C ALA C 573 9.22 -24.08 27.90
N MET C 574 7.98 -24.38 28.27
CA MET C 574 6.86 -23.42 28.41
C MET C 574 5.99 -23.85 29.61
N THR C 575 6.64 -24.34 30.68
CA THR C 575 5.93 -24.95 31.83
C THR C 575 6.72 -24.68 33.11
N GLN C 576 7.92 -25.23 33.20
CA GLN C 576 8.62 -25.35 34.50
C GLN C 576 9.02 -23.98 35.03
N ALA C 577 9.26 -23.00 34.16
CA ALA C 577 9.61 -21.63 34.57
C ALA C 577 8.41 -21.01 35.30
N ILE C 578 7.19 -21.34 34.84
CA ILE C 578 5.93 -20.86 35.48
C ILE C 578 5.81 -21.52 36.86
N PHE C 579 6.02 -22.83 36.93
CA PHE C 579 6.03 -23.56 38.22
C PHE C 579 7.03 -22.89 39.16
N SER C 580 8.23 -22.56 38.68
CA SER C 580 9.31 -21.96 39.52
C SER C 580 8.83 -20.61 40.09
N LEU C 581 8.33 -19.77 39.21
CA LEU C 581 7.81 -18.43 39.57
C LEU C 581 6.70 -18.57 40.61
N LEU C 582 5.75 -19.49 40.40
CA LEU C 582 4.58 -19.64 41.31
C LEU C 582 5.08 -20.14 42.67
N TYR C 583 6.04 -21.05 42.70
CA TYR C 583 6.60 -21.54 43.99
C TYR C 583 7.40 -20.42 44.66
N SER C 584 8.14 -19.58 43.94
CA SER C 584 8.81 -18.37 44.51
C SER C 584 7.76 -17.47 45.17
N ARG C 585 6.61 -17.29 44.54
CA ARG C 585 5.54 -16.38 45.03
C ARG C 585 4.90 -17.01 46.27
N LEU C 586 4.88 -18.35 46.35
CA LEU C 586 4.43 -19.11 47.55
C LEU C 586 5.55 -19.20 48.60
N GLU C 587 6.71 -18.59 48.35
CA GLU C 587 7.87 -18.55 49.27
C GLU C 587 8.33 -19.98 49.59
N ASP C 588 8.37 -20.85 48.58
CA ASP C 588 8.88 -22.25 48.66
C ASP C 588 10.17 -22.33 47.83
N SER C 589 11.30 -22.03 48.47
CA SER C 589 12.65 -21.89 47.86
C SER C 589 13.08 -23.19 47.19
N ASP C 590 12.88 -24.34 47.85
CA ASP C 590 13.35 -25.66 47.33
C ASP C 590 12.60 -26.02 46.04
N GLN C 591 11.27 -25.92 46.05
CA GLN C 591 10.43 -26.21 44.86
C GLN C 591 10.69 -25.17 43.77
N ALA C 592 10.83 -23.88 44.12
CA ALA C 592 11.10 -22.83 43.10
C ALA C 592 12.42 -23.16 42.38
N TYR C 593 13.46 -23.53 43.11
CA TYR C 593 14.81 -23.79 42.52
C TYR C 593 14.79 -25.09 41.74
N HIS C 594 14.11 -26.13 42.23
CA HIS C 594 13.94 -27.43 41.51
C HIS C 594 13.41 -27.13 40.09
N TRP C 595 12.33 -26.37 40.02
CA TRP C 595 11.64 -26.13 38.75
C TRP C 595 12.44 -25.16 37.86
N PHE C 596 13.16 -24.19 38.43
CA PHE C 596 14.09 -23.28 37.70
C PHE C 596 15.13 -24.11 36.94
N LYS C 597 15.85 -25.01 37.63
CA LYS C 597 16.84 -25.89 36.97
C LYS C 597 16.15 -26.76 35.92
N ASP C 598 15.00 -27.35 36.25
CA ASP C 598 14.33 -28.32 35.34
C ASP C 598 13.88 -27.60 34.07
N ALA C 599 13.65 -26.30 34.15
CA ALA C 599 13.08 -25.49 33.04
C ALA C 599 14.05 -25.46 31.87
N TYR C 600 15.37 -25.55 32.07
CA TYR C 600 16.32 -25.37 30.94
C TYR C 600 17.56 -26.27 31.00
N GLN C 601 18.00 -26.75 32.17
CA GLN C 601 19.28 -27.51 32.24
C GLN C 601 19.17 -28.84 31.48
N PRO C 602 18.01 -29.54 31.50
CA PRO C 602 17.86 -30.76 30.70
C PRO C 602 17.73 -30.51 29.20
N ASN C 603 17.73 -29.25 28.77
CA ASN C 603 17.48 -28.85 27.36
C ASN C 603 18.77 -28.33 26.72
N LEU C 604 19.90 -28.38 27.41
CA LEU C 604 21.14 -27.70 26.94
C LEU C 604 21.85 -28.55 25.88
N ASN C 605 22.54 -27.88 24.95
CA ASN C 605 23.38 -28.51 23.90
C ASN C 605 24.79 -27.95 23.98
N PRO C 606 25.83 -28.81 23.80
CA PRO C 606 27.21 -28.35 23.85
C PRO C 606 27.67 -27.75 22.52
N PRO C 607 28.79 -27.00 22.50
CA PRO C 607 29.60 -26.73 23.70
C PRO C 607 29.31 -25.42 24.46
N PHE C 608 28.28 -24.65 24.03
CA PHE C 608 28.00 -23.28 24.53
C PHE C 608 26.74 -23.24 25.42
N ARG C 609 26.15 -24.38 25.79
CA ARG C 609 24.95 -24.44 26.66
C ARG C 609 23.82 -23.64 26.00
N VAL C 610 23.66 -23.77 24.70
CA VAL C 610 22.44 -23.27 24.03
C VAL C 610 21.24 -24.13 24.44
N ILE C 611 20.04 -23.58 24.32
CA ILE C 611 18.78 -24.17 24.84
C ILE C 611 17.98 -24.75 23.68
N SER C 612 17.69 -26.04 23.72
CA SER C 612 16.72 -26.71 22.83
C SER C 612 15.28 -26.59 23.36
N GLU C 613 14.31 -26.82 22.47
CA GLU C 613 12.87 -26.68 22.76
C GLU C 613 12.43 -27.63 23.88
N CYS C 614 12.85 -28.89 23.79
CA CYS C 614 12.42 -29.97 24.71
C CYS C 614 13.62 -30.58 25.41
N LYS C 615 13.34 -31.30 26.47
CA LYS C 615 14.36 -32.04 27.24
C LYS C 615 15.10 -32.99 26.29
N GLY C 616 16.43 -32.92 26.25
CA GLY C 616 17.24 -33.78 25.38
C GLY C 616 17.11 -33.43 23.92
N GLY C 617 16.51 -32.29 23.59
CA GLY C 617 16.29 -31.86 22.20
C GLY C 617 17.59 -31.42 21.55
N THR C 618 17.54 -31.21 20.25
CA THR C 618 18.72 -30.84 19.41
C THR C 618 18.30 -29.79 18.38
N ASN C 619 17.50 -28.82 18.78
CA ASN C 619 17.00 -27.75 17.86
C ASN C 619 17.14 -26.37 18.51
N PRO C 620 18.34 -26.00 19.02
CA PRO C 620 18.50 -24.68 19.62
C PRO C 620 18.42 -23.60 18.55
N TYR C 621 18.27 -22.33 18.93
CA TYR C 621 18.15 -21.82 20.29
C TYR C 621 16.70 -21.41 20.56
N PHE C 622 16.08 -22.00 21.56
CA PHE C 622 14.64 -21.79 21.88
C PHE C 622 14.54 -20.56 22.79
N SER C 623 14.51 -19.39 22.16
N SER C 623 14.50 -19.36 22.20
CA SER C 623 14.42 -18.05 22.80
CA SER C 623 14.48 -18.09 22.96
C SER C 623 13.19 -17.96 23.71
C SER C 623 13.17 -17.94 23.75
N THR C 624 12.10 -18.62 23.34
CA THR C 624 10.86 -18.70 24.16
C THR C 624 11.21 -19.26 25.56
N GLY C 625 12.01 -20.31 25.57
CA GLY C 625 12.42 -20.97 26.82
C GLY C 625 13.17 -19.99 27.70
N ALA C 626 14.17 -19.31 27.14
CA ALA C 626 14.95 -18.24 27.82
C ALA C 626 13.98 -17.19 28.39
N GLY C 627 13.01 -16.76 27.59
CA GLY C 627 12.06 -15.75 28.08
C GLY C 627 11.32 -16.22 29.31
N GLY C 628 10.82 -17.44 29.30
CA GLY C 628 10.12 -17.98 30.48
C GLY C 628 11.04 -18.05 31.69
N VAL C 629 12.26 -18.54 31.50
CA VAL C 629 13.21 -18.64 32.64
C VAL C 629 13.52 -17.25 33.19
N LEU C 630 13.71 -16.25 32.32
CA LEU C 630 14.01 -14.88 32.77
C LEU C 630 12.84 -14.36 33.59
N GLN C 631 11.59 -14.73 33.25
CA GLN C 631 10.45 -14.39 34.12
C GLN C 631 10.58 -15.10 35.48
N ALA C 632 10.94 -16.38 35.51
CA ALA C 632 11.14 -17.10 36.79
C ALA C 632 12.16 -16.32 37.63
N VAL C 633 13.20 -15.74 37.04
CA VAL C 633 14.28 -15.01 37.78
C VAL C 633 13.78 -13.62 38.19
N ILE C 634 13.17 -12.87 37.28
CA ILE C 634 12.86 -11.43 37.54
C ILE C 634 11.56 -11.33 38.34
N MET C 635 10.49 -12.00 37.88
CA MET C 635 9.15 -11.95 38.50
C MET C 635 9.02 -12.97 39.64
N GLY C 636 9.79 -14.05 39.60
CA GLY C 636 9.76 -15.08 40.66
C GLY C 636 10.77 -14.77 41.76
N PHE C 637 12.05 -15.04 41.53
CA PHE C 637 13.10 -14.83 42.56
C PHE C 637 13.14 -13.35 42.93
N GLY C 638 12.99 -12.44 41.96
CA GLY C 638 13.08 -10.99 42.19
C GLY C 638 11.77 -10.41 42.70
N GLY C 639 10.67 -11.15 42.59
CA GLY C 639 9.32 -10.76 43.05
C GLY C 639 8.72 -9.59 42.26
N LEU C 640 9.28 -9.26 41.10
CA LEU C 640 8.85 -8.05 40.35
C LEU C 640 7.56 -8.38 39.61
N ASP C 641 6.66 -7.42 39.54
CA ASP C 641 5.28 -7.69 39.07
C ASP C 641 4.76 -6.43 38.37
N ILE C 642 3.99 -6.65 37.31
CA ILE C 642 3.25 -5.55 36.62
C ILE C 642 1.99 -5.27 37.43
N ASP C 643 1.95 -4.11 38.08
CA ASP C 643 0.87 -3.64 38.97
C ASP C 643 -0.35 -3.35 38.10
N ALA C 644 -1.51 -3.94 38.42
CA ALA C 644 -2.80 -3.72 37.71
C ALA C 644 -3.11 -2.23 37.62
N ALA C 645 -2.65 -1.42 38.58
CA ALA C 645 -2.90 0.04 38.63
C ALA C 645 -1.83 0.83 37.88
N GLY C 646 -0.79 0.19 37.35
CA GLY C 646 0.33 0.90 36.71
C GLY C 646 1.66 0.71 37.42
N GLY C 647 2.72 0.53 36.64
CA GLY C 647 4.12 0.51 37.13
C GLY C 647 4.52 -0.87 37.58
N ILE C 648 5.75 -0.98 38.08
CA ILE C 648 6.37 -2.23 38.57
C ILE C 648 6.30 -2.19 40.10
N LYS C 649 5.81 -3.27 40.69
CA LYS C 649 5.80 -3.43 42.18
C LYS C 649 6.59 -4.69 42.52
N GLN C 650 6.90 -4.87 43.79
CA GLN C 650 7.62 -6.06 44.26
C GLN C 650 6.73 -6.81 45.25
N VAL C 651 6.50 -8.09 45.03
CA VAL C 651 5.73 -8.99 45.96
C VAL C 651 6.73 -9.89 46.70
N LYS C 652 6.26 -10.59 47.73
CA LYS C 652 7.09 -11.52 48.50
C LYS C 652 7.68 -12.58 47.57
N SER C 653 8.96 -12.91 47.77
CA SER C 653 9.69 -13.94 47.01
C SER C 653 10.77 -14.60 47.87
N VAL C 654 11.35 -15.69 47.36
CA VAL C 654 12.52 -16.34 48.00
C VAL C 654 13.59 -16.51 46.93
N LEU C 655 14.84 -16.64 47.34
CA LEU C 655 15.99 -17.01 46.49
C LEU C 655 16.29 -18.49 46.68
N PRO C 656 16.93 -19.14 45.69
CA PRO C 656 17.51 -20.46 45.92
C PRO C 656 18.46 -20.35 47.12
N LYS C 657 18.55 -21.44 47.90
CA LYS C 657 19.41 -21.59 49.11
C LYS C 657 20.81 -21.03 48.84
N ASN C 658 21.38 -21.38 47.69
CA ASN C 658 22.81 -21.19 47.32
C ASN C 658 23.04 -19.83 46.67
N TRP C 659 21.99 -19.05 46.41
CA TRP C 659 22.16 -17.67 45.89
C TRP C 659 22.32 -16.70 47.06
N LYS C 660 23.48 -16.07 47.18
CA LYS C 660 23.75 -15.10 48.27
C LYS C 660 23.13 -13.74 47.96
N LYS C 661 23.03 -13.37 46.68
CA LYS C 661 22.46 -12.05 46.30
C LYS C 661 21.97 -12.12 44.86
N LEU C 662 20.82 -11.51 44.61
CA LEU C 662 20.26 -11.33 43.25
C LEU C 662 20.11 -9.82 43.03
N THR C 663 20.78 -9.27 42.03
CA THR C 663 20.70 -7.82 41.69
C THR C 663 20.14 -7.69 40.27
N ILE C 664 19.03 -6.98 40.15
CA ILE C 664 18.37 -6.74 38.83
C ILE C 664 18.39 -5.24 38.57
N THR C 665 18.98 -4.79 37.46
CA THR C 665 19.17 -3.36 37.16
C THR C 665 18.35 -2.94 35.94
N GLY C 666 18.05 -1.65 35.88
CA GLY C 666 17.38 -1.01 34.73
C GLY C 666 15.90 -1.38 34.63
N ILE C 667 15.18 -1.52 35.76
CA ILE C 667 13.77 -2.01 35.77
C ILE C 667 12.80 -0.83 35.68
N GLY C 668 11.83 -0.92 34.76
CA GLY C 668 10.76 0.09 34.65
C GLY C 668 11.28 1.38 34.04
N ILE C 669 10.39 2.36 33.84
CA ILE C 669 10.78 3.64 33.17
C ILE C 669 11.70 4.45 34.08
N GLU C 670 11.70 4.18 35.40
CA GLU C 670 12.60 4.83 36.41
C GLU C 670 13.95 4.11 36.50
N LYS C 671 14.14 2.99 35.79
CA LYS C 671 15.45 2.29 35.70
C LYS C 671 15.92 1.97 37.12
N LYS C 672 15.08 1.27 37.87
CA LYS C 672 15.32 0.95 39.31
C LYS C 672 16.22 -0.28 39.39
N THR C 673 17.08 -0.31 40.40
CA THR C 673 17.84 -1.52 40.79
C THR C 673 17.14 -2.18 41.98
N PHE C 674 16.93 -3.50 41.92
CA PHE C 674 16.40 -4.31 43.04
C PHE C 674 17.50 -5.27 43.51
N VAL C 675 17.77 -5.28 44.82
CA VAL C 675 18.72 -6.24 45.43
C VAL C 675 17.92 -7.14 46.39
N LEU C 676 18.07 -8.44 46.25
CA LEU C 676 17.44 -9.47 47.14
C LEU C 676 18.54 -10.31 47.77
N THR C 677 18.38 -10.61 49.06
CA THR C 677 19.25 -11.50 49.85
C THR C 677 18.36 -12.44 50.67
N HIS C 678 18.96 -13.41 51.36
CA HIS C 678 18.27 -14.24 52.38
C HIS C 678 18.06 -13.44 53.67
C2 BGC D . -28.05 2.42 -17.87
C3 BGC D . -27.22 2.99 -16.73
C4 BGC D . -26.79 1.88 -15.77
C5 BGC D . -26.09 0.77 -16.52
C6 BGC D . -25.80 -0.39 -15.61
C1 BGC D . -27.36 1.21 -18.50
O1 BGC D . -28.35 0.51 -19.26
O2 BGC D . -28.30 3.36 -18.90
O3 BGC D . -27.93 4.04 -16.04
O4 BGC D . -25.85 2.48 -14.83
O5 BGC D . -26.95 0.25 -17.54
O6 BGC D . -26.99 -1.03 -15.12
C2 BGC E . -24.33 1.06 -20.67
C3 BGC E . -23.37 2.04 -20.05
C4 BGC E . -22.05 1.32 -19.78
C5 BGC E . -21.59 0.63 -21.06
C6 BGC E . -20.22 -0.07 -20.92
C1 BGC E . -23.76 0.35 -21.86
O1 BGC E . -24.64 -0.67 -22.27
O2 BGC E . -25.53 1.73 -21.11
O3 BGC E . -23.84 2.59 -18.80
O4 BGC E . -21.10 2.23 -19.29
O5 BGC E . -22.56 -0.33 -21.44
O6 BGC E . -20.21 -1.04 -19.85
C2 BGC F . -26.05 1.73 -24.70
C3 BGC F . -26.08 0.43 -25.47
C4 BGC F . -27.40 -0.32 -25.27
C5 BGC F . -28.60 0.57 -25.55
C6 BGC F . -29.91 -0.06 -25.11
C1 BGC F . -27.30 2.55 -25.03
O1 BGC F . -27.35 3.62 -24.12
O2 BGC F . -24.88 2.48 -25.04
O3 BGC F . -24.96 -0.37 -25.03
O4 BGC F . -27.45 -1.45 -26.16
O5 BGC F . -28.50 1.78 -24.80
O6 BGC F . -30.90 0.95 -25.42
C2 BGC G . -20.81 22.84 -25.80
C3 BGC G . -19.56 23.59 -26.23
C4 BGC G . -18.31 22.72 -26.01
C5 BGC G . -18.51 21.42 -26.78
C6 BGC G . -17.30 20.49 -26.63
C1 BGC G . -20.89 21.50 -26.52
O1 BGC G . -21.97 20.71 -26.08
O2 BGC G . -21.96 23.67 -26.05
O3 BGC G . -19.43 24.78 -25.44
O4 BGC G . -17.14 23.41 -26.45
O5 BGC G . -19.67 20.76 -26.29
O6 BGC G . -17.52 19.35 -27.46
C2 BGC H . 26.11 19.56 -7.49
C3 BGC H . 24.99 19.22 -6.53
C4 BGC H . 23.65 19.09 -7.24
C5 BGC H . 23.79 18.07 -8.36
C6 BGC H . 22.56 18.08 -9.24
C1 BGC H . 26.11 18.59 -8.66
O1 BGC H . 26.86 19.13 -9.75
O2 BGC H . 27.37 19.42 -6.81
O3 BGC H . 24.91 20.24 -5.51
O4 BGC H . 22.72 18.58 -6.28
O5 BGC H . 24.83 18.44 -9.26
O6 BGC H . 22.31 19.28 -9.95
C2 BGC I . 27.01 14.95 -8.76
C3 BGC I . 26.41 14.38 -7.50
C4 BGC I . 25.52 13.18 -7.84
C5 BGC I . 26.35 12.23 -8.70
C6 BGC I . 25.62 10.94 -9.06
C1 BGC I . 27.69 13.94 -9.65
O1 BGC I . 28.06 14.55 -10.87
O2 BGC I . 28.02 15.95 -8.44
O3 BGC I . 25.63 15.34 -6.77
O4 BGC I . 25.10 12.58 -6.65
O5 BGC I . 26.73 12.88 -9.90
O6 BGC I . 24.38 11.27 -9.75
C2 BGC J . 31.40 15.05 -9.35
C3 BGC J . 31.72 14.70 -10.80
C4 BGC J . 31.72 15.94 -11.69
C5 BGC J . 32.61 17.03 -11.08
C6 BGC J . 32.51 18.34 -11.84
C1 BGC J . 32.33 16.16 -8.85
O1 BGC J . 31.90 16.55 -7.55
O2 BGC J . 31.56 13.91 -8.52
O3 BGC J . 30.74 13.73 -11.25
O4 BGC J . 32.17 15.68 -13.03
O5 BGC J . 32.24 17.28 -9.71
O6 BGC J . 33.40 19.31 -11.24
C2 BGC K . 36.71 11.57 11.66
C3 BGC K . 36.84 10.35 12.55
C4 BGC K . 36.04 9.17 12.00
C5 BGC K . 36.44 8.93 10.53
C6 BGC K . 35.58 7.86 9.86
C1 BGC K . 37.04 11.24 10.18
O1 BGC K . 36.67 12.33 9.32
O2 BGC K . 37.58 12.59 12.15
O3 BGC K . 36.36 10.70 13.85
O4 BGC K . 36.26 7.99 12.79
O5 BGC K . 36.27 10.11 9.76
O6 BGC K . 36.10 7.65 8.53
C2 BGC L . -18.98 -28.39 21.12
C3 BGC L . -20.16 -28.35 20.16
C4 BGC L . -19.72 -27.86 18.78
C5 BGC L . -18.59 -28.76 18.31
C6 BGC L . -18.08 -28.32 16.93
C1 BGC L . -17.85 -29.25 20.53
O1 BGC L . -16.66 -29.29 21.33
O2 BGC L . -19.47 -28.91 22.37
O3 BGC L . -21.21 -27.50 20.64
O4 BGC L . -20.82 -27.92 17.88
O5 BGC L . -17.51 -28.73 19.24
O6 BGC L . -17.21 -29.36 16.47
C2 BGC M . 3.74 -25.11 21.73
C3 BGC M . 3.16 -23.72 21.45
C4 BGC M . 4.24 -22.80 20.91
C5 BGC M . 4.89 -23.37 19.65
C6 BGC M . 6.05 -22.55 19.20
C1 BGC M . 4.49 -25.56 20.46
O1 BGC M . 5.30 -26.66 20.91
O2 BGC M . 2.71 -26.04 22.05
O3 BGC M . 2.67 -23.14 22.69
O4 BGC M . 3.68 -21.50 20.54
O5 BGC M . 5.43 -24.67 19.98
O6 BGC M . 7.13 -22.46 20.13
C2 BGC N . 3.22 -26.75 17.21
C3 BGC N . 2.10 -25.79 16.85
C4 BGC N . 2.41 -25.19 15.49
C5 BGC N . 2.59 -26.33 14.52
C6 BGC N . 2.84 -25.88 13.07
C1 BGC N . 3.43 -27.76 16.13
O1 BGC N . 4.58 -28.53 16.41
O2 BGC N . 2.87 -27.49 18.42
O3 BGC N . 1.99 -24.71 17.76
O4 BGC N . 1.31 -24.37 15.07
O5 BGC N . 3.75 -27.07 14.89
O6 BGC N . 3.90 -24.97 12.93
C2 BGC O . 2.33 -31.07 17.95
C3 BGC O . 3.36 -31.96 17.30
C4 BGC O . 4.53 -32.19 18.26
C5 BGC O . 4.07 -32.69 19.63
C6 BGC O . 5.23 -32.68 20.62
C1 BGC O . 1.92 -31.64 19.31
O1 BGC O . 1.03 -30.73 19.95
O2 BGC O . 1.18 -30.97 17.10
O3 BGC O . 3.79 -31.28 16.10
O4 BGC O . 5.45 -33.15 17.69
O5 BGC O . 3.05 -31.82 20.16
O6 BGC O . 4.72 -33.19 21.87
#